data_7XA9
#
_entry.id   7XA9
#
_cell.length_a   1.00
_cell.length_b   1.00
_cell.length_c   1.00
_cell.angle_alpha   90.00
_cell.angle_beta   90.00
_cell.angle_gamma   90.00
#
_symmetry.space_group_name_H-M   'P 1'
#
loop_
_entity.id
_entity.type
_entity.pdbx_description
1 polymer 'Chloride channel protein CLC-a'
2 non-polymer 'NITRATE ION'
3 non-polymer "ADENOSINE-5'-TRIPHOSPHATE"
4 non-polymer 'MAGNESIUM ION'
#
_entity_poly.entity_id   1
_entity_poly.type   'polypeptide(L)'
_entity_poly.pdbx_seq_one_letter_code
;MDEDGNLQISNSNYNGEEEGEDPENNTLNQPLLKRHRTLSSTPLALVGAKVSHIESLDYEINENDLFKHDWRSRSKAQVF
QYIFLKWTLACLVGLFTGLIATLINLAVENIAGYKLLAVGYYIAQDRFWTGLMVFTGANLGLTLVATVLVVYFAPTAAGP
GIPEIKAYLNGIDTPNMFGFTTMMVKIVGSIGAVAAGLDLGKEGPLVHIGSCIASLLGQGGPDNHRIKWRWLRYFNNDRD
RRDLITCGSASGVCAAFRSPVGGVLFALEEVATWWRSALLWRTFFSTAVVVVVLRAFIEICNSGKCGLFGSGGLIMFDVS
HVEVRYHAADIIPVTLIGVFGGILGSLYNHLLHKVLRLYNLINQKGKIHKVLLSLGVSLFTSVCLFGLPFLAECKPCDPS
IDEICPTNGRSGNFKQFNCPNGYYNDLSTLLLTTNDDAVRNIFSSNTPNEFGMVSLWIFFGLYCILGLITFGIATPSGLF
LPIILMGSAYGRMLGTAMGSYTNIDQGLYAVLGAASLMAGSMRMTVSLCVIFLELTNNLLLLPITMFVLLIAKTVGDSFN
LSIYEIILHLKGLPFLEANPEPWMRNLTVGELNDAKPPVVTLNGVEKVANIVDVLRNTTHNAFPVLDGADQNTGTELHGL
ILRAHLVKVLKKRWFLNEKRRTEEWEVREKFTPVELAEREDNFDDVAITSSEMQLYVDLHPLTNTTPYTVVQSMSVAKAL
VLFRSVGLRHLLVVPKIQASGMSPVIGILTRQDLRAYNILQAFPHLDKHKSGKARASGGSLEVLFQGPGGSGGSWSHPQF
EK
;
_entity_poly.pdbx_strand_id   A,B
#
# COMPACT_ATOMS: atom_id res chain seq x y z
N HIS A 53 14.61 28.50 -7.49
CA HIS A 53 13.44 27.90 -8.08
C HIS A 53 13.73 26.51 -8.68
N ILE A 54 13.13 25.47 -8.09
CA ILE A 54 13.29 24.11 -8.57
C ILE A 54 12.04 23.79 -9.33
N GLU A 55 12.19 23.31 -10.54
CA GLU A 55 11.07 23.10 -11.38
C GLU A 55 10.45 21.79 -11.12
N SER A 56 9.21 21.64 -11.51
CA SER A 56 8.49 20.43 -11.31
C SER A 56 8.75 19.52 -12.47
N LEU A 57 8.14 18.37 -12.44
CA LEU A 57 8.42 17.40 -13.43
C LEU A 57 7.21 17.22 -14.27
N ASP A 58 7.38 16.88 -15.53
CA ASP A 58 6.27 16.75 -16.46
C ASP A 58 5.79 15.31 -16.61
N TYR A 59 4.72 14.96 -15.93
CA TYR A 59 4.25 13.62 -15.90
C TYR A 59 2.96 13.52 -16.61
N GLU A 60 2.62 14.53 -17.37
CA GLU A 60 1.35 14.55 -18.03
C GLU A 60 1.56 14.06 -19.40
N ILE A 61 0.52 13.48 -19.97
CA ILE A 61 0.64 12.89 -21.26
C ILE A 61 0.10 13.72 -22.36
N ASN A 62 0.95 14.15 -23.27
CA ASN A 62 0.51 14.75 -24.52
C ASN A 62 -0.07 13.64 -25.38
N GLU A 63 -1.37 13.70 -25.63
CA GLU A 63 -2.09 12.61 -26.28
C GLU A 63 -2.12 12.74 -27.80
N ASN A 64 -1.37 13.69 -28.36
CA ASN A 64 -1.03 13.64 -29.76
C ASN A 64 -0.12 12.46 -30.03
N ASP A 65 -0.30 11.84 -31.19
CA ASP A 65 0.49 10.68 -31.56
C ASP A 65 1.79 11.04 -32.27
N LEU A 66 2.07 12.34 -32.42
CA LEU A 66 3.41 12.80 -32.74
C LEU A 66 4.38 12.53 -31.60
N PHE A 67 3.90 12.65 -30.36
CA PHE A 67 4.75 12.54 -29.19
C PHE A 67 4.96 11.11 -28.72
N LYS A 68 3.92 10.27 -28.87
CA LYS A 68 3.85 8.85 -28.50
C LYS A 68 4.17 8.64 -27.01
N HIS A 69 3.51 9.42 -26.16
CA HIS A 69 3.73 9.32 -24.72
C HIS A 69 3.02 8.11 -24.13
N ASP A 70 1.87 7.73 -24.69
CA ASP A 70 1.19 6.51 -24.30
C ASP A 70 1.93 5.33 -24.92
N TRP A 71 2.37 4.39 -24.08
CA TRP A 71 3.16 3.28 -24.56
C TRP A 71 2.33 2.21 -25.25
N ARG A 72 1.01 2.18 -24.99
CA ARG A 72 0.11 1.24 -25.64
C ARG A 72 -0.32 1.70 -27.03
N SER A 73 -0.03 2.95 -27.40
CA SER A 73 -0.36 3.49 -28.71
C SER A 73 0.78 3.33 -29.70
N ARG A 74 1.80 2.55 -29.37
CA ARG A 74 2.94 2.31 -30.23
C ARG A 74 2.67 1.10 -31.09
N SER A 75 3.71 0.58 -31.75
CA SER A 75 3.59 -0.64 -32.53
C SER A 75 3.54 -1.85 -31.61
N LYS A 76 3.17 -2.99 -32.17
CA LYS A 76 3.06 -4.23 -31.40
C LYS A 76 4.42 -4.80 -31.03
N ALA A 77 5.47 -4.47 -31.78
CA ALA A 77 6.82 -4.75 -31.32
C ALA A 77 7.21 -3.84 -30.17
N GLN A 78 6.85 -2.56 -30.24
CA GLN A 78 7.28 -1.57 -29.26
C GLN A 78 6.51 -1.64 -27.94
N VAL A 79 5.29 -2.16 -27.95
CA VAL A 79 4.60 -2.50 -26.71
C VAL A 79 5.33 -3.66 -26.02
N PHE A 80 5.76 -4.65 -26.81
CA PHE A 80 6.54 -5.76 -26.29
C PHE A 80 7.95 -5.35 -25.90
N GLN A 81 8.53 -4.36 -26.60
CA GLN A 81 9.85 -3.85 -26.25
C GLN A 81 9.81 -3.04 -24.96
N TYR A 82 8.72 -2.29 -24.72
CA TYR A 82 8.56 -1.55 -23.48
C TYR A 82 8.30 -2.48 -22.31
N ILE A 83 7.49 -3.52 -22.50
CA ILE A 83 7.11 -4.44 -21.43
C ILE A 83 8.29 -5.31 -21.01
N PHE A 84 9.06 -5.80 -22.00
CA PHE A 84 10.28 -6.57 -21.75
C PHE A 84 11.35 -5.72 -21.09
N LEU A 85 11.52 -4.47 -21.52
CA LEU A 85 12.59 -3.68 -20.93
C LEU A 85 12.22 -3.08 -19.58
N LYS A 86 10.93 -2.87 -19.27
CA LYS A 86 10.61 -2.41 -17.92
C LYS A 86 10.69 -3.53 -16.90
N TRP A 87 10.47 -4.79 -17.31
CA TRP A 87 10.68 -5.88 -16.36
C TRP A 87 12.14 -6.30 -16.29
N THR A 88 12.91 -6.10 -17.38
CA THR A 88 14.37 -6.27 -17.35
C THR A 88 15.01 -5.22 -16.45
N LEU A 89 14.53 -3.97 -16.53
CA LEU A 89 15.08 -2.91 -15.69
C LEU A 89 14.66 -3.05 -14.24
N ALA A 90 13.50 -3.66 -13.96
CA ALA A 90 13.17 -3.99 -12.57
C ALA A 90 14.02 -5.12 -12.02
N CYS A 91 14.34 -6.11 -12.87
CA CYS A 91 15.27 -7.18 -12.51
C CYS A 91 16.69 -6.65 -12.34
N LEU A 92 17.10 -5.70 -13.18
CA LEU A 92 18.45 -5.15 -13.11
C LEU A 92 18.61 -4.17 -11.96
N VAL A 93 17.53 -3.47 -11.57
CA VAL A 93 17.54 -2.66 -10.36
C VAL A 93 17.68 -3.55 -9.13
N GLY A 94 17.00 -4.70 -9.14
CA GLY A 94 17.13 -5.67 -8.06
C GLY A 94 18.49 -6.34 -7.99
N LEU A 95 19.06 -6.68 -9.14
CA LEU A 95 20.36 -7.33 -9.22
C LEU A 95 21.48 -6.37 -8.86
N PHE A 96 21.40 -5.11 -9.31
CA PHE A 96 22.49 -4.19 -9.02
C PHE A 96 22.42 -3.59 -7.63
N THR A 97 21.22 -3.38 -7.06
CA THR A 97 21.16 -2.92 -5.66
C THR A 97 21.51 -4.06 -4.69
N GLY A 98 21.19 -5.31 -5.05
CA GLY A 98 21.61 -6.43 -4.23
C GLY A 98 23.11 -6.68 -4.29
N LEU A 99 23.73 -6.48 -5.46
CA LEU A 99 25.17 -6.64 -5.59
C LEU A 99 25.95 -5.48 -4.95
N ILE A 100 25.43 -4.26 -5.02
CA ILE A 100 26.12 -3.12 -4.42
C ILE A 100 25.99 -3.16 -2.90
N ALA A 101 24.82 -3.58 -2.38
CA ALA A 101 24.68 -3.77 -0.94
C ALA A 101 25.40 -4.99 -0.41
N THR A 102 25.65 -6.00 -1.26
CA THR A 102 26.61 -7.05 -0.93
C THR A 102 28.00 -6.48 -0.77
N LEU A 103 28.44 -5.64 -1.72
CA LEU A 103 29.78 -5.07 -1.69
C LEU A 103 29.93 -4.01 -0.60
N ILE A 104 28.84 -3.33 -0.25
CA ILE A 104 28.83 -2.36 0.84
C ILE A 104 28.93 -3.07 2.18
N ASN A 105 28.16 -4.16 2.37
CA ASN A 105 28.20 -4.92 3.62
C ASN A 105 29.49 -5.73 3.77
N LEU A 106 30.07 -6.20 2.65
CA LEU A 106 31.36 -6.87 2.66
C LEU A 106 32.49 -5.92 3.04
N ALA A 107 32.47 -4.71 2.49
CA ALA A 107 33.51 -3.74 2.81
C ALA A 107 33.35 -3.16 4.21
N VAL A 108 32.11 -2.98 4.69
CA VAL A 108 31.88 -2.44 6.02
C VAL A 108 32.24 -3.46 7.09
N GLU A 109 31.86 -4.74 6.90
CA GLU A 109 32.18 -5.76 7.89
C GLU A 109 33.65 -6.16 7.87
N ASN A 110 34.34 -6.04 6.73
CA ASN A 110 35.77 -6.33 6.75
C ASN A 110 36.60 -5.18 7.30
N ILE A 111 36.26 -3.91 6.97
CA ILE A 111 37.07 -2.78 7.43
C ILE A 111 36.82 -2.51 8.91
N ALA A 112 35.54 -2.45 9.33
CA ALA A 112 35.24 -2.25 10.74
C ALA A 112 35.48 -3.49 11.59
N GLY A 113 35.44 -4.70 11.01
CA GLY A 113 35.77 -5.88 11.78
C GLY A 113 37.25 -6.03 12.03
N TYR A 114 38.09 -5.73 11.02
CA TYR A 114 39.53 -5.78 11.24
C TYR A 114 40.03 -4.59 12.03
N LYS A 115 39.30 -3.46 12.01
CA LYS A 115 39.62 -2.34 12.91
C LYS A 115 39.32 -2.70 14.35
N LEU A 116 38.16 -3.32 14.62
CA LEU A 116 37.83 -3.73 15.97
C LEU A 116 38.62 -4.96 16.42
N LEU A 117 39.14 -5.76 15.49
CA LEU A 117 40.06 -6.82 15.86
C LEU A 117 41.43 -6.27 16.25
N ALA A 118 41.89 -5.21 15.56
CA ALA A 118 43.15 -4.56 15.94
C ALA A 118 43.01 -3.78 17.24
N VAL A 119 41.83 -3.18 17.45
CA VAL A 119 41.55 -2.43 18.67
C VAL A 119 41.40 -3.37 19.85
N GLY A 120 40.75 -4.52 19.66
CA GLY A 120 40.69 -5.55 20.69
C GLY A 120 41.98 -6.30 20.90
N TYR A 121 42.90 -6.28 19.92
CA TYR A 121 44.24 -6.80 20.14
C TYR A 121 45.04 -5.90 21.06
N TYR A 122 44.90 -4.57 20.91
CA TYR A 122 45.57 -3.68 21.85
C TYR A 122 44.83 -3.58 23.18
N ILE A 123 43.55 -3.95 23.22
CA ILE A 123 42.80 -3.98 24.48
C ILE A 123 43.17 -5.20 25.31
N ALA A 124 43.34 -6.36 24.66
CA ALA A 124 43.66 -7.61 25.36
C ALA A 124 45.09 -7.68 25.86
N GLN A 125 45.98 -6.81 25.37
CA GLN A 125 47.31 -6.66 25.91
C GLN A 125 47.40 -5.63 27.02
N ASP A 126 46.24 -5.10 27.46
CA ASP A 126 46.06 -4.00 28.44
C ASP A 126 46.81 -2.74 28.04
N ARG A 127 46.78 -2.42 26.75
CA ARG A 127 47.33 -1.19 26.21
C ARG A 127 46.14 -0.34 25.76
N PHE A 128 45.53 0.36 26.71
CA PHE A 128 44.30 1.07 26.45
C PHE A 128 44.52 2.44 25.85
N TRP A 129 45.75 2.95 25.85
CA TRP A 129 45.99 4.22 25.20
C TRP A 129 46.28 4.06 23.72
N THR A 130 47.04 3.04 23.32
CA THR A 130 47.31 2.84 21.90
C THR A 130 46.18 2.11 21.18
N GLY A 131 45.21 1.56 21.91
CA GLY A 131 43.99 1.10 21.26
C GLY A 131 43.02 2.23 21.04
N LEU A 132 43.20 3.33 21.76
CA LEU A 132 42.42 4.54 21.50
C LEU A 132 42.93 5.25 20.26
N MET A 133 44.26 5.23 20.02
CA MET A 133 44.84 5.85 18.83
C MET A 133 44.50 5.09 17.55
N VAL A 134 44.41 3.77 17.63
CA VAL A 134 44.04 2.96 16.47
C VAL A 134 42.57 3.15 16.14
N PHE A 135 41.73 3.27 17.18
CA PHE A 135 40.28 3.49 17.01
C PHE A 135 39.97 4.89 16.49
N THR A 136 40.55 5.92 17.13
CA THR A 136 40.34 7.31 16.70
C THR A 136 41.01 7.60 15.35
N GLY A 137 42.16 7.01 15.08
CA GLY A 137 42.85 7.22 13.82
C GLY A 137 42.21 6.54 12.63
N ALA A 138 41.69 5.32 12.80
CA ALA A 138 40.99 4.67 11.70
C ALA A 138 39.62 5.28 11.46
N ASN A 139 38.95 5.75 12.52
CA ASN A 139 37.67 6.43 12.34
C ASN A 139 37.83 7.83 11.75
N LEU A 140 38.92 8.53 12.10
CA LEU A 140 39.19 9.83 11.46
C LEU A 140 39.62 9.66 10.02
N GLY A 141 40.36 8.59 9.70
CA GLY A 141 40.77 8.36 8.33
C GLY A 141 39.65 7.92 7.42
N LEU A 142 38.72 7.11 7.93
CA LEU A 142 37.57 6.71 7.13
C LEU A 142 36.56 7.84 6.97
N THR A 143 36.44 8.72 7.98
CA THR A 143 35.59 9.88 7.82
C THR A 143 36.24 10.95 6.95
N LEU A 144 37.58 10.99 6.90
CA LEU A 144 38.27 11.92 6.00
C LEU A 144 38.12 11.50 4.55
N VAL A 145 38.14 10.19 4.28
CA VAL A 145 37.88 9.62 2.96
C VAL A 145 36.45 9.93 2.50
N ALA A 146 35.46 9.74 3.39
CA ALA A 146 34.06 9.98 3.07
C ALA A 146 33.75 11.47 2.91
N THR A 147 34.45 12.34 3.64
CA THR A 147 34.14 13.76 3.54
C THR A 147 34.85 14.49 2.43
N VAL A 148 36.07 14.10 2.04
CA VAL A 148 36.65 14.76 0.88
C VAL A 148 36.00 14.25 -0.41
N LEU A 149 35.45 13.02 -0.37
CA LEU A 149 34.69 12.54 -1.53
C LEU A 149 33.31 13.19 -1.60
N VAL A 150 32.69 13.53 -0.46
CA VAL A 150 31.40 14.21 -0.52
C VAL A 150 31.59 15.69 -0.86
N VAL A 151 32.39 16.43 -0.08
CA VAL A 151 32.38 17.89 -0.25
C VAL A 151 33.19 18.40 -1.44
N TYR A 152 34.04 17.57 -2.04
CA TYR A 152 34.74 18.04 -3.21
C TYR A 152 34.26 17.42 -4.51
N PHE A 153 33.46 16.36 -4.46
CA PHE A 153 33.09 15.70 -5.70
C PHE A 153 31.60 15.53 -5.92
N ALA A 154 30.83 15.24 -4.87
CA ALA A 154 29.38 15.02 -5.01
C ALA A 154 28.65 15.38 -3.73
N PRO A 155 28.36 16.67 -3.50
CA PRO A 155 27.80 17.10 -2.22
C PRO A 155 26.31 16.82 -2.04
N THR A 156 25.62 16.29 -3.04
CA THR A 156 24.25 15.82 -2.88
C THR A 156 24.19 14.39 -2.37
N ALA A 157 25.33 13.72 -2.20
CA ALA A 157 25.41 12.43 -1.55
C ALA A 157 25.51 12.54 -0.04
N ALA A 158 25.60 13.75 0.51
CA ALA A 158 25.50 13.94 1.95
C ALA A 158 24.08 13.72 2.40
N GLY A 159 23.93 13.12 3.57
CA GLY A 159 22.63 12.84 4.10
C GLY A 159 22.08 11.55 3.52
N PRO A 160 20.78 11.28 3.73
CA PRO A 160 20.23 10.01 3.24
C PRO A 160 19.72 10.02 1.81
N GLY A 161 19.28 11.16 1.30
CA GLY A 161 18.62 11.24 0.01
C GLY A 161 17.12 11.00 0.04
N ILE A 162 16.59 10.46 1.16
CA ILE A 162 15.15 10.18 1.25
C ILE A 162 14.26 11.41 1.31
N PRO A 163 14.63 12.57 1.94
CA PRO A 163 13.85 13.80 1.69
C PRO A 163 13.91 14.37 0.28
N GLU A 164 14.87 13.99 -0.57
CA GLU A 164 14.86 14.43 -1.95
C GLU A 164 14.55 13.31 -2.94
N ILE A 165 14.31 12.09 -2.46
CA ILE A 165 13.61 11.10 -3.28
C ILE A 165 12.11 11.35 -3.18
N LYS A 166 11.64 11.63 -1.96
CA LYS A 166 10.25 12.00 -1.68
C LYS A 166 9.89 13.36 -2.27
N ALA A 167 10.87 14.24 -2.45
CA ALA A 167 10.66 15.42 -3.27
C ALA A 167 10.54 15.06 -4.76
N TYR A 168 11.40 14.15 -5.23
CA TYR A 168 11.44 13.81 -6.66
C TYR A 168 10.25 12.98 -7.08
N LEU A 169 9.73 12.13 -6.21
CA LEU A 169 8.56 11.35 -6.56
C LEU A 169 7.26 12.09 -6.29
N ASN A 170 7.34 13.28 -5.68
CA ASN A 170 6.23 14.23 -5.66
C ASN A 170 6.23 15.13 -6.88
N GLY A 171 7.23 15.04 -7.73
CA GLY A 171 7.29 15.84 -8.92
C GLY A 171 8.04 17.13 -8.76
N ILE A 172 9.10 17.17 -7.98
CA ILE A 172 10.00 18.31 -7.91
C ILE A 172 11.32 17.88 -8.54
N ASP A 173 11.78 18.63 -9.53
CA ASP A 173 12.99 18.28 -10.28
C ASP A 173 14.20 18.66 -9.44
N THR A 174 14.59 17.75 -8.55
CA THR A 174 15.73 17.99 -7.67
C THR A 174 17.02 17.78 -8.46
N PRO A 175 17.87 18.80 -8.60
CA PRO A 175 19.07 18.65 -9.43
C PRO A 175 20.18 17.91 -8.69
N ASN A 176 21.01 17.24 -9.50
CA ASN A 176 22.27 16.55 -9.13
C ASN A 176 22.06 15.41 -8.14
N MET A 177 20.86 14.82 -8.11
CA MET A 177 20.53 13.84 -7.07
C MET A 177 20.86 12.43 -7.52
N PHE A 178 20.47 12.07 -8.74
CA PHE A 178 20.64 10.71 -9.24
C PHE A 178 21.66 10.73 -10.37
N GLY A 179 22.94 10.66 -9.99
CA GLY A 179 24.00 10.64 -10.96
C GLY A 179 24.87 9.41 -10.77
N PHE A 180 25.95 9.31 -11.54
CA PHE A 180 26.89 8.22 -11.34
C PHE A 180 27.94 8.58 -10.29
N THR A 181 28.43 9.82 -10.33
CA THR A 181 29.41 10.26 -9.35
C THR A 181 28.79 10.47 -7.98
N THR A 182 27.49 10.82 -7.92
CA THR A 182 26.74 10.88 -6.68
C THR A 182 26.56 9.49 -6.08
N MET A 183 26.34 8.50 -6.95
CA MET A 183 26.18 7.10 -6.55
C MET A 183 27.47 6.51 -6.02
N MET A 184 28.59 6.77 -6.71
CA MET A 184 29.86 6.18 -6.31
C MET A 184 30.44 6.84 -5.07
N VAL A 185 30.21 8.14 -4.89
CA VAL A 185 30.61 8.82 -3.66
C VAL A 185 29.74 8.35 -2.48
N LYS A 186 28.45 8.04 -2.73
CA LYS A 186 27.61 7.50 -1.67
C LYS A 186 27.95 6.05 -1.32
N ILE A 187 28.45 5.27 -2.30
CA ILE A 187 28.88 3.90 -2.03
C ILE A 187 30.16 3.89 -1.18
N VAL A 188 31.19 4.62 -1.59
CA VAL A 188 32.43 4.62 -0.81
C VAL A 188 32.35 5.54 0.40
N GLY A 189 31.37 6.44 0.47
CA GLY A 189 31.16 7.23 1.67
C GLY A 189 30.36 6.51 2.72
N SER A 190 29.44 5.61 2.32
CA SER A 190 28.84 4.72 3.30
C SER A 190 29.82 3.65 3.74
N ILE A 191 30.71 3.20 2.85
CA ILE A 191 31.78 2.26 3.19
C ILE A 191 32.78 2.91 4.15
N GLY A 192 33.02 4.21 4.00
CA GLY A 192 33.82 4.94 4.97
C GLY A 192 33.11 5.17 6.30
N ALA A 193 31.92 5.76 6.26
CA ALA A 193 31.33 6.29 7.49
C ALA A 193 30.57 5.27 8.33
N VAL A 194 30.16 4.12 7.79
CA VAL A 194 29.64 3.07 8.67
C VAL A 194 30.79 2.31 9.31
N ALA A 195 31.88 2.13 8.58
CA ALA A 195 33.06 1.50 9.17
C ALA A 195 33.89 2.45 10.04
N ALA A 196 33.57 3.74 10.07
CA ALA A 196 34.15 4.69 11.00
C ALA A 196 33.38 4.79 12.31
N GLY A 197 32.51 3.83 12.60
CA GLY A 197 31.85 3.71 13.88
C GLY A 197 30.81 4.76 14.20
N LEU A 198 30.36 5.49 13.18
CA LEU A 198 29.57 6.69 13.42
C LEU A 198 28.12 6.33 13.65
N ASP A 199 27.37 7.28 14.20
CA ASP A 199 25.95 7.06 14.45
C ASP A 199 25.19 7.43 13.19
N LEU A 200 25.21 6.48 12.25
CA LEU A 200 24.52 6.48 10.98
C LEU A 200 24.54 5.04 10.52
N GLY A 201 23.70 4.74 9.52
CA GLY A 201 23.72 3.45 8.89
C GLY A 201 24.05 3.59 7.42
N LYS A 202 23.92 2.47 6.69
CA LYS A 202 24.08 2.42 5.24
C LYS A 202 22.72 2.06 4.78
N GLU A 203 21.75 2.36 5.58
CA GLU A 203 20.38 1.94 5.32
C GLU A 203 19.64 2.94 4.45
N GLY A 204 19.54 4.19 4.91
CA GLY A 204 19.08 5.32 4.11
C GLY A 204 19.92 5.71 2.91
N PRO A 205 21.27 5.71 2.99
CA PRO A 205 22.09 5.80 1.77
C PRO A 205 21.86 4.74 0.71
N LEU A 206 21.42 3.53 1.08
CA LEU A 206 21.11 2.50 0.08
C LEU A 206 19.84 2.83 -0.70
N VAL A 207 18.92 3.59 -0.09
CA VAL A 207 17.72 4.08 -0.78
C VAL A 207 18.09 5.08 -1.86
N HIS A 208 19.04 5.99 -1.54
CA HIS A 208 19.56 6.88 -2.58
C HIS A 208 20.41 6.13 -3.61
N ILE A 209 21.15 5.10 -3.19
CA ILE A 209 22.03 4.34 -4.09
C ILE A 209 21.23 3.48 -5.06
N GLY A 210 20.11 2.91 -4.59
CA GLY A 210 19.24 2.14 -5.46
C GLY A 210 18.44 2.96 -6.43
N SER A 211 18.04 4.17 -6.03
CA SER A 211 17.40 5.06 -7.00
C SER A 211 18.40 5.70 -7.95
N CYS A 212 19.66 5.87 -7.54
CA CYS A 212 20.71 6.29 -8.48
C CYS A 212 21.04 5.19 -9.48
N ILE A 213 21.01 3.93 -9.03
CA ILE A 213 21.16 2.74 -9.89
C ILE A 213 20.03 2.68 -10.90
N ALA A 214 18.83 3.05 -10.47
CA ALA A 214 17.63 3.02 -11.29
C ALA A 214 17.61 4.10 -12.36
N SER A 215 18.08 5.30 -12.02
CA SER A 215 18.14 6.37 -13.00
C SER A 215 19.26 6.15 -14.02
N LEU A 216 20.39 5.57 -13.61
CA LEU A 216 21.43 5.26 -14.57
C LEU A 216 21.08 4.07 -15.45
N LEU A 217 20.27 3.15 -14.95
CA LEU A 217 19.82 2.04 -15.78
C LEU A 217 18.74 2.47 -16.75
N GLY A 218 17.87 3.39 -16.33
CA GLY A 218 16.82 3.87 -17.19
C GLY A 218 17.28 4.81 -18.29
N GLN A 219 18.21 5.71 -17.99
CA GLN A 219 18.74 6.58 -19.02
C GLN A 219 19.91 5.95 -19.76
N GLY A 220 20.46 4.85 -19.27
CA GLY A 220 21.45 4.09 -19.99
C GLY A 220 22.90 4.38 -19.65
N GLY A 221 23.20 4.72 -18.40
CA GLY A 221 24.55 5.02 -18.01
C GLY A 221 24.69 6.44 -17.50
N PRO A 222 25.93 6.90 -17.30
CA PRO A 222 26.13 8.27 -16.80
C PRO A 222 25.85 9.33 -17.85
N ASP A 223 25.67 10.56 -17.38
CA ASP A 223 25.32 11.67 -18.26
C ASP A 223 26.54 12.10 -19.07
N ASN A 224 26.33 12.22 -20.40
CA ASN A 224 27.34 12.23 -21.47
C ASN A 224 28.27 11.01 -21.44
N HIS A 225 27.73 9.86 -21.02
CA HIS A 225 28.36 8.55 -21.18
C HIS A 225 27.30 7.51 -21.47
N ARG A 226 26.10 7.93 -21.87
CA ARG A 226 24.98 7.04 -22.13
C ARG A 226 25.19 6.26 -23.41
N ILE A 227 24.79 4.99 -23.38
CA ILE A 227 24.67 4.25 -24.62
C ILE A 227 23.45 4.76 -25.39
N LYS A 228 23.59 4.79 -26.71
CA LYS A 228 22.46 5.21 -27.54
C LYS A 228 21.69 4.01 -28.08
N TRP A 229 21.14 3.25 -27.14
CA TRP A 229 20.22 2.17 -27.45
C TRP A 229 18.89 2.78 -27.83
N ARG A 230 18.28 2.28 -28.91
CA ARG A 230 16.96 2.74 -29.31
C ARG A 230 15.86 2.19 -28.44
N TRP A 231 16.10 1.10 -27.71
CA TRP A 231 15.07 0.54 -26.85
C TRP A 231 14.95 1.24 -25.51
N LEU A 232 15.87 2.16 -25.19
CA LEU A 232 15.76 3.00 -24.01
C LEU A 232 15.06 4.32 -24.29
N ARG A 233 14.43 4.46 -25.45
CA ARG A 233 13.76 5.70 -25.83
C ARG A 233 12.42 5.87 -25.12
N TYR A 234 11.85 4.80 -24.57
CA TYR A 234 10.56 4.87 -23.91
C TYR A 234 10.66 5.25 -22.45
N PHE A 235 11.86 5.21 -21.86
CA PHE A 235 12.06 5.57 -20.47
C PHE A 235 12.64 6.97 -20.32
N ASN A 236 12.48 7.79 -21.36
CA ASN A 236 12.82 9.20 -21.34
C ASN A 236 11.68 10.08 -20.87
N ASN A 237 10.55 9.48 -20.48
CA ASN A 237 9.48 10.21 -19.83
C ASN A 237 9.86 10.52 -18.40
N ASP A 238 9.22 11.54 -17.84
CA ASP A 238 9.34 11.78 -16.41
C ASP A 238 8.44 10.86 -15.61
N ARG A 239 7.37 10.34 -16.21
CA ARG A 239 6.50 9.39 -15.54
C ARG A 239 6.99 7.95 -15.65
N ASP A 240 7.91 7.67 -16.56
CA ASP A 240 8.63 6.40 -16.55
C ASP A 240 9.89 6.46 -15.73
N ARG A 241 10.45 7.66 -15.58
CA ARG A 241 11.54 7.87 -14.62
C ARG A 241 11.05 7.74 -13.20
N ARG A 242 9.82 8.21 -12.92
CA ARG A 242 9.22 8.17 -11.58
C ARG A 242 8.96 6.75 -11.12
N ASP A 243 8.57 5.87 -12.07
CA ASP A 243 8.45 4.44 -11.85
C ASP A 243 9.77 3.78 -11.53
N LEU A 244 10.85 4.25 -12.17
CA LEU A 244 12.18 3.69 -11.96
C LEU A 244 12.73 4.07 -10.60
N ILE A 245 12.64 5.36 -10.21
CA ILE A 245 13.08 5.88 -8.91
C ILE A 245 12.27 5.28 -7.76
N THR A 246 10.99 4.94 -8.01
CA THR A 246 10.17 4.23 -7.02
C THR A 246 10.62 2.78 -6.82
N CYS A 247 10.91 2.06 -7.91
CA CYS A 247 11.46 0.71 -7.80
C CYS A 247 12.86 0.69 -7.21
N GLY A 248 13.68 1.69 -7.50
CA GLY A 248 15.01 1.75 -6.95
C GLY A 248 15.08 2.16 -5.50
N SER A 249 14.16 3.03 -5.06
CA SER A 249 14.09 3.39 -3.65
C SER A 249 13.52 2.26 -2.82
N ALA A 250 12.57 1.49 -3.37
CA ALA A 250 12.04 0.32 -2.69
C ALA A 250 13.07 -0.79 -2.57
N SER A 251 13.89 -0.94 -3.61
CA SER A 251 15.04 -1.85 -3.57
C SER A 251 16.11 -1.38 -2.60
N GLY A 252 16.22 -0.07 -2.36
CA GLY A 252 17.13 0.41 -1.33
C GLY A 252 16.68 0.18 0.09
N VAL A 253 15.37 0.27 0.36
CA VAL A 253 14.88 -0.08 1.70
C VAL A 253 14.89 -1.61 1.89
N CYS A 254 14.76 -2.36 0.78
CA CYS A 254 14.96 -3.81 0.86
C CYS A 254 16.42 -4.17 1.09
N ALA A 255 17.36 -3.46 0.46
CA ALA A 255 18.78 -3.68 0.71
C ALA A 255 19.24 -3.16 2.07
N ALA A 256 18.47 -2.26 2.67
CA ALA A 256 18.73 -1.75 4.00
C ALA A 256 18.53 -2.82 5.07
N PHE A 257 17.37 -3.49 5.07
CA PHE A 257 16.95 -4.31 6.20
C PHE A 257 16.75 -5.78 5.89
N ARG A 258 17.13 -6.24 4.69
CA ARG A 258 16.76 -7.55 4.07
C ARG A 258 15.25 -7.76 4.12
N SER A 259 14.53 -6.74 3.67
CA SER A 259 13.10 -6.56 3.96
C SER A 259 12.34 -6.29 2.66
N PRO A 260 11.83 -7.33 2.00
CA PRO A 260 11.28 -7.14 0.65
C PRO A 260 9.84 -6.69 0.51
N VAL A 261 9.06 -6.64 1.58
CA VAL A 261 7.71 -6.10 1.43
C VAL A 261 7.72 -4.74 2.11
N GLY A 262 8.56 -4.61 3.14
CA GLY A 262 8.78 -3.32 3.78
C GLY A 262 9.53 -2.31 2.93
N GLY A 263 10.27 -2.77 1.92
CA GLY A 263 10.76 -1.85 0.90
C GLY A 263 9.66 -1.33 0.01
N VAL A 264 8.76 -2.23 -0.43
CA VAL A 264 7.58 -1.89 -1.22
C VAL A 264 6.63 -0.99 -0.43
N LEU A 265 6.52 -1.23 0.86
CA LEU A 265 5.64 -0.41 1.67
C LEU A 265 6.29 0.88 2.14
N PHE A 266 7.63 0.97 2.18
CA PHE A 266 8.27 2.28 2.35
C PHE A 266 8.11 3.12 1.10
N ALA A 267 8.02 2.57 -0.06
CA ALA A 267 7.84 3.41 -1.19
C ALA A 267 6.42 3.86 -1.22
N LEU A 268 5.47 2.98 -1.06
CA LEU A 268 4.08 3.34 -1.03
C LEU A 268 3.82 4.38 0.00
N GLU A 269 3.95 4.02 1.26
CA GLU A 269 3.69 4.94 2.35
C GLU A 269 4.52 6.24 2.38
N GLU A 270 5.82 6.24 2.15
CA GLU A 270 6.60 7.47 2.29
C GLU A 270 6.87 8.19 0.97
N VAL A 271 7.64 7.57 0.08
CA VAL A 271 8.32 8.40 -0.91
C VAL A 271 7.47 8.61 -2.16
N ALA A 272 6.71 7.61 -2.62
CA ALA A 272 5.93 7.76 -3.83
C ALA A 272 4.63 8.46 -3.51
N THR A 273 4.40 9.57 -4.19
CA THR A 273 3.12 10.26 -4.12
C THR A 273 2.07 9.52 -4.94
N TRP A 274 2.41 9.16 -6.17
CA TRP A 274 1.49 8.46 -7.06
C TRP A 274 1.81 6.98 -7.10
N TRP A 275 0.77 6.16 -7.05
CA TRP A 275 0.89 4.72 -7.00
C TRP A 275 -0.07 4.10 -7.99
N ARG A 276 0.45 3.27 -8.87
CA ARG A 276 -0.36 2.38 -9.67
C ARG A 276 -0.15 0.96 -9.18
N SER A 277 -1.05 0.07 -9.60
CA SER A 277 -0.86 -1.34 -9.31
C SER A 277 0.18 -1.96 -10.24
N ALA A 278 0.33 -1.41 -11.45
CA ALA A 278 1.32 -1.91 -12.40
C ALA A 278 2.73 -1.52 -12.00
N LEU A 279 2.90 -0.63 -11.05
CA LEU A 279 4.24 -0.29 -10.51
C LEU A 279 4.53 -1.18 -9.34
N LEU A 280 3.58 -1.35 -8.45
CA LEU A 280 3.74 -2.27 -7.36
C LEU A 280 4.19 -3.65 -7.78
N TRP A 281 3.90 -4.10 -8.99
CA TRP A 281 4.39 -5.43 -9.31
C TRP A 281 5.88 -5.41 -9.69
N ARG A 282 6.33 -4.36 -10.36
CA ARG A 282 7.74 -4.25 -10.70
C ARG A 282 8.57 -3.82 -9.50
N THR A 283 7.96 -3.05 -8.60
CA THR A 283 8.57 -2.70 -7.32
C THR A 283 8.73 -3.94 -6.43
N PHE A 284 7.71 -4.81 -6.43
CA PHE A 284 7.73 -6.14 -5.81
C PHE A 284 8.81 -7.03 -6.38
N PHE A 285 8.97 -7.01 -7.71
CA PHE A 285 9.97 -7.81 -8.39
C PHE A 285 11.38 -7.33 -8.13
N SER A 286 11.56 -6.01 -7.97
CA SER A 286 12.86 -5.44 -7.67
C SER A 286 13.32 -5.76 -6.26
N THR A 287 12.40 -5.73 -5.29
CA THR A 287 12.76 -6.09 -3.92
C THR A 287 12.94 -7.60 -3.74
N ALA A 288 12.24 -8.41 -4.56
CA ALA A 288 12.44 -9.85 -4.51
C ALA A 288 13.81 -10.25 -5.06
N VAL A 289 14.28 -9.56 -6.10
CA VAL A 289 15.60 -9.85 -6.66
C VAL A 289 16.72 -9.30 -5.75
N VAL A 290 16.40 -8.37 -4.89
CA VAL A 290 17.41 -7.81 -4.03
C VAL A 290 17.64 -8.81 -2.96
N VAL A 291 16.62 -9.14 -2.21
CA VAL A 291 16.80 -10.02 -1.06
C VAL A 291 17.20 -11.46 -1.48
N VAL A 292 16.98 -11.86 -2.74
CA VAL A 292 17.53 -13.12 -3.23
C VAL A 292 19.03 -13.01 -3.46
N VAL A 293 19.50 -11.89 -4.06
CA VAL A 293 20.94 -11.69 -4.29
C VAL A 293 21.69 -11.43 -2.98
N LEU A 294 21.03 -10.79 -2.00
CA LEU A 294 21.59 -10.56 -0.68
C LEU A 294 21.73 -11.87 0.11
N ARG A 295 20.67 -12.67 0.19
CA ARG A 295 20.75 -13.91 0.94
C ARG A 295 21.50 -15.02 0.21
N ALA A 296 21.68 -14.92 -1.11
CA ALA A 296 22.62 -15.81 -1.78
C ALA A 296 24.05 -15.44 -1.46
N PHE A 297 24.34 -14.16 -1.26
CA PHE A 297 25.68 -13.79 -0.83
C PHE A 297 25.88 -13.80 0.68
N ILE A 298 24.87 -14.21 1.46
CA ILE A 298 25.10 -14.70 2.81
C ILE A 298 25.20 -16.23 2.82
N GLU A 299 24.63 -16.92 1.81
CA GLU A 299 24.84 -18.36 1.66
C GLU A 299 26.25 -18.68 1.16
N ILE A 300 26.72 -17.98 0.12
CA ILE A 300 28.18 -17.89 -0.10
C ILE A 300 28.75 -16.91 0.92
N CYS A 301 30.07 -17.03 1.17
CA CYS A 301 30.83 -16.43 2.29
C CYS A 301 30.22 -16.81 3.64
N ASN A 302 29.82 -18.07 3.77
CA ASN A 302 29.40 -18.64 5.04
C ASN A 302 30.53 -19.37 5.74
N SER A 303 31.47 -19.92 4.98
CA SER A 303 32.62 -20.63 5.51
C SER A 303 33.86 -19.75 5.57
N GLY A 304 33.68 -18.44 5.71
CA GLY A 304 34.80 -17.52 5.78
C GLY A 304 35.48 -17.25 4.46
N LYS A 305 34.74 -17.34 3.36
CA LYS A 305 35.33 -17.16 2.03
C LYS A 305 35.54 -15.69 1.70
N CYS A 306 34.85 -14.79 2.38
CA CYS A 306 34.87 -13.37 2.08
C CYS A 306 35.32 -12.55 3.27
N GLY A 307 36.28 -13.04 4.01
CA GLY A 307 36.80 -12.30 5.16
C GLY A 307 35.90 -12.46 6.36
N LEU A 308 35.55 -11.34 6.99
CA LEU A 308 34.69 -11.33 8.15
C LEU A 308 33.23 -11.10 7.81
N PHE A 309 32.89 -11.04 6.53
CA PHE A 309 31.52 -10.86 6.08
C PHE A 309 30.84 -12.21 5.97
N GLY A 310 29.60 -12.28 6.45
CA GLY A 310 28.77 -13.45 6.28
C GLY A 310 28.69 -14.33 7.51
N SER A 311 29.52 -14.08 8.52
CA SER A 311 29.39 -14.76 9.80
C SER A 311 28.20 -14.14 10.52
N GLY A 312 27.05 -14.74 10.29
CA GLY A 312 25.77 -14.15 10.65
C GLY A 312 24.70 -14.69 9.75
N GLY A 313 23.46 -14.60 10.25
CA GLY A 313 22.33 -15.23 9.59
C GLY A 313 21.84 -14.48 8.37
N LEU A 314 20.80 -15.06 7.76
CA LEU A 314 20.13 -14.41 6.63
C LEU A 314 19.23 -13.28 7.10
N ILE A 315 18.82 -13.30 8.36
CA ILE A 315 17.84 -12.39 8.91
C ILE A 315 18.57 -11.45 9.87
N MET A 316 18.57 -10.17 9.55
CA MET A 316 19.31 -9.17 10.31
C MET A 316 18.55 -8.82 11.58
N PHE A 317 19.22 -8.96 12.74
CA PHE A 317 18.68 -8.80 14.11
C PHE A 317 17.51 -9.75 14.36
N ASP A 318 17.76 -11.05 14.15
CA ASP A 318 16.73 -12.08 14.30
C ASP A 318 16.52 -12.39 15.78
N VAL A 319 15.33 -12.09 16.30
CA VAL A 319 15.02 -12.28 17.71
C VAL A 319 14.05 -13.44 17.95
N SER A 320 13.68 -14.19 16.91
CA SER A 320 12.50 -15.06 16.82
C SER A 320 12.34 -16.25 17.77
N HIS A 321 13.27 -16.47 18.70
CA HIS A 321 13.23 -17.63 19.58
C HIS A 321 12.64 -17.29 20.94
N VAL A 322 11.62 -16.43 20.98
CA VAL A 322 10.93 -16.10 22.22
C VAL A 322 9.43 -16.17 22.02
N GLU A 323 8.73 -16.50 23.10
CA GLU A 323 7.28 -16.47 23.11
C GLU A 323 6.78 -15.07 23.42
N VAL A 324 5.78 -14.63 22.65
CA VAL A 324 5.09 -13.38 22.92
C VAL A 324 3.65 -13.75 23.28
N ARG A 325 3.38 -13.84 24.59
CA ARG A 325 2.03 -14.04 25.09
C ARG A 325 1.57 -12.73 25.71
N TYR A 326 0.42 -12.24 25.28
CA TYR A 326 -0.06 -10.95 25.75
C TYR A 326 -0.73 -11.13 27.11
N HIS A 327 -0.34 -10.31 28.07
CA HIS A 327 -0.96 -10.27 29.38
C HIS A 327 -1.47 -8.87 29.65
N ALA A 328 -2.43 -8.77 30.56
CA ALA A 328 -3.04 -7.50 30.90
C ALA A 328 -2.16 -6.64 31.82
N ALA A 329 -1.14 -7.22 32.45
CA ALA A 329 -0.20 -6.45 33.24
C ALA A 329 0.76 -5.65 32.37
N ASP A 330 1.02 -6.10 31.15
CA ASP A 330 1.93 -5.42 30.23
C ASP A 330 1.21 -4.53 29.23
N ILE A 331 -0.01 -4.09 29.55
CA ILE A 331 -0.63 -3.04 28.76
C ILE A 331 0.05 -1.71 29.03
N ILE A 332 0.32 -1.42 30.29
CA ILE A 332 0.87 -0.15 30.76
C ILE A 332 2.33 0.13 30.35
N PRO A 333 3.33 -0.79 30.39
CA PRO A 333 4.64 -0.42 29.81
C PRO A 333 4.69 -0.40 28.29
N VAL A 334 3.74 -1.05 27.61
CA VAL A 334 3.70 -1.01 26.16
C VAL A 334 3.18 0.33 25.66
N THR A 335 2.12 0.87 26.29
CA THR A 335 1.71 2.23 25.98
C THR A 335 2.63 3.29 26.56
N LEU A 336 3.42 2.96 27.60
CA LEU A 336 4.47 3.88 28.05
C LEU A 336 5.61 3.95 27.06
N ILE A 337 5.94 2.83 26.38
CA ILE A 337 6.96 2.82 25.34
C ILE A 337 6.47 3.53 24.09
N GLY A 338 5.13 3.50 23.85
CA GLY A 338 4.57 4.26 22.77
C GLY A 338 4.50 5.76 23.03
N VAL A 339 4.15 6.15 24.27
CA VAL A 339 4.04 7.55 24.64
C VAL A 339 5.42 8.19 24.71
N PHE A 340 6.41 7.49 25.28
CA PHE A 340 7.77 8.00 25.29
C PHE A 340 8.45 7.92 23.94
N GLY A 341 8.00 7.03 23.03
CA GLY A 341 8.51 7.05 21.68
C GLY A 341 8.00 8.22 20.86
N GLY A 342 6.74 8.59 21.06
CA GLY A 342 6.22 9.79 20.42
C GLY A 342 6.77 11.08 21.00
N ILE A 343 7.03 11.11 22.31
CA ILE A 343 7.54 12.30 22.97
C ILE A 343 9.03 12.51 22.64
N LEU A 344 9.83 11.44 22.75
CA LEU A 344 11.24 11.57 22.38
C LEU A 344 11.47 11.59 20.88
N GLY A 345 10.53 11.09 20.08
CA GLY A 345 10.65 11.28 18.64
C GLY A 345 10.30 12.68 18.20
N SER A 346 9.35 13.34 18.89
CA SER A 346 9.09 14.75 18.65
C SER A 346 10.23 15.63 19.13
N LEU A 347 10.85 15.27 20.26
CA LEU A 347 11.99 16.01 20.77
C LEU A 347 13.22 15.81 19.92
N TYR A 348 13.38 14.62 19.33
CA TYR A 348 14.45 14.38 18.37
C TYR A 348 14.22 15.13 17.08
N ASN A 349 12.96 15.25 16.63
CA ASN A 349 12.65 15.99 15.40
C ASN A 349 12.88 17.49 15.55
N HIS A 350 12.53 18.03 16.72
CA HIS A 350 12.74 19.45 17.01
C HIS A 350 14.22 19.78 17.19
N LEU A 351 14.96 18.92 17.87
CA LEU A 351 16.37 19.20 18.09
C LEU A 351 17.22 18.90 16.85
N LEU A 352 16.81 17.97 15.99
CA LEU A 352 17.53 17.80 14.72
C LEU A 352 17.22 18.90 13.73
N HIS A 353 16.02 19.52 13.82
CA HIS A 353 15.72 20.70 13.01
C HIS A 353 16.59 21.88 13.41
N LYS A 354 16.83 22.05 14.72
CA LYS A 354 17.73 23.10 15.19
C LYS A 354 19.19 22.82 14.88
N VAL A 355 19.60 21.54 14.93
CA VAL A 355 20.99 21.16 14.65
C VAL A 355 21.31 21.28 13.16
N LEU A 356 20.36 20.90 12.29
CA LEU A 356 20.52 21.06 10.85
C LEU A 356 20.44 22.52 10.40
N ARG A 357 19.76 23.39 11.16
CA ARG A 357 19.84 24.83 10.92
C ARG A 357 21.23 25.37 11.25
N LEU A 358 21.79 24.98 12.40
CA LEU A 358 23.14 25.42 12.74
C LEU A 358 24.23 24.71 11.95
N TYR A 359 23.92 23.59 11.31
CA TYR A 359 24.86 22.94 10.42
C TYR A 359 24.74 23.48 9.00
N ASN A 360 23.60 24.05 8.64
CA ASN A 360 23.50 24.84 7.42
C ASN A 360 24.22 26.16 7.53
N LEU A 361 24.42 26.69 8.74
CA LEU A 361 25.33 27.82 8.91
C LEU A 361 26.79 27.44 8.71
N ILE A 362 27.16 26.18 8.96
CA ILE A 362 28.52 25.71 8.67
C ILE A 362 28.64 25.30 7.20
N ASN A 363 27.57 24.78 6.60
CA ASN A 363 27.60 24.30 5.22
C ASN A 363 27.63 25.42 4.18
N GLN A 364 27.33 26.66 4.55
CA GLN A 364 27.53 27.79 3.66
C GLN A 364 28.87 28.48 3.85
N LYS A 365 29.57 28.19 4.96
CA LYS A 365 30.80 28.92 5.29
C LYS A 365 32.00 28.46 4.47
N GLY A 366 31.93 27.28 3.87
CA GLY A 366 33.04 26.80 3.07
C GLY A 366 32.96 25.30 2.93
N LYS A 367 33.92 24.76 2.19
CA LYS A 367 34.02 23.32 2.00
C LYS A 367 35.06 22.67 2.89
N ILE A 368 35.98 23.45 3.45
CA ILE A 368 36.89 22.90 4.45
C ILE A 368 36.24 22.89 5.83
N HIS A 369 35.16 23.65 6.02
CA HIS A 369 34.49 23.66 7.31
C HIS A 369 33.57 22.47 7.47
N LYS A 370 33.08 21.90 6.37
CA LYS A 370 32.27 20.68 6.44
C LYS A 370 33.13 19.46 6.73
N VAL A 371 34.39 19.48 6.25
CA VAL A 371 35.38 18.46 6.58
C VAL A 371 35.71 18.51 8.07
N LEU A 372 35.95 19.72 8.60
CA LEU A 372 36.35 19.88 10.00
C LEU A 372 35.19 19.65 10.95
N LEU A 373 33.94 19.91 10.51
CA LEU A 373 32.76 19.59 11.30
C LEU A 373 32.57 18.09 11.42
N SER A 374 32.74 17.35 10.30
CA SER A 374 32.53 15.93 10.37
C SER A 374 33.72 15.18 10.94
N LEU A 375 34.92 15.73 10.84
CA LEU A 375 36.06 15.13 11.52
C LEU A 375 36.01 15.40 13.01
N GLY A 376 35.45 16.54 13.44
CA GLY A 376 35.24 16.77 14.86
C GLY A 376 34.13 15.93 15.43
N VAL A 377 33.10 15.66 14.62
CA VAL A 377 32.01 14.78 15.03
C VAL A 377 32.49 13.33 15.11
N SER A 378 33.39 12.93 14.20
CA SER A 378 33.96 11.58 14.22
C SER A 378 35.00 11.41 15.32
N LEU A 379 35.73 12.48 15.67
CA LEU A 379 36.64 12.43 16.81
C LEU A 379 35.89 12.34 18.12
N PHE A 380 34.78 13.07 18.24
CA PHE A 380 33.91 13.00 19.41
C PHE A 380 33.23 11.65 19.53
N THR A 381 32.86 11.04 18.38
CA THR A 381 32.23 9.73 18.35
C THR A 381 33.19 8.64 18.79
N SER A 382 34.43 8.66 18.39
CA SER A 382 35.38 7.62 18.70
C SER A 382 35.92 7.74 20.08
N VAL A 383 36.10 8.96 20.57
CA VAL A 383 36.53 9.16 21.95
C VAL A 383 35.41 8.75 22.92
N CYS A 384 34.16 9.07 22.60
CA CYS A 384 33.08 8.68 23.49
C CYS A 384 32.58 7.26 23.26
N LEU A 385 33.01 6.57 22.20
CA LEU A 385 32.72 5.14 22.13
C LEU A 385 33.84 4.30 22.73
N PHE A 386 35.04 4.87 22.86
CA PHE A 386 36.11 4.13 23.53
C PHE A 386 36.17 4.40 25.02
N GLY A 387 36.09 5.66 25.43
CA GLY A 387 36.38 6.04 26.80
C GLY A 387 35.23 5.91 27.78
N LEU A 388 34.00 6.12 27.29
CA LEU A 388 32.82 5.88 28.10
C LEU A 388 32.55 4.46 28.60
N PRO A 389 32.98 3.34 27.98
CA PRO A 389 32.87 2.05 28.69
C PRO A 389 33.86 1.81 29.83
N PHE A 390 34.75 2.74 30.16
CA PHE A 390 35.48 2.67 31.42
C PHE A 390 34.62 3.12 32.60
N LEU A 391 33.55 3.87 32.35
CA LEU A 391 32.66 4.32 33.42
C LEU A 391 31.75 3.21 33.93
N ALA A 392 31.54 2.17 33.14
CA ALA A 392 30.72 1.04 33.54
C ALA A 392 31.57 0.04 34.32
N GLU A 393 31.11 -0.32 35.51
CA GLU A 393 31.74 -1.40 36.25
C GLU A 393 31.33 -2.73 35.63
N CYS A 394 32.23 -3.71 35.74
CA CYS A 394 32.02 -5.01 35.11
C CYS A 394 31.00 -5.83 35.87
N LYS A 395 29.92 -6.19 35.20
CA LYS A 395 28.97 -7.12 35.78
C LYS A 395 29.53 -8.54 35.66
N PRO A 396 29.30 -9.41 36.64
CA PRO A 396 29.75 -10.79 36.52
C PRO A 396 28.86 -11.59 35.57
N CYS A 397 29.40 -12.72 35.14
CA CYS A 397 28.73 -13.54 34.14
C CYS A 397 27.59 -14.34 34.77
N ASP A 398 26.39 -14.15 34.23
CA ASP A 398 25.20 -14.78 34.78
C ASP A 398 25.12 -16.22 34.30
N PRO A 399 25.02 -17.21 35.19
CA PRO A 399 24.86 -18.59 34.74
C PRO A 399 23.45 -18.94 34.28
N SER A 400 22.46 -18.09 34.55
CA SER A 400 21.11 -18.33 34.07
C SER A 400 20.98 -18.09 32.57
N ILE A 401 21.82 -17.21 32.03
CA ILE A 401 21.86 -16.93 30.59
C ILE A 401 22.61 -18.07 29.90
N ASP A 402 22.10 -18.50 28.73
CA ASP A 402 22.56 -19.71 28.04
C ASP A 402 23.97 -19.55 27.45
N GLU A 403 24.14 -18.59 26.53
CA GLU A 403 25.33 -18.60 25.67
C GLU A 403 26.51 -17.95 26.39
N ILE A 404 27.66 -17.88 25.69
CA ILE A 404 28.96 -17.66 26.33
C ILE A 404 29.15 -16.18 26.68
N CYS A 405 29.26 -15.92 27.98
CA CYS A 405 29.49 -14.61 28.57
C CYS A 405 30.96 -14.13 28.60
N PRO A 406 32.03 -14.96 28.89
CA PRO A 406 33.39 -14.41 28.63
C PRO A 406 33.72 -14.38 27.14
N THR A 407 33.29 -13.31 26.46
CA THR A 407 33.38 -13.21 25.01
C THR A 407 34.23 -12.00 24.62
N ASN A 408 35.34 -12.26 23.95
CA ASN A 408 36.14 -11.23 23.31
C ASN A 408 36.09 -11.42 21.80
N GLY A 409 36.38 -10.37 21.07
CA GLY A 409 36.46 -10.47 19.63
C GLY A 409 36.08 -9.15 18.98
N ARG A 410 35.44 -9.26 17.81
CA ARG A 410 34.95 -8.12 17.06
C ARG A 410 33.45 -8.00 17.08
N SER A 411 32.72 -9.04 17.48
CA SER A 411 31.27 -9.04 17.47
C SER A 411 30.79 -9.91 18.62
N GLY A 412 29.48 -10.09 18.70
CA GLY A 412 28.89 -10.91 19.73
C GLY A 412 28.51 -10.15 20.97
N ASN A 413 27.74 -10.81 21.81
CA ASN A 413 27.21 -10.28 23.06
C ASN A 413 28.23 -10.51 24.18
N PHE A 414 28.05 -9.76 25.29
CA PHE A 414 28.77 -9.85 26.57
C PHE A 414 30.28 -9.62 26.41
N LYS A 415 30.64 -8.39 26.04
CA LYS A 415 32.03 -8.06 25.76
C LYS A 415 32.86 -7.95 27.03
N GLN A 416 34.13 -8.32 26.94
CA GLN A 416 35.04 -8.51 28.06
C GLN A 416 36.20 -7.53 28.03
N PHE A 417 35.83 -6.13 27.95
CA PHE A 417 36.77 -5.14 27.45
C PHE A 417 37.80 -4.68 28.49
N ASN A 418 37.43 -4.32 29.65
CA ASN A 418 38.37 -3.88 30.68
C ASN A 418 38.21 -4.68 31.96
N CYS A 419 37.65 -5.87 31.86
CA CYS A 419 37.20 -6.67 32.97
C CYS A 419 38.16 -7.82 33.25
N PRO A 420 38.07 -8.44 34.43
CA PRO A 420 38.65 -9.77 34.60
C PRO A 420 37.79 -10.84 33.92
N ASN A 421 38.35 -12.04 33.84
CA ASN A 421 37.65 -13.15 33.21
C ASN A 421 36.54 -13.68 34.12
N GLY A 422 35.42 -14.03 33.50
CA GLY A 422 34.20 -14.28 34.23
C GLY A 422 33.36 -13.04 34.47
N TYR A 423 33.79 -11.89 33.96
CA TYR A 423 33.05 -10.64 34.05
C TYR A 423 32.82 -10.14 32.63
N TYR A 424 31.93 -9.17 32.48
CA TYR A 424 31.72 -8.55 31.19
C TYR A 424 31.39 -7.07 31.37
N ASN A 425 31.80 -6.27 30.40
CA ASN A 425 31.46 -4.86 30.35
C ASN A 425 30.23 -4.68 29.48
N ASP A 426 29.15 -4.19 30.07
CA ASP A 426 27.88 -4.10 29.37
C ASP A 426 27.74 -2.82 28.55
N LEU A 427 28.67 -1.88 28.68
CA LEU A 427 28.66 -0.68 27.86
C LEU A 427 29.48 -0.84 26.59
N SER A 428 30.61 -1.54 26.68
CA SER A 428 31.46 -1.89 25.54
C SER A 428 30.89 -2.99 24.68
N THR A 429 29.85 -3.68 25.15
CA THR A 429 28.98 -4.50 24.31
C THR A 429 28.26 -3.66 23.26
N LEU A 430 27.97 -2.40 23.57
CA LEU A 430 27.19 -1.52 22.71
C LEU A 430 28.00 -0.40 22.10
N LEU A 431 28.98 0.12 22.83
CA LEU A 431 29.73 1.25 22.30
C LEU A 431 30.88 0.77 21.42
N LEU A 432 31.63 -0.22 21.87
CA LEU A 432 32.81 -0.68 21.13
C LEU A 432 32.49 -1.90 20.27
N THR A 433 31.48 -1.75 19.42
CA THR A 433 31.18 -2.71 18.35
C THR A 433 30.90 -1.91 17.09
N THR A 434 30.37 -2.60 16.08
CA THR A 434 29.67 -1.91 15.02
C THR A 434 28.28 -1.53 15.48
N ASN A 435 27.64 -0.62 14.74
CA ASN A 435 26.32 -0.12 15.12
C ASN A 435 25.23 -1.15 14.88
N ASP A 436 25.42 -2.06 13.92
CA ASP A 436 24.46 -3.12 13.70
C ASP A 436 24.60 -4.25 14.71
N ASP A 437 25.82 -4.54 15.17
CA ASP A 437 26.04 -5.59 16.16
C ASP A 437 25.58 -5.15 17.54
N ALA A 438 25.60 -3.84 17.81
CA ALA A 438 25.07 -3.29 19.05
C ALA A 438 23.56 -3.30 19.12
N VAL A 439 22.88 -3.40 17.97
CA VAL A 439 21.44 -3.58 17.97
C VAL A 439 21.09 -4.97 18.49
N ARG A 440 21.78 -6.01 17.99
CA ARG A 440 21.54 -7.40 18.40
C ARG A 440 21.97 -7.70 19.82
N ASN A 441 22.85 -6.88 20.40
CA ASN A 441 23.16 -7.02 21.82
C ASN A 441 22.02 -6.52 22.68
N ILE A 442 21.37 -5.42 22.29
CA ILE A 442 20.18 -4.96 23.00
C ILE A 442 18.99 -5.87 22.70
N PHE A 443 18.88 -6.34 21.45
CA PHE A 443 17.76 -7.16 20.98
C PHE A 443 17.83 -8.64 21.40
N SER A 444 18.61 -9.01 22.43
CA SER A 444 18.96 -10.39 22.71
C SER A 444 17.80 -11.13 23.35
N SER A 445 17.50 -12.30 22.79
CA SER A 445 16.53 -13.20 23.38
C SER A 445 17.11 -13.85 24.61
N ASN A 446 16.37 -13.76 25.73
CA ASN A 446 16.58 -14.48 27.00
C ASN A 446 17.91 -14.13 27.66
N THR A 447 18.22 -12.83 27.74
CA THR A 447 19.30 -12.30 28.55
C THR A 447 18.69 -11.35 29.58
N PRO A 448 18.12 -11.86 30.67
CA PRO A 448 17.36 -11.00 31.59
C PRO A 448 18.28 -10.24 32.53
N ASN A 449 18.08 -8.90 32.55
CA ASN A 449 18.88 -7.89 33.27
C ASN A 449 20.36 -7.99 32.93
N GLU A 450 20.64 -8.03 31.62
CA GLU A 450 22.02 -8.02 31.14
C GLU A 450 22.65 -6.66 31.33
N PHE A 451 22.00 -5.61 30.83
CA PHE A 451 22.54 -4.26 30.94
C PHE A 451 21.96 -3.59 32.16
N GLY A 452 22.82 -2.90 32.90
CA GLY A 452 22.35 -2.10 34.00
C GLY A 452 21.71 -0.82 33.51
N MET A 453 20.98 -0.16 34.41
CA MET A 453 20.30 1.07 34.04
C MET A 453 21.24 2.25 33.89
N VAL A 454 22.41 2.22 34.53
CA VAL A 454 23.39 3.29 34.40
C VAL A 454 24.08 3.21 33.04
N SER A 455 24.44 2.00 32.61
CA SER A 455 25.05 1.80 31.29
C SER A 455 24.05 1.99 30.16
N LEU A 456 22.78 1.68 30.42
CA LEU A 456 21.73 1.96 29.45
C LEU A 456 21.44 3.45 29.35
N TRP A 457 21.55 4.19 30.46
CA TRP A 457 21.35 5.63 30.40
C TRP A 457 22.52 6.35 29.74
N ILE A 458 23.74 5.84 29.90
CA ILE A 458 24.92 6.40 29.24
C ILE A 458 24.85 6.14 27.74
N PHE A 459 24.42 4.94 27.33
CA PHE A 459 24.24 4.59 25.93
C PHE A 459 23.06 5.31 25.29
N PHE A 460 22.02 5.63 26.07
CA PHE A 460 20.89 6.41 25.58
C PHE A 460 21.25 7.87 25.38
N GLY A 461 21.94 8.48 26.36
CA GLY A 461 22.32 9.87 26.27
C GLY A 461 23.39 10.13 25.25
N LEU A 462 24.30 9.15 25.05
CA LEU A 462 25.29 9.26 23.99
C LEU A 462 24.66 9.12 22.61
N TYR A 463 23.74 8.20 22.44
CA TYR A 463 23.17 8.03 21.12
C TYR A 463 22.06 9.03 20.83
N CYS A 464 21.56 9.75 21.85
CA CYS A 464 20.81 10.97 21.61
C CYS A 464 21.71 12.09 21.08
N ILE A 465 22.87 12.28 21.71
CA ILE A 465 23.83 13.31 21.30
C ILE A 465 24.44 13.01 19.94
N LEU A 466 24.89 11.77 19.74
CA LEU A 466 25.41 11.32 18.46
C LEU A 466 24.32 11.11 17.42
N GLY A 467 23.05 10.97 17.82
CA GLY A 467 22.00 10.96 16.83
C GLY A 467 21.71 12.33 16.28
N LEU A 468 21.90 13.37 17.09
CA LEU A 468 21.73 14.72 16.58
C LEU A 468 22.90 15.14 15.71
N ILE A 469 24.13 14.92 16.18
CA ILE A 469 25.27 15.58 15.55
C ILE A 469 25.82 14.85 14.33
N THR A 470 25.56 13.56 14.14
CA THR A 470 26.16 12.80 13.05
C THR A 470 25.22 12.74 11.85
N PHE A 471 24.00 13.24 11.98
CA PHE A 471 23.09 13.20 10.84
C PHE A 471 23.40 14.32 9.85
N GLY A 472 23.63 15.52 10.33
CA GLY A 472 23.78 16.66 9.45
C GLY A 472 25.17 16.89 8.91
N ILE A 473 26.11 15.99 9.18
CA ILE A 473 27.46 16.16 8.65
C ILE A 473 27.50 15.65 7.22
N ALA A 474 28.58 15.98 6.52
CA ALA A 474 28.67 15.72 5.08
C ALA A 474 29.39 14.41 4.80
N THR A 475 28.86 13.34 5.36
CA THR A 475 29.05 11.96 4.95
C THR A 475 27.69 11.49 4.50
N PRO A 476 27.58 10.33 3.78
CA PRO A 476 26.26 9.74 3.62
C PRO A 476 25.78 9.15 4.93
N SER A 477 24.94 9.91 5.62
CA SER A 477 24.41 9.56 6.92
C SER A 477 22.98 9.14 6.74
N GLY A 478 22.35 8.71 7.83
CA GLY A 478 20.99 8.26 7.76
C GLY A 478 20.29 8.33 9.11
N LEU A 479 19.03 7.92 9.11
CA LEU A 479 18.18 8.04 10.29
C LEU A 479 17.53 6.74 10.71
N PHE A 480 17.75 5.62 10.02
CA PHE A 480 17.09 4.39 10.45
C PHE A 480 17.81 3.81 11.67
N LEU A 481 19.11 3.54 11.52
CA LEU A 481 19.91 2.98 12.62
C LEU A 481 20.18 3.86 13.86
N PRO A 482 20.38 5.21 13.81
CA PRO A 482 20.46 5.96 15.08
C PRO A 482 19.18 6.03 15.89
N ILE A 483 18.04 6.12 15.21
CA ILE A 483 16.75 6.15 15.86
C ILE A 483 16.39 4.76 16.38
N ILE A 484 16.88 3.70 15.70
CA ILE A 484 16.76 2.32 16.17
C ILE A 484 17.59 2.11 17.43
N LEU A 485 18.81 2.67 17.49
CA LEU A 485 19.68 2.50 18.67
C LEU A 485 19.22 3.32 19.88
N MET A 486 18.68 4.53 19.66
CA MET A 486 18.07 5.31 20.73
C MET A 486 16.82 4.66 21.28
N GLY A 487 15.98 4.11 20.39
CA GLY A 487 14.79 3.42 20.84
C GLY A 487 15.06 2.08 21.47
N SER A 488 16.17 1.42 21.07
CA SER A 488 16.64 0.21 21.71
C SER A 488 17.10 0.47 23.13
N ALA A 489 17.72 1.63 23.34
CA ALA A 489 18.26 2.04 24.63
C ALA A 489 17.16 2.30 25.65
N TYR A 490 16.16 3.12 25.31
CA TYR A 490 15.08 3.34 26.27
C TYR A 490 14.10 2.17 26.32
N GLY A 491 14.01 1.34 25.27
CA GLY A 491 13.14 0.18 25.33
C GLY A 491 13.67 -0.92 26.23
N ARG A 492 14.99 -1.14 26.19
CA ARG A 492 15.63 -2.05 27.13
C ARG A 492 15.67 -1.46 28.55
N MET A 493 15.69 -0.12 28.66
CA MET A 493 15.62 0.52 29.98
C MET A 493 14.25 0.38 30.62
N LEU A 494 13.18 0.52 29.82
CA LEU A 494 11.84 0.25 30.33
C LEU A 494 11.57 -1.23 30.50
N GLY A 495 12.29 -2.11 29.80
CA GLY A 495 12.18 -3.53 30.07
C GLY A 495 12.90 -3.94 31.33
N THR A 496 14.02 -3.29 31.65
CA THR A 496 14.78 -3.59 32.86
C THR A 496 14.16 -2.93 34.10
N ALA A 497 13.41 -1.83 33.91
CA ALA A 497 12.77 -1.15 35.03
C ALA A 497 11.59 -1.93 35.58
N MET A 498 10.93 -2.72 34.74
CA MET A 498 9.94 -3.69 35.21
C MET A 498 10.63 -5.02 35.49
N GLY A 499 11.36 -5.04 36.61
CA GLY A 499 12.11 -6.22 36.99
C GLY A 499 11.20 -7.27 37.59
N SER A 500 10.96 -8.31 36.79
CA SER A 500 10.03 -9.44 36.99
C SER A 500 8.58 -9.02 37.23
N TYR A 501 8.16 -7.86 36.72
CA TYR A 501 6.75 -7.46 36.69
C TYR A 501 6.19 -7.53 35.29
N THR A 502 6.90 -8.18 34.38
CA THR A 502 6.46 -8.33 33.00
C THR A 502 6.93 -9.70 32.49
N ASN A 503 6.27 -10.16 31.43
CA ASN A 503 6.62 -11.42 30.79
C ASN A 503 7.16 -11.25 29.39
N ILE A 504 7.02 -10.06 28.80
CA ILE A 504 7.71 -9.73 27.56
C ILE A 504 9.20 -9.59 27.88
N ASP A 505 10.04 -10.14 26.99
CA ASP A 505 11.49 -10.06 27.10
C ASP A 505 11.98 -8.62 27.00
N GLN A 506 13.13 -8.35 27.62
CA GLN A 506 13.74 -7.03 27.56
C GLN A 506 14.34 -6.75 26.20
N GLY A 507 14.72 -7.79 25.44
CA GLY A 507 15.09 -7.60 24.06
C GLY A 507 13.94 -7.44 23.11
N LEU A 508 12.73 -7.81 23.54
CA LEU A 508 11.52 -7.54 22.77
C LEU A 508 10.94 -6.17 23.06
N TYR A 509 11.12 -5.69 24.31
CA TYR A 509 10.80 -4.32 24.69
C TYR A 509 11.70 -3.32 23.97
N ALA A 510 12.93 -3.73 23.66
CA ALA A 510 13.84 -3.01 22.81
C ALA A 510 13.30 -2.81 21.39
N VAL A 511 12.70 -3.85 20.81
CA VAL A 511 12.11 -3.77 19.47
C VAL A 511 10.88 -2.88 19.48
N LEU A 512 10.12 -2.91 20.58
CA LEU A 512 8.98 -2.02 20.76
C LEU A 512 9.42 -0.57 20.94
N GLY A 513 10.53 -0.34 21.65
CA GLY A 513 11.04 1.01 21.81
C GLY A 513 11.68 1.56 20.56
N ALA A 514 12.34 0.70 19.76
CA ALA A 514 12.93 1.11 18.50
C ALA A 514 11.87 1.43 17.46
N ALA A 515 10.79 0.64 17.42
CA ALA A 515 9.67 0.92 16.53
C ALA A 515 8.88 2.14 16.99
N SER A 516 8.86 2.43 18.29
CA SER A 516 8.22 3.65 18.76
C SER A 516 9.03 4.89 18.48
N LEU A 517 10.36 4.82 18.49
CA LEU A 517 11.10 6.03 18.15
C LEU A 517 11.11 6.24 16.64
N MET A 518 10.99 5.16 15.86
CA MET A 518 10.87 5.29 14.41
C MET A 518 9.50 5.82 14.02
N ALA A 519 8.45 5.47 14.75
CA ALA A 519 7.16 6.09 14.55
C ALA A 519 7.06 7.47 15.14
N GLY A 520 7.79 7.74 16.21
CA GLY A 520 7.76 9.06 16.80
C GLY A 520 8.53 10.09 16.02
N SER A 521 9.47 9.65 15.19
CA SER A 521 10.20 10.57 14.32
C SER A 521 9.65 10.62 12.91
N MET A 522 9.38 9.48 12.29
CA MET A 522 9.05 9.46 10.87
C MET A 522 7.55 9.41 10.58
N ARG A 523 6.72 9.19 11.61
CA ARG A 523 5.25 9.12 11.57
C ARG A 523 4.72 8.05 10.61
N MET A 524 5.35 6.90 10.59
CA MET A 524 4.92 5.82 9.72
C MET A 524 4.41 4.65 10.54
N THR A 525 3.47 3.92 9.95
CA THR A 525 2.86 2.78 10.61
C THR A 525 3.07 1.45 9.88
N VAL A 526 2.67 1.37 8.62
CA VAL A 526 2.59 0.07 7.96
C VAL A 526 3.96 -0.38 7.42
N SER A 527 4.83 0.57 7.07
CA SER A 527 6.08 0.25 6.40
C SER A 527 7.10 -0.23 7.41
N LEU A 528 7.15 0.44 8.58
CA LEU A 528 8.06 0.05 9.63
C LEU A 528 7.59 -1.18 10.38
N CYS A 529 6.31 -1.52 10.27
CA CYS A 529 5.84 -2.78 10.83
C CYS A 529 6.32 -3.97 10.02
N VAL A 530 6.30 -3.86 8.68
CA VAL A 530 6.88 -4.94 7.88
C VAL A 530 8.40 -4.90 7.91
N ILE A 531 9.00 -3.71 8.13
CA ILE A 531 10.45 -3.59 8.29
C ILE A 531 10.92 -4.24 9.58
N PHE A 532 10.19 -4.03 10.68
CA PHE A 532 10.54 -4.71 11.93
C PHE A 532 10.09 -6.16 11.97
N LEU A 533 9.13 -6.57 11.13
CA LEU A 533 8.83 -7.99 10.99
C LEU A 533 9.92 -8.70 10.22
N GLU A 534 10.38 -8.12 9.12
CA GLU A 534 11.40 -8.75 8.30
C GLU A 534 12.79 -8.57 8.86
N LEU A 535 12.98 -7.68 9.83
CA LEU A 535 14.19 -7.71 10.65
C LEU A 535 14.07 -8.75 11.76
N THR A 536 13.08 -8.62 12.63
CA THR A 536 13.16 -9.36 13.88
C THR A 536 12.56 -10.76 13.84
N ASN A 537 11.82 -11.12 12.77
CA ASN A 537 11.19 -12.45 12.53
C ASN A 537 10.19 -12.84 13.62
N ASN A 538 9.57 -11.88 14.29
CA ASN A 538 8.62 -12.18 15.36
C ASN A 538 7.24 -11.78 14.85
N LEU A 539 6.46 -12.78 14.46
CA LEU A 539 5.11 -12.56 13.98
C LEU A 539 4.13 -12.31 15.12
N LEU A 540 4.47 -12.69 16.34
CA LEU A 540 3.60 -12.48 17.48
C LEU A 540 3.88 -11.19 18.21
N LEU A 541 5.06 -10.59 18.01
CA LEU A 541 5.32 -9.25 18.52
C LEU A 541 4.73 -8.18 17.62
N LEU A 542 4.44 -8.54 16.36
CA LEU A 542 3.81 -7.68 15.36
C LEU A 542 2.54 -6.88 15.74
N PRO A 543 1.50 -7.41 16.50
CA PRO A 543 0.40 -6.48 16.87
C PRO A 543 0.74 -5.55 18.02
N ILE A 544 1.68 -5.97 18.88
CA ILE A 544 2.19 -5.08 19.92
C ILE A 544 3.10 -4.02 19.30
N THR A 545 3.80 -4.39 18.22
CA THR A 545 4.56 -3.45 17.41
C THR A 545 3.64 -2.46 16.69
N MET A 546 2.46 -2.93 16.26
CA MET A 546 1.42 -2.08 15.66
C MET A 546 0.86 -1.07 16.64
N PHE A 547 0.69 -1.49 17.89
CA PHE A 547 0.14 -0.60 18.91
C PHE A 547 1.15 0.46 19.33
N VAL A 548 2.43 0.10 19.45
CA VAL A 548 3.42 1.11 19.82
C VAL A 548 3.75 2.03 18.63
N LEU A 549 3.58 1.56 17.38
CA LEU A 549 3.75 2.45 16.23
C LEU A 549 2.59 3.42 16.09
N LEU A 550 1.35 3.01 16.42
CA LEU A 550 0.22 3.91 16.31
C LEU A 550 0.15 4.92 17.43
N ILE A 551 0.52 4.51 18.66
CA ILE A 551 0.56 5.42 19.81
C ILE A 551 1.66 6.46 19.63
N ALA A 552 2.81 6.05 19.09
CA ALA A 552 3.88 7.03 18.90
C ALA A 552 3.71 7.92 17.68
N LYS A 553 3.00 7.46 16.65
CA LYS A 553 2.64 8.36 15.56
C LYS A 553 1.60 9.39 16.00
N THR A 554 0.66 8.99 16.87
CA THR A 554 -0.35 9.94 17.30
C THR A 554 0.13 10.88 18.41
N VAL A 555 1.04 10.42 19.28
CA VAL A 555 1.64 11.33 20.26
C VAL A 555 2.66 12.22 19.55
N GLY A 556 3.34 11.67 18.52
CA GLY A 556 4.31 12.43 17.76
C GLY A 556 3.71 13.49 16.86
N ASP A 557 2.49 13.28 16.36
CA ASP A 557 1.82 14.26 15.53
C ASP A 557 1.20 15.40 16.33
N SER A 558 1.14 15.28 17.65
CA SER A 558 0.66 16.37 18.50
C SER A 558 1.64 17.52 18.59
N PHE A 559 2.93 17.28 18.36
CA PHE A 559 3.97 18.30 18.52
C PHE A 559 4.54 18.74 17.18
N ASN A 560 5.07 17.81 16.39
CA ASN A 560 5.92 18.10 15.25
C ASN A 560 5.29 17.59 13.97
N LEU A 561 6.01 17.79 12.87
CA LEU A 561 5.76 17.08 11.63
C LEU A 561 6.64 15.84 11.62
N SER A 562 6.65 15.11 10.50
CA SER A 562 7.56 13.99 10.37
C SER A 562 8.98 14.49 10.11
N ILE A 563 9.94 13.59 10.28
CA ILE A 563 11.34 13.98 10.10
C ILE A 563 11.69 14.10 8.62
N TYR A 564 10.92 13.49 7.71
CA TYR A 564 11.13 13.78 6.29
C TYR A 564 10.44 15.06 5.88
N GLU A 565 9.36 15.43 6.58
CA GLU A 565 8.68 16.72 6.36
C GLU A 565 9.52 17.89 6.83
N ILE A 566 10.37 17.67 7.83
CA ILE A 566 11.18 18.74 8.41
C ILE A 566 12.35 19.10 7.50
N ILE A 567 13.02 18.11 6.92
CA ILE A 567 14.12 18.38 5.99
C ILE A 567 13.60 18.79 4.61
N LEU A 568 12.36 18.42 4.26
CA LEU A 568 11.73 18.96 3.06
C LEU A 568 11.39 20.44 3.24
N HIS A 569 11.05 20.85 4.46
CA HIS A 569 10.91 22.27 4.76
C HIS A 569 12.25 22.96 4.83
N LEU A 570 13.28 22.28 5.35
CA LEU A 570 14.57 22.90 5.58
C LEU A 570 15.40 23.03 4.31
N LYS A 571 15.21 22.13 3.34
CA LYS A 571 15.90 22.26 2.07
C LYS A 571 15.16 23.17 1.09
N GLY A 572 13.97 23.62 1.44
CA GLY A 572 13.21 24.50 0.58
C GLY A 572 12.57 23.80 -0.59
N LEU A 573 12.32 22.51 -0.46
CA LEU A 573 11.73 21.78 -1.57
C LEU A 573 10.21 21.94 -1.54
N PRO A 574 9.60 22.38 -2.66
CA PRO A 574 8.16 22.67 -2.66
C PRO A 574 7.26 21.45 -2.66
N PHE A 575 7.13 20.80 -1.51
CA PHE A 575 6.35 19.57 -1.41
C PHE A 575 4.87 19.90 -1.39
N LEU A 576 4.08 19.02 -2.02
CA LEU A 576 2.64 19.16 -2.13
C LEU A 576 1.99 18.05 -1.32
N GLU A 577 1.31 18.40 -0.24
CA GLU A 577 0.69 17.41 0.63
C GLU A 577 -0.72 17.07 0.15
N ALA A 578 -1.23 15.96 0.69
CA ALA A 578 -2.39 15.27 0.12
C ALA A 578 -3.69 16.00 0.40
N ASN A 579 -4.05 16.12 1.66
CA ASN A 579 -5.30 16.79 2.02
C ASN A 579 -5.08 18.29 1.98
N PRO A 580 -6.00 19.05 1.38
CA PRO A 580 -5.91 20.51 1.45
C PRO A 580 -6.28 21.03 2.83
N GLU A 581 -5.90 22.24 3.08
CA GLU A 581 -6.26 22.94 4.30
C GLU A 581 -7.73 23.37 4.22
N PRO A 582 -8.43 23.46 5.37
CA PRO A 582 -9.87 23.77 5.32
C PRO A 582 -10.22 25.22 4.97
N TRP A 583 -9.26 26.14 4.93
CA TRP A 583 -9.52 27.48 4.46
C TRP A 583 -9.36 27.61 2.95
N MET A 584 -8.91 26.56 2.27
CA MET A 584 -8.82 26.58 0.81
C MET A 584 -10.13 26.25 0.13
N ARG A 585 -11.13 25.78 0.89
CA ARG A 585 -12.48 25.62 0.37
C ARG A 585 -13.24 26.92 0.28
N ASN A 586 -12.77 27.96 0.97
CA ASN A 586 -13.38 29.28 0.95
C ASN A 586 -12.69 30.24 0.00
N LEU A 587 -11.46 29.95 -0.43
CA LEU A 587 -10.79 30.73 -1.45
C LEU A 587 -11.05 30.08 -2.80
N THR A 588 -11.17 30.91 -3.83
CA THR A 588 -11.41 30.51 -5.21
C THR A 588 -10.10 30.60 -5.98
N VAL A 589 -10.01 29.88 -7.11
CA VAL A 589 -8.83 30.01 -7.95
C VAL A 589 -8.93 31.17 -8.91
N GLY A 590 -10.10 31.80 -9.03
CA GLY A 590 -10.20 33.05 -9.72
C GLY A 590 -9.65 34.15 -8.85
N GLU A 591 -9.90 34.06 -7.54
CA GLU A 591 -9.34 35.03 -6.59
C GLU A 591 -7.86 34.83 -6.39
N LEU A 592 -7.38 33.59 -6.55
CA LEU A 592 -5.94 33.31 -6.49
C LEU A 592 -5.21 33.82 -7.72
N ASN A 593 -5.91 33.95 -8.85
CA ASN A 593 -5.30 34.44 -10.07
C ASN A 593 -5.40 35.96 -10.23
N ASP A 594 -6.24 36.63 -9.45
CA ASP A 594 -6.19 38.09 -9.40
C ASP A 594 -5.07 38.61 -8.52
N ALA A 595 -4.51 37.76 -7.66
CA ALA A 595 -3.32 38.08 -6.88
C ALA A 595 -2.04 37.61 -7.55
N LYS A 596 -2.02 37.58 -8.87
CA LYS A 596 -0.94 37.02 -9.69
C LYS A 596 -0.72 37.93 -10.89
N PRO A 597 0.45 37.85 -11.53
CA PRO A 597 0.65 38.51 -12.83
C PRO A 597 -0.21 37.89 -13.92
N PRO A 598 -0.55 38.64 -14.98
CA PRO A 598 -1.42 38.10 -16.04
C PRO A 598 -0.71 37.07 -16.91
N VAL A 599 -1.53 36.40 -17.72
CA VAL A 599 -1.12 35.16 -18.36
C VAL A 599 -0.31 35.47 -19.60
N VAL A 600 0.91 34.93 -19.66
CA VAL A 600 1.78 35.04 -20.82
C VAL A 600 1.34 33.93 -21.77
N THR A 601 0.48 34.27 -22.72
CA THR A 601 -0.07 33.32 -23.66
C THR A 601 0.71 33.35 -24.96
N LEU A 602 0.38 32.41 -25.84
CA LEU A 602 0.88 32.39 -27.19
C LEU A 602 -0.30 32.16 -28.13
N ASN A 603 -0.06 32.36 -29.42
CA ASN A 603 -1.00 32.08 -30.47
C ASN A 603 -0.75 30.67 -31.01
N GLY A 604 -1.55 30.27 -31.97
CA GLY A 604 -1.35 28.99 -32.61
C GLY A 604 -0.22 29.04 -33.61
N VAL A 605 -0.24 30.04 -34.48
CA VAL A 605 0.89 30.32 -35.34
C VAL A 605 1.51 31.63 -34.85
N GLU A 606 2.47 31.54 -33.94
CA GLU A 606 3.11 32.76 -33.48
C GLU A 606 4.21 33.18 -34.42
N LYS A 607 4.62 34.43 -34.30
CA LYS A 607 5.90 34.83 -34.85
C LYS A 607 7.03 34.28 -33.99
N VAL A 608 8.23 34.27 -34.58
CA VAL A 608 9.43 33.83 -33.87
C VAL A 608 9.81 34.84 -32.80
N ALA A 609 9.54 36.14 -33.06
CA ALA A 609 9.91 37.23 -32.16
C ALA A 609 9.09 37.23 -30.87
N ASN A 610 7.81 36.82 -30.94
CA ASN A 610 7.04 36.69 -29.72
C ASN A 610 7.40 35.44 -28.93
N ILE A 611 7.89 34.40 -29.61
CA ILE A 611 8.35 33.20 -28.92
C ILE A 611 9.65 33.46 -28.18
N VAL A 612 10.56 34.24 -28.78
CA VAL A 612 11.74 34.64 -28.02
C VAL A 612 11.46 35.74 -26.99
N ASP A 613 10.32 36.46 -27.08
CA ASP A 613 9.92 37.32 -25.97
C ASP A 613 9.46 36.51 -24.76
N VAL A 614 8.66 35.46 -24.98
CA VAL A 614 8.25 34.63 -23.85
C VAL A 614 9.34 33.66 -23.40
N LEU A 615 10.40 33.47 -24.17
CA LEU A 615 11.51 32.64 -23.71
C LEU A 615 12.63 33.44 -23.07
N ARG A 616 12.89 34.68 -23.50
CA ARG A 616 13.84 35.52 -22.78
C ARG A 616 13.22 36.09 -21.51
N ASN A 617 12.10 36.79 -21.64
CA ASN A 617 11.65 37.66 -20.56
C ASN A 617 10.84 36.95 -19.49
N THR A 618 10.43 35.70 -19.70
CA THR A 618 9.72 34.95 -18.68
C THR A 618 10.54 33.73 -18.26
N THR A 619 10.24 33.23 -17.06
CA THR A 619 10.82 31.98 -16.57
C THR A 619 9.80 30.86 -16.51
N HIS A 620 8.62 31.08 -17.10
CA HIS A 620 7.54 30.11 -17.05
C HIS A 620 7.81 28.96 -18.01
N ASN A 621 7.36 27.77 -17.62
CA ASN A 621 7.72 26.57 -18.34
C ASN A 621 6.59 25.99 -19.16
N ALA A 622 5.40 26.60 -19.13
CA ALA A 622 4.37 26.31 -20.12
C ALA A 622 3.56 27.57 -20.34
N PHE A 623 3.02 27.67 -21.54
CA PHE A 623 2.33 28.85 -22.03
C PHE A 623 1.04 28.40 -22.69
N PRO A 624 -0.08 29.09 -22.45
CA PRO A 624 -1.31 28.75 -23.17
C PRO A 624 -1.26 29.19 -24.61
N VAL A 625 -1.79 28.34 -25.48
CA VAL A 625 -1.82 28.59 -26.91
C VAL A 625 -3.24 29.00 -27.27
N LEU A 626 -3.37 30.20 -27.82
CA LEU A 626 -4.67 30.82 -28.07
C LEU A 626 -4.88 31.00 -29.57
N ASP A 627 -6.02 31.63 -29.89
CA ASP A 627 -6.46 32.07 -31.23
C ASP A 627 -6.50 31.01 -32.32
N THR A 635 -9.48 33.65 -28.97
CA THR A 635 -10.89 33.30 -29.02
C THR A 635 -11.07 31.79 -29.07
N GLU A 636 -9.96 31.06 -29.07
CA GLU A 636 -10.00 29.61 -28.97
C GLU A 636 -8.74 29.15 -28.26
N LEU A 637 -8.92 28.60 -27.06
CA LEU A 637 -7.80 28.01 -26.33
C LEU A 637 -7.49 26.65 -26.94
N HIS A 638 -6.28 26.49 -27.45
CA HIS A 638 -5.88 25.21 -28.01
C HIS A 638 -5.32 24.29 -26.93
N GLY A 639 -4.39 24.79 -26.12
CA GLY A 639 -3.91 24.01 -25.01
C GLY A 639 -2.74 24.66 -24.29
N LEU A 640 -1.71 23.87 -24.00
CA LEU A 640 -0.50 24.33 -23.33
C LEU A 640 0.71 23.81 -24.09
N ILE A 641 1.45 24.68 -24.74
CA ILE A 641 2.75 24.27 -25.26
C ILE A 641 3.75 24.42 -24.13
N LEU A 642 4.81 23.63 -24.16
CA LEU A 642 5.84 23.67 -23.15
C LEU A 642 6.96 24.59 -23.58
N ARG A 643 7.82 24.95 -22.60
CA ARG A 643 9.00 25.75 -22.89
C ARG A 643 10.03 24.96 -23.66
N ALA A 644 10.11 23.65 -23.36
CA ALA A 644 11.06 22.75 -24.00
C ALA A 644 10.76 22.52 -25.47
N HIS A 645 9.48 22.52 -25.84
CA HIS A 645 9.09 22.45 -27.24
C HIS A 645 9.24 23.76 -27.96
N LEU A 646 9.23 24.89 -27.23
CA LEU A 646 9.50 26.17 -27.85
C LEU A 646 10.98 26.34 -28.16
N VAL A 647 11.85 25.86 -27.27
CA VAL A 647 13.30 25.84 -27.54
C VAL A 647 13.63 24.80 -28.60
N LYS A 648 12.86 23.74 -28.70
CA LYS A 648 13.06 22.77 -29.73
C LYS A 648 12.65 23.28 -31.07
N VAL A 649 11.54 24.00 -31.24
CA VAL A 649 11.22 24.58 -32.55
C VAL A 649 12.05 25.81 -32.89
N LEU A 650 12.76 26.39 -31.92
CA LEU A 650 13.74 27.40 -32.31
C LEU A 650 15.06 26.78 -32.74
N LYS A 651 15.42 25.64 -32.14
CA LYS A 651 16.66 24.96 -32.51
C LYS A 651 16.51 24.15 -33.79
N LYS A 652 15.30 23.66 -34.09
CA LYS A 652 15.07 22.96 -35.34
C LYS A 652 14.99 23.94 -36.52
N ARG A 653 14.63 25.19 -36.22
CA ARG A 653 14.32 26.28 -37.16
C ARG A 653 13.24 25.85 -38.16
N TRP A 654 12.11 25.43 -37.59
CA TRP A 654 10.90 25.11 -38.34
C TRP A 654 10.11 26.41 -38.48
N PHE A 655 10.57 27.25 -39.40
CA PHE A 655 10.10 28.62 -39.52
C PHE A 655 9.34 28.78 -40.83
N LEU A 656 8.11 29.28 -40.73
CA LEU A 656 7.24 29.46 -41.88
C LEU A 656 7.23 30.92 -42.27
N ASN A 657 7.13 31.19 -43.56
CA ASN A 657 7.13 32.58 -44.03
C ASN A 657 5.76 33.22 -43.97
N GLU A 658 4.68 32.43 -43.84
CA GLU A 658 3.33 32.95 -43.75
C GLU A 658 2.61 32.34 -42.56
N LYS A 659 1.53 32.97 -42.14
CA LYS A 659 0.68 32.46 -41.06
C LYS A 659 -0.15 31.32 -41.61
N ARG A 660 0.44 30.12 -41.54
CA ARG A 660 -0.15 28.92 -42.12
C ARG A 660 -0.18 27.84 -41.05
N ARG A 661 -1.35 27.26 -40.82
CA ARG A 661 -1.42 26.04 -40.03
C ARG A 661 -0.93 24.89 -40.90
N THR A 662 0.13 24.22 -40.45
CA THR A 662 0.75 23.16 -41.22
C THR A 662 -0.08 21.89 -41.17
N GLU A 663 0.20 20.99 -42.12
CA GLU A 663 -0.35 19.66 -42.06
C GLU A 663 0.54 18.78 -41.18
N GLU A 664 0.12 17.54 -40.96
CA GLU A 664 0.79 16.66 -40.03
C GLU A 664 1.84 15.78 -40.71
N TRP A 665 2.16 16.03 -41.98
CA TRP A 665 3.35 15.46 -42.57
C TRP A 665 4.56 16.37 -42.44
N GLU A 666 4.32 17.66 -42.23
CA GLU A 666 5.40 18.64 -42.11
C GLU A 666 6.07 18.62 -40.74
N VAL A 667 5.43 17.99 -39.76
CA VAL A 667 5.94 17.99 -38.40
C VAL A 667 6.71 16.72 -38.11
N ARG A 668 6.27 15.59 -38.69
CA ARG A 668 6.96 14.33 -38.52
C ARG A 668 8.24 14.27 -39.35
N GLU A 669 8.35 15.10 -40.39
CA GLU A 669 9.63 15.26 -41.07
C GLU A 669 10.61 16.03 -40.22
N LYS A 670 10.14 16.96 -39.40
CA LYS A 670 11.02 17.76 -38.55
C LYS A 670 11.23 17.17 -37.17
N PHE A 671 10.26 16.42 -36.64
CA PHE A 671 10.30 15.99 -35.25
C PHE A 671 9.98 14.50 -35.15
N THR A 672 10.97 13.72 -34.71
CA THR A 672 10.78 12.35 -34.29
C THR A 672 10.16 12.34 -32.89
N PRO A 673 9.55 11.23 -32.46
CA PRO A 673 9.18 11.10 -31.03
C PRO A 673 10.35 11.01 -30.09
N VAL A 674 11.53 10.60 -30.54
CA VAL A 674 12.74 10.68 -29.73
C VAL A 674 13.32 12.09 -29.74
N GLU A 675 12.93 12.95 -30.68
CA GLU A 675 13.43 14.31 -30.70
C GLU A 675 12.66 15.18 -29.73
N LEU A 676 11.37 14.88 -29.54
CA LEU A 676 10.54 15.67 -28.65
C LEU A 676 10.77 15.32 -27.19
N ALA A 677 11.18 14.09 -26.90
CA ALA A 677 11.37 13.67 -25.52
C ALA A 677 12.72 14.08 -24.96
N GLU A 678 13.68 14.41 -25.82
CA GLU A 678 15.00 14.83 -25.36
C GLU A 678 14.97 16.24 -24.82
N ARG A 679 15.56 16.47 -23.65
CA ARG A 679 15.62 17.80 -23.07
C ARG A 679 16.98 18.38 -23.24
N GLU A 680 17.71 17.89 -24.22
CA GLU A 680 19.08 18.30 -24.48
C GLU A 680 19.11 19.56 -25.36
N ASP A 681 18.39 20.58 -24.89
CA ASP A 681 18.36 21.87 -25.55
C ASP A 681 18.54 22.93 -24.47
N ASN A 682 19.36 23.92 -24.79
CA ASN A 682 19.45 25.13 -23.99
C ASN A 682 18.88 26.25 -24.82
N PHE A 683 18.27 27.23 -24.15
CA PHE A 683 17.78 28.36 -24.92
C PHE A 683 18.91 29.32 -25.26
N ASP A 684 19.95 29.38 -24.42
CA ASP A 684 21.05 30.33 -24.63
C ASP A 684 22.18 29.69 -25.45
N ASP A 685 21.82 29.17 -26.63
CA ASP A 685 22.76 28.96 -27.72
C ASP A 685 22.18 29.39 -29.06
N VAL A 686 20.87 29.64 -29.15
CA VAL A 686 20.23 29.89 -30.42
C VAL A 686 20.42 31.36 -30.78
N ALA A 687 21.07 31.60 -31.92
CA ALA A 687 21.28 32.94 -32.45
C ALA A 687 20.24 33.13 -33.55
N ILE A 688 19.06 33.58 -33.17
CA ILE A 688 17.98 33.82 -34.12
C ILE A 688 18.25 35.15 -34.80
N THR A 689 18.41 35.12 -36.12
CA THR A 689 18.63 36.32 -36.91
C THR A 689 17.33 37.13 -37.00
N SER A 690 17.47 38.44 -37.12
CA SER A 690 16.31 39.35 -37.14
C SER A 690 15.54 39.32 -38.45
N SER A 691 16.11 38.74 -39.52
CA SER A 691 15.30 38.36 -40.66
C SER A 691 14.39 37.20 -40.33
N GLU A 692 14.86 36.27 -39.50
CA GLU A 692 14.07 35.09 -39.11
C GLU A 692 13.10 35.38 -37.98
N MET A 693 13.13 36.56 -37.36
CA MET A 693 12.20 36.87 -36.29
C MET A 693 10.83 37.28 -36.80
N GLN A 694 10.71 37.63 -38.08
CA GLN A 694 9.43 37.93 -38.69
C GLN A 694 8.86 36.73 -39.43
N LEU A 695 9.47 35.56 -39.26
CA LEU A 695 8.90 34.32 -39.75
C LEU A 695 7.94 33.76 -38.70
N TYR A 696 7.32 32.62 -38.99
CA TYR A 696 6.27 32.10 -38.14
C TYR A 696 6.54 30.65 -37.76
N VAL A 697 6.11 30.26 -36.56
CA VAL A 697 6.16 28.88 -36.12
C VAL A 697 4.75 28.40 -35.83
N ASP A 698 4.38 27.27 -36.40
CA ASP A 698 3.13 26.59 -36.07
C ASP A 698 3.28 25.88 -34.72
N LEU A 699 2.68 26.44 -33.68
CA LEU A 699 2.75 25.86 -32.34
C LEU A 699 1.59 24.91 -32.06
N HIS A 700 0.69 24.74 -33.03
CA HIS A 700 -0.37 23.73 -32.97
C HIS A 700 0.06 22.27 -32.75
N PRO A 701 1.04 21.66 -33.46
CA PRO A 701 1.23 20.22 -33.28
C PRO A 701 2.06 19.83 -32.07
N LEU A 702 2.61 20.81 -31.36
CA LEU A 702 3.43 20.59 -30.19
C LEU A 702 2.67 20.93 -28.92
N THR A 703 1.44 21.41 -29.08
CA THR A 703 0.61 21.77 -27.94
C THR A 703 0.06 20.53 -27.28
N ASN A 704 -0.03 20.57 -25.95
CA ASN A 704 -0.84 19.62 -25.21
C ASN A 704 -2.27 20.11 -25.36
N THR A 705 -2.97 19.59 -26.37
CA THR A 705 -4.28 20.08 -26.77
C THR A 705 -5.40 19.67 -25.84
N THR A 706 -5.17 18.70 -24.94
CA THR A 706 -6.08 18.41 -23.84
C THR A 706 -5.37 18.63 -22.49
N PRO A 707 -5.28 19.86 -22.01
CA PRO A 707 -4.78 20.05 -20.64
C PRO A 707 -5.90 19.98 -19.62
N TYR A 708 -5.50 19.76 -18.37
CA TYR A 708 -6.47 19.77 -17.29
C TYR A 708 -6.81 21.21 -16.94
N THR A 709 -8.09 21.51 -16.89
CA THR A 709 -8.58 22.85 -16.62
C THR A 709 -9.43 22.87 -15.36
N VAL A 710 -9.46 24.03 -14.71
CA VAL A 710 -10.47 24.33 -13.72
C VAL A 710 -11.23 25.56 -14.21
N VAL A 711 -12.41 25.77 -13.66
CA VAL A 711 -13.17 26.98 -13.92
C VAL A 711 -12.67 28.09 -13.01
N GLN A 712 -13.12 29.32 -13.26
CA GLN A 712 -12.77 30.44 -12.40
C GLN A 712 -13.42 30.33 -11.02
N SER A 713 -14.61 29.72 -10.96
CA SER A 713 -15.34 29.53 -9.72
C SER A 713 -14.90 28.31 -8.92
N MET A 714 -13.89 27.57 -9.36
CA MET A 714 -13.39 26.41 -8.64
C MET A 714 -12.57 26.84 -7.43
N SER A 715 -12.73 26.12 -6.32
CA SER A 715 -11.98 26.44 -5.12
C SER A 715 -10.54 25.96 -5.23
N VAL A 716 -9.71 26.45 -4.31
CA VAL A 716 -8.29 26.10 -4.28
C VAL A 716 -8.10 24.70 -3.68
N ALA A 717 -9.04 24.25 -2.85
CA ALA A 717 -8.94 22.93 -2.23
C ALA A 717 -9.22 21.81 -3.23
N LYS A 718 -10.19 22.02 -4.12
CA LYS A 718 -10.47 21.02 -5.14
C LYS A 718 -9.46 21.09 -6.29
N ALA A 719 -8.88 22.28 -6.52
CA ALA A 719 -7.83 22.40 -7.52
C ALA A 719 -6.52 21.79 -7.04
N LEU A 720 -6.24 21.83 -5.73
CA LEU A 720 -5.08 21.15 -5.17
C LEU A 720 -5.23 19.63 -5.24
N VAL A 721 -6.46 19.15 -5.05
CA VAL A 721 -6.77 17.73 -5.13
C VAL A 721 -6.64 17.23 -6.56
N LEU A 722 -7.03 17.99 -7.56
CA LEU A 722 -6.77 17.59 -8.93
C LEU A 722 -5.31 17.78 -9.31
N PHE A 723 -4.64 18.76 -8.73
CA PHE A 723 -3.22 18.91 -9.04
C PHE A 723 -2.37 17.76 -8.53
N ARG A 724 -2.74 17.20 -7.42
CA ARG A 724 -1.94 16.17 -6.87
C ARG A 724 -2.46 14.78 -7.09
N SER A 725 -3.64 14.60 -7.62
CA SER A 725 -4.09 13.24 -7.91
C SER A 725 -3.68 12.77 -9.30
N VAL A 726 -3.78 13.63 -10.31
CA VAL A 726 -3.47 13.22 -11.67
C VAL A 726 -2.05 13.57 -12.07
N GLY A 727 -1.31 14.27 -11.22
CA GLY A 727 0.09 14.54 -11.48
C GLY A 727 0.30 15.68 -12.44
N LEU A 728 -0.11 16.88 -12.04
CA LEU A 728 -0.08 18.04 -12.91
C LEU A 728 1.14 18.90 -12.65
N ARG A 729 1.54 19.65 -13.67
CA ARG A 729 2.52 20.71 -13.55
C ARG A 729 1.91 22.07 -13.83
N HIS A 730 0.98 22.14 -14.78
CA HIS A 730 0.30 23.37 -15.12
C HIS A 730 -1.19 23.06 -15.25
N LEU A 731 -2.00 23.72 -14.45
CA LEU A 731 -3.45 23.59 -14.49
C LEU A 731 -4.02 24.90 -14.98
N LEU A 732 -4.71 24.86 -16.11
CA LEU A 732 -5.27 26.07 -16.68
C LEU A 732 -6.54 26.49 -15.95
N VAL A 733 -6.81 27.79 -15.94
CA VAL A 733 -8.05 28.31 -15.39
C VAL A 733 -8.83 28.95 -16.52
N VAL A 734 -10.00 28.42 -16.83
CA VAL A 734 -10.84 28.94 -17.89
C VAL A 734 -11.95 29.76 -17.24
N PRO A 735 -12.63 30.66 -17.96
CA PRO A 735 -13.83 31.28 -17.39
C PRO A 735 -14.99 30.31 -17.27
N LYS A 736 -15.95 30.71 -16.45
CA LYS A 736 -17.06 29.85 -16.06
C LYS A 736 -18.10 29.69 -17.17
N SER A 743 -10.85 36.02 -24.37
CA SER A 743 -9.96 35.41 -23.39
C SER A 743 -10.50 34.05 -22.93
N PRO A 744 -10.16 32.98 -23.66
CA PRO A 744 -10.60 31.64 -23.23
C PRO A 744 -9.79 31.07 -22.09
N VAL A 745 -8.61 31.61 -21.80
CA VAL A 745 -7.89 31.33 -20.57
C VAL A 745 -7.83 32.63 -19.78
N ILE A 746 -7.82 32.51 -18.46
CA ILE A 746 -7.72 33.68 -17.60
C ILE A 746 -6.63 33.44 -16.57
N GLY A 747 -6.17 32.20 -16.47
CA GLY A 747 -5.22 31.88 -15.42
C GLY A 747 -4.51 30.57 -15.68
N ILE A 748 -3.42 30.36 -14.95
CA ILE A 748 -2.68 29.11 -14.98
C ILE A 748 -2.11 28.86 -13.59
N LEU A 749 -2.44 27.71 -13.01
CA LEU A 749 -1.98 27.35 -11.68
C LEU A 749 -0.84 26.35 -11.77
N THR A 750 0.19 26.58 -10.96
CA THR A 750 1.31 25.67 -10.82
C THR A 750 1.34 25.16 -9.38
N ARG A 751 2.43 24.46 -9.05
CA ARG A 751 2.64 23.91 -7.71
C ARG A 751 2.86 25.01 -6.68
N GLN A 752 3.49 26.11 -7.09
CA GLN A 752 3.75 27.28 -6.25
C GLN A 752 2.46 27.99 -5.85
N ASP A 753 1.47 28.03 -6.74
CA ASP A 753 0.20 28.67 -6.43
C ASP A 753 -0.68 27.84 -5.53
N LEU A 754 -0.45 26.53 -5.44
CA LEU A 754 -1.33 25.66 -4.69
C LEU A 754 -0.71 25.13 -3.41
N ARG A 755 0.55 25.49 -3.15
CA ARG A 755 1.11 25.29 -1.82
C ARG A 755 0.53 26.31 -0.87
N ALA A 756 0.22 25.86 0.35
CA ALA A 756 -0.54 26.66 1.31
C ALA A 756 0.26 27.81 1.91
N TYR A 757 1.60 27.71 1.89
CA TYR A 757 2.44 28.76 2.44
C TYR A 757 2.47 29.98 1.52
N ASN A 758 2.52 29.77 0.21
CA ASN A 758 2.51 30.89 -0.73
C ASN A 758 1.12 31.50 -0.90
N ILE A 759 0.06 30.76 -0.56
CA ILE A 759 -1.27 31.35 -0.51
C ILE A 759 -1.40 32.24 0.72
N LEU A 760 -0.85 31.80 1.86
CA LEU A 760 -0.91 32.60 3.08
C LEU A 760 0.05 33.79 3.09
N GLN A 761 1.00 33.89 2.15
CA GLN A 761 1.67 35.16 1.91
C GLN A 761 0.73 36.15 1.23
N ALA A 762 0.08 35.73 0.14
CA ALA A 762 -0.78 36.61 -0.63
C ALA A 762 -2.13 36.82 0.02
N PHE A 763 -2.54 35.93 0.91
CA PHE A 763 -3.83 36.03 1.60
C PHE A 763 -3.58 35.74 3.07
N PRO A 764 -3.21 36.76 3.86
CA PRO A 764 -2.96 36.51 5.29
C PRO A 764 -4.24 36.40 6.12
N HIS A 765 -5.39 36.82 5.59
CA HIS A 765 -6.63 36.80 6.35
C HIS A 765 -7.24 35.41 6.45
N LEU A 766 -6.81 34.47 5.64
CA LEU A 766 -7.24 33.08 5.79
C LEU A 766 -6.54 32.42 6.97
N ASP A 767 -7.07 31.28 7.39
CA ASP A 767 -6.55 30.59 8.56
C ASP A 767 -5.24 29.87 8.28
N HIS B 53 -30.21 -0.48 -13.01
CA HIS B 53 -29.33 0.64 -12.80
C HIS B 53 -28.94 0.83 -11.33
N ILE B 54 -27.66 0.64 -11.01
CA ILE B 54 -27.15 0.81 -9.66
C ILE B 54 -26.47 2.14 -9.64
N GLU B 55 -26.81 2.96 -8.68
CA GLU B 55 -26.31 4.29 -8.66
C GLU B 55 -25.00 4.35 -8.00
N SER B 56 -24.25 5.39 -8.27
CA SER B 56 -22.96 5.56 -7.71
C SER B 56 -23.09 6.25 -6.39
N LEU B 57 -21.98 6.50 -5.76
CA LEU B 57 -22.02 7.03 -4.45
C LEU B 57 -21.47 8.41 -4.49
N ASP B 58 -21.94 9.28 -3.61
CA ASP B 58 -21.52 10.68 -3.62
C ASP B 58 -20.41 10.97 -2.62
N TYR B 59 -19.19 11.04 -3.10
CA TYR B 59 -18.06 11.19 -2.25
C TYR B 59 -17.45 12.52 -2.45
N GLU B 60 -18.17 13.42 -3.08
CA GLU B 60 -17.63 14.71 -3.38
C GLU B 60 -18.08 15.63 -2.32
N ILE B 61 -17.29 16.66 -2.09
CA ILE B 61 -17.59 17.56 -1.02
C ILE B 61 -18.22 18.83 -1.44
N ASN B 62 -19.44 19.07 -1.04
CA ASN B 62 -20.06 20.37 -1.18
C ASN B 62 -19.38 21.32 -0.20
N GLU B 63 -18.67 22.30 -0.71
CA GLU B 63 -17.82 23.16 0.09
C GLU B 63 -18.54 24.40 0.62
N ASN B 64 -19.86 24.47 0.44
CA ASN B 64 -20.68 25.37 1.21
C ASN B 64 -20.69 24.94 2.66
N ASP B 65 -20.71 25.92 3.57
CA ASP B 65 -20.70 25.64 5.00
C ASP B 65 -22.10 25.44 5.57
N LEU B 66 -23.13 25.50 4.73
CA LEU B 66 -24.44 24.99 5.10
C LEU B 66 -24.41 23.47 5.25
N PHE B 67 -23.62 22.79 4.43
CA PHE B 67 -23.60 21.34 4.39
C PHE B 67 -22.67 20.72 5.42
N LYS B 68 -21.55 21.40 5.70
CA LYS B 68 -20.48 21.02 6.63
C LYS B 68 -19.90 19.64 6.32
N HIS B 69 -19.56 19.43 5.06
CA HIS B 69 -19.01 18.14 4.62
C HIS B 69 -17.55 18.00 5.03
N ASP B 70 -16.80 19.10 5.05
CA ASP B 70 -15.44 19.10 5.56
C ASP B 70 -15.50 19.05 7.08
N TRP B 71 -14.85 18.04 7.67
CA TRP B 71 -14.92 17.85 9.10
C TRP B 71 -14.03 18.81 9.87
N ARG B 72 -13.02 19.39 9.20
CA ARG B 72 -12.14 20.37 9.82
C ARG B 72 -12.74 21.78 9.86
N SER B 73 -13.86 22.00 9.15
CA SER B 73 -14.54 23.28 9.12
C SER B 73 -15.64 23.36 10.16
N ARG B 74 -15.70 22.42 11.09
CA ARG B 74 -16.69 22.39 12.15
C ARG B 74 -16.16 23.14 13.36
N SER B 75 -16.83 22.99 14.50
CA SER B 75 -16.36 23.58 15.74
C SER B 75 -15.19 22.78 16.30
N LYS B 76 -14.50 23.36 17.27
CA LYS B 76 -13.34 22.71 17.88
C LYS B 76 -13.74 21.54 18.78
N ALA B 77 -14.97 21.53 19.29
CA ALA B 77 -15.49 20.33 19.92
C ALA B 77 -15.79 19.26 18.88
N GLN B 78 -16.35 19.64 17.74
CA GLN B 78 -16.80 18.68 16.74
C GLN B 78 -15.67 18.10 15.89
N VAL B 79 -14.55 18.80 15.78
CA VAL B 79 -13.33 18.20 15.22
C VAL B 79 -12.82 17.12 16.17
N PHE B 80 -12.86 17.40 17.48
CA PHE B 80 -12.48 16.43 18.50
C PHE B 80 -13.49 15.30 18.62
N GLN B 81 -14.77 15.59 18.38
CA GLN B 81 -15.81 14.56 18.41
C GLN B 81 -15.70 13.62 17.21
N TYR B 82 -15.32 14.16 16.04
CA TYR B 82 -15.11 13.33 14.86
C TYR B 82 -13.86 12.48 14.99
N ILE B 83 -12.78 13.04 15.54
CA ILE B 83 -11.50 12.34 15.65
C ILE B 83 -11.58 11.22 16.69
N PHE B 84 -12.23 11.50 17.83
CA PHE B 84 -12.47 10.50 18.87
C PHE B 84 -13.40 9.41 18.40
N LEU B 85 -14.46 9.74 17.66
CA LEU B 85 -15.38 8.70 17.25
C LEU B 85 -14.91 7.91 16.05
N LYS B 86 -14.04 8.45 15.18
CA LYS B 86 -13.51 7.61 14.12
C LYS B 86 -12.43 6.66 14.61
N TRP B 87 -11.70 7.02 15.68
CA TRP B 87 -10.77 6.05 16.24
C TRP B 87 -11.45 5.07 17.19
N THR B 88 -12.56 5.48 17.83
CA THR B 88 -13.42 4.57 18.59
C THR B 88 -14.08 3.56 17.67
N LEU B 89 -14.56 4.02 16.50
CA LEU B 89 -15.19 3.10 15.55
C LEU B 89 -14.18 2.20 14.87
N ALA B 90 -12.92 2.62 14.72
CA ALA B 90 -11.88 1.70 14.25
C ALA B 90 -11.53 0.65 15.29
N CYS B 91 -11.52 1.05 16.58
CA CYS B 91 -11.33 0.10 17.69
C CYS B 91 -12.52 -0.84 17.82
N LEU B 92 -13.74 -0.34 17.60
CA LEU B 92 -14.93 -1.16 17.73
C LEU B 92 -15.13 -2.09 16.54
N VAL B 93 -14.66 -1.69 15.35
CA VAL B 93 -14.62 -2.59 14.20
C VAL B 93 -13.64 -3.72 14.45
N GLY B 94 -12.49 -3.40 15.06
CA GLY B 94 -11.52 -4.42 15.44
C GLY B 94 -11.98 -5.35 16.54
N LEU B 95 -12.67 -4.80 17.55
CA LEU B 95 -13.17 -5.58 18.67
C LEU B 95 -14.35 -6.47 18.25
N PHE B 96 -15.24 -5.96 17.41
CA PHE B 96 -16.40 -6.76 17.04
C PHE B 96 -16.10 -7.78 15.94
N THR B 97 -15.18 -7.49 15.01
CA THR B 97 -14.79 -8.51 14.03
C THR B 97 -13.91 -9.59 14.68
N GLY B 98 -13.10 -9.22 15.68
CA GLY B 98 -12.35 -10.22 16.42
C GLY B 98 -13.22 -11.09 17.30
N LEU B 99 -14.27 -10.53 17.90
CA LEU B 99 -15.19 -11.31 18.72
C LEU B 99 -16.12 -12.18 17.88
N ILE B 100 -16.54 -11.71 16.71
CA ILE B 100 -17.42 -12.51 15.86
C ILE B 100 -16.64 -13.64 15.19
N ALA B 101 -15.38 -13.38 14.79
CA ALA B 101 -14.54 -14.46 14.27
C ALA B 101 -14.05 -15.42 15.34
N THR B 102 -13.98 -14.98 16.61
CA THR B 102 -13.83 -15.90 17.73
C THR B 102 -15.03 -16.83 17.82
N LEU B 103 -16.24 -16.26 17.75
CA LEU B 103 -17.47 -17.04 17.87
C LEU B 103 -17.73 -17.91 16.64
N ILE B 104 -17.26 -17.48 15.47
CA ILE B 104 -17.36 -18.25 14.25
C ILE B 104 -16.40 -19.44 14.29
N ASN B 105 -15.15 -19.21 14.74
CA ASN B 105 -14.17 -20.30 14.84
C ASN B 105 -14.47 -21.26 15.98
N LEU B 106 -15.07 -20.76 17.07
CA LEU B 106 -15.51 -21.60 18.18
C LEU B 106 -16.67 -22.50 17.76
N ALA B 107 -17.63 -21.96 17.02
CA ALA B 107 -18.77 -22.76 16.58
C ALA B 107 -18.39 -23.72 15.46
N VAL B 108 -17.46 -23.34 14.57
CA VAL B 108 -17.05 -24.21 13.48
C VAL B 108 -16.20 -25.37 14.00
N GLU B 109 -15.27 -25.09 14.93
CA GLU B 109 -14.42 -26.16 15.46
C GLU B 109 -15.17 -27.06 16.43
N ASN B 110 -16.20 -26.56 17.12
CA ASN B 110 -16.97 -27.46 17.98
C ASN B 110 -17.97 -28.30 17.19
N ILE B 111 -18.65 -27.73 16.19
CA ILE B 111 -19.67 -28.49 15.45
C ILE B 111 -19.00 -29.48 14.50
N ALA B 112 -18.01 -29.04 13.72
CA ALA B 112 -17.31 -29.96 12.83
C ALA B 112 -16.36 -30.89 13.57
N GLY B 113 -15.85 -30.50 14.75
CA GLY B 113 -15.02 -31.41 15.51
C GLY B 113 -15.81 -32.52 16.18
N TYR B 114 -16.98 -32.20 16.73
CA TYR B 114 -17.81 -33.24 17.31
C TYR B 114 -18.52 -34.08 16.26
N LYS B 115 -18.72 -33.53 15.05
CA LYS B 115 -19.21 -34.33 13.93
C LYS B 115 -18.16 -35.33 13.48
N LEU B 116 -16.90 -34.89 13.34
CA LEU B 116 -15.83 -35.80 12.95
C LEU B 116 -15.42 -36.74 14.09
N LEU B 117 -15.69 -36.38 15.35
CA LEU B 117 -15.50 -37.32 16.44
C LEU B 117 -16.57 -38.40 16.44
N ALA B 118 -17.82 -38.05 16.09
CA ALA B 118 -18.88 -39.05 15.98
C ALA B 118 -18.68 -39.93 14.75
N VAL B 119 -18.17 -39.34 13.67
CA VAL B 119 -17.89 -40.07 12.44
C VAL B 119 -16.71 -41.00 12.62
N GLY B 120 -15.67 -40.55 13.32
CA GLY B 120 -14.56 -41.42 13.68
C GLY B 120 -14.86 -42.43 14.76
N TYR B 121 -15.92 -42.20 15.56
CA TYR B 121 -16.40 -43.23 16.47
C TYR B 121 -17.07 -44.36 15.72
N TYR B 122 -17.83 -44.05 14.68
CA TYR B 122 -18.41 -45.12 13.87
C TYR B 122 -17.39 -45.73 12.90
N ILE B 123 -16.30 -45.02 12.61
CA ILE B 123 -15.23 -45.57 11.78
C ILE B 123 -14.37 -46.55 12.56
N ALA B 124 -14.07 -46.23 13.82
CA ALA B 124 -13.22 -47.09 14.66
C ALA B 124 -13.91 -48.36 15.14
N GLN B 125 -15.24 -48.43 15.05
CA GLN B 125 -15.98 -49.66 15.30
C GLN B 125 -16.17 -50.50 14.05
N ASP B 126 -15.53 -50.10 12.94
CA ASP B 126 -15.63 -50.68 11.58
C ASP B 126 -17.07 -50.71 11.07
N ARG B 127 -17.80 -49.64 11.34
CA ARG B 127 -19.15 -49.44 10.83
C ARG B 127 -19.08 -48.29 9.83
N PHE B 128 -18.68 -48.62 8.61
CA PHE B 128 -18.40 -47.61 7.61
C PHE B 128 -19.64 -47.15 6.87
N TRP B 129 -20.76 -47.85 7.01
CA TRP B 129 -21.98 -47.37 6.38
C TRP B 129 -22.72 -46.39 7.26
N THR B 130 -22.79 -46.61 8.57
CA THR B 130 -23.47 -45.67 9.44
C THR B 130 -22.60 -44.48 9.83
N GLY B 131 -21.30 -44.52 9.53
CA GLY B 131 -20.50 -43.31 9.63
C GLY B 131 -20.64 -42.45 8.39
N LEU B 132 -21.10 -43.04 7.29
CA LEU B 132 -21.43 -42.26 6.11
C LEU B 132 -22.75 -41.53 6.28
N MET B 133 -23.72 -42.14 6.99
CA MET B 133 -25.01 -41.49 7.26
C MET B 133 -24.89 -40.34 8.24
N VAL B 134 -24.00 -40.45 9.22
CA VAL B 134 -23.77 -39.38 10.19
C VAL B 134 -23.05 -38.22 9.52
N PHE B 135 -22.12 -38.52 8.62
CA PHE B 135 -21.36 -37.50 7.88
C PHE B 135 -22.23 -36.78 6.85
N THR B 136 -22.95 -37.55 6.01
CA THR B 136 -23.84 -36.96 5.00
C THR B 136 -25.05 -36.28 5.63
N GLY B 137 -25.58 -36.81 6.73
CA GLY B 137 -26.72 -36.20 7.39
C GLY B 137 -26.41 -34.93 8.14
N ALA B 138 -25.26 -34.85 8.81
CA ALA B 138 -24.88 -33.61 9.48
C ALA B 138 -24.44 -32.55 8.49
N ASN B 139 -23.82 -32.94 7.38
CA ASN B 139 -23.46 -31.97 6.35
C ASN B 139 -24.67 -31.49 5.56
N LEU B 140 -25.66 -32.35 5.34
CA LEU B 140 -26.90 -31.91 4.70
C LEU B 140 -27.72 -31.03 5.62
N GLY B 141 -27.71 -31.32 6.93
CA GLY B 141 -28.45 -30.50 7.87
C GLY B 141 -27.84 -29.13 8.11
N LEU B 142 -26.51 -29.05 8.12
CA LEU B 142 -25.86 -27.75 8.27
C LEU B 142 -25.95 -26.92 6.99
N THR B 143 -25.94 -27.58 5.82
CA THR B 143 -26.15 -26.84 4.59
C THR B 143 -27.61 -26.45 4.39
N LEU B 144 -28.55 -27.22 4.97
CA LEU B 144 -29.96 -26.84 4.92
C LEU B 144 -30.26 -25.64 5.79
N VAL B 145 -29.59 -25.54 6.96
CA VAL B 145 -29.66 -24.38 7.85
C VAL B 145 -29.10 -23.13 7.17
N ALA B 146 -27.94 -23.27 6.51
CA ALA B 146 -27.29 -22.14 5.83
C ALA B 146 -28.06 -21.70 4.58
N THR B 147 -28.73 -22.63 3.89
CA THR B 147 -29.42 -22.24 2.67
C THR B 147 -30.82 -21.74 2.87
N VAL B 148 -31.57 -22.19 3.88
CA VAL B 148 -32.87 -21.56 4.10
C VAL B 148 -32.69 -20.20 4.76
N LEU B 149 -31.57 -19.99 5.48
CA LEU B 149 -31.29 -18.67 6.01
C LEU B 149 -30.79 -17.72 4.91
N VAL B 150 -30.08 -18.22 3.89
CA VAL B 150 -29.66 -17.33 2.81
C VAL B 150 -30.83 -17.06 1.86
N VAL B 151 -31.47 -18.09 1.30
CA VAL B 151 -32.41 -17.83 0.21
C VAL B 151 -33.78 -17.34 0.66
N TYR B 152 -34.11 -17.44 1.95
CA TYR B 152 -35.38 -16.89 2.37
C TYR B 152 -35.26 -15.62 3.20
N PHE B 153 -34.07 -15.27 3.66
CA PHE B 153 -33.97 -14.12 4.55
C PHE B 153 -32.97 -13.07 4.12
N ALA B 154 -31.82 -13.45 3.56
CA ALA B 154 -30.79 -12.49 3.15
C ALA B 154 -29.96 -13.04 2.01
N PRO B 155 -30.45 -12.93 0.77
CA PRO B 155 -29.76 -13.57 -0.36
C PRO B 155 -28.52 -12.84 -0.87
N THR B 156 -28.18 -11.68 -0.33
CA THR B 156 -26.93 -11.02 -0.63
C THR B 156 -25.80 -11.50 0.26
N ALA B 157 -26.07 -12.38 1.22
CA ALA B 157 -25.06 -13.06 2.01
C ALA B 157 -24.53 -14.30 1.33
N ALA B 158 -25.08 -14.69 0.18
CA ALA B 158 -24.49 -15.76 -0.62
C ALA B 158 -23.21 -15.28 -1.26
N GLY B 159 -22.24 -16.17 -1.34
CA GLY B 159 -20.95 -15.82 -1.91
C GLY B 159 -20.08 -15.14 -0.89
N PRO B 160 -18.97 -14.55 -1.34
CA PRO B 160 -18.04 -13.93 -0.37
C PRO B 160 -18.34 -12.49 0.00
N GLY B 161 -18.97 -11.72 -0.89
CA GLY B 161 -19.15 -10.30 -0.70
C GLY B 161 -17.99 -9.43 -1.18
N ILE B 162 -16.82 -10.05 -1.46
CA ILE B 162 -15.65 -9.28 -1.91
C ILE B 162 -15.78 -8.69 -3.31
N PRO B 163 -16.44 -9.31 -4.32
CA PRO B 163 -16.77 -8.54 -5.54
C PRO B 163 -17.79 -7.41 -5.37
N GLU B 164 -18.57 -7.35 -4.29
CA GLU B 164 -19.44 -6.20 -4.07
C GLU B 164 -18.99 -5.33 -2.91
N ILE B 165 -17.88 -5.67 -2.24
CA ILE B 165 -17.18 -4.68 -1.42
C ILE B 165 -16.30 -3.83 -2.32
N LYS B 166 -15.61 -4.49 -3.27
CA LYS B 166 -14.79 -3.84 -4.29
C LYS B 166 -15.63 -3.04 -5.28
N ALA B 167 -16.89 -3.41 -5.47
CA ALA B 167 -17.83 -2.54 -6.15
C ALA B 167 -18.19 -1.32 -5.30
N TYR B 168 -18.41 -1.54 -4.00
CA TYR B 168 -18.87 -0.46 -3.11
C TYR B 168 -17.76 0.53 -2.80
N LEU B 169 -16.52 0.07 -2.72
CA LEU B 169 -15.43 0.99 -2.47
C LEU B 169 -14.89 1.62 -3.75
N ASN B 170 -15.38 1.20 -4.91
CA ASN B 170 -15.22 1.92 -6.16
C ASN B 170 -16.30 2.97 -6.36
N GLY B 171 -17.29 3.03 -5.49
CA GLY B 171 -18.34 4.00 -5.61
C GLY B 171 -19.54 3.54 -6.37
N ILE B 172 -19.93 2.28 -6.25
CA ILE B 172 -21.18 1.78 -6.78
C ILE B 172 -22.07 1.44 -5.60
N ASP B 173 -23.27 2.02 -5.58
CA ASP B 173 -24.19 1.85 -4.45
C ASP B 173 -24.85 0.49 -4.57
N THR B 174 -24.17 -0.53 -4.05
CA THR B 174 -24.69 -1.89 -4.10
C THR B 174 -25.76 -2.06 -3.04
N PRO B 175 -27.00 -2.38 -3.42
CA PRO B 175 -28.08 -2.46 -2.42
C PRO B 175 -28.05 -3.78 -1.66
N ASN B 176 -28.55 -3.69 -0.41
CA ASN B 176 -28.81 -4.80 0.53
C ASN B 176 -27.54 -5.56 0.93
N MET B 177 -26.38 -4.91 0.85
CA MET B 177 -25.11 -5.61 1.05
C MET B 177 -24.68 -5.57 2.50
N PHE B 178 -24.74 -4.40 3.13
CA PHE B 178 -24.25 -4.22 4.49
C PHE B 178 -25.44 -3.94 5.40
N GLY B 179 -26.08 -5.02 5.86
CA GLY B 179 -27.20 -4.89 6.75
C GLY B 179 -26.95 -5.67 8.03
N PHE B 180 -27.95 -5.72 8.91
CA PHE B 180 -27.83 -6.54 10.11
C PHE B 180 -28.28 -7.97 9.85
N THR B 181 -29.37 -8.13 9.09
CA THR B 181 -29.85 -9.46 8.76
C THR B 181 -28.96 -10.16 7.75
N THR B 182 -28.28 -9.39 6.88
CA THR B 182 -27.27 -9.92 5.98
C THR B 182 -26.05 -10.40 6.75
N MET B 183 -25.69 -9.66 7.80
CA MET B 183 -24.56 -10.00 8.67
C MET B 183 -24.83 -11.25 9.49
N MET B 184 -26.03 -11.36 10.07
CA MET B 184 -26.35 -12.48 10.92
C MET B 184 -26.59 -13.77 10.14
N VAL B 185 -27.14 -13.66 8.92
CA VAL B 185 -27.26 -14.82 8.05
C VAL B 185 -25.89 -15.27 7.55
N LYS B 186 -24.96 -14.32 7.33
CA LYS B 186 -23.60 -14.70 6.93
C LYS B 186 -22.80 -15.30 8.09
N ILE B 187 -23.10 -14.90 9.34
CA ILE B 187 -22.44 -15.48 10.51
C ILE B 187 -22.90 -16.93 10.72
N VAL B 188 -24.21 -17.16 10.77
CA VAL B 188 -24.69 -18.53 10.99
C VAL B 188 -24.66 -19.37 9.72
N GLY B 189 -24.52 -18.75 8.54
CA GLY B 189 -24.33 -19.51 7.32
C GLY B 189 -22.89 -19.92 7.09
N SER B 190 -21.92 -19.13 7.57
CA SER B 190 -20.55 -19.62 7.60
C SER B 190 -20.36 -20.65 8.70
N ILE B 191 -21.08 -20.52 9.82
CA ILE B 191 -21.07 -21.50 10.89
C ILE B 191 -21.71 -22.82 10.42
N GLY B 192 -22.71 -22.73 9.56
CA GLY B 192 -23.25 -23.93 8.93
C GLY B 192 -22.34 -24.53 7.87
N ALA B 193 -21.91 -23.74 6.89
CA ALA B 193 -21.30 -24.31 5.70
C ALA B 193 -19.81 -24.60 5.82
N VAL B 194 -19.08 -24.02 6.77
CA VAL B 194 -17.72 -24.50 7.01
C VAL B 194 -17.74 -25.76 7.85
N ALA B 195 -18.68 -25.86 8.79
CA ALA B 195 -18.82 -27.09 9.56
C ALA B 195 -19.56 -28.20 8.81
N ALA B 196 -20.12 -27.91 7.63
CA ALA B 196 -20.66 -28.93 6.74
C ALA B 196 -19.63 -29.49 5.77
N GLY B 197 -18.34 -29.28 6.02
CA GLY B 197 -17.27 -29.91 5.29
C GLY B 197 -17.07 -29.45 3.87
N LEU B 198 -17.66 -28.31 3.52
CA LEU B 198 -17.76 -27.92 2.12
C LEU B 198 -16.47 -27.26 1.66
N ASP B 199 -16.31 -27.16 0.35
CA ASP B 199 -15.12 -26.53 -0.21
C ASP B 199 -15.39 -25.03 -0.31
N LEU B 200 -15.25 -24.38 0.85
CA LEU B 200 -15.35 -22.96 1.07
C LEU B 200 -14.70 -22.72 2.42
N GLY B 201 -14.40 -21.45 2.70
CA GLY B 201 -13.91 -21.07 4.00
C GLY B 201 -14.87 -20.09 4.66
N LYS B 202 -14.43 -19.53 5.79
CA LYS B 202 -15.14 -18.48 6.51
C LYS B 202 -14.22 -17.33 6.39
N GLU B 203 -13.41 -17.35 5.38
CA GLU B 203 -12.36 -16.36 5.22
C GLU B 203 -12.85 -15.13 4.47
N GLY B 204 -13.34 -15.32 3.24
CA GLY B 204 -14.07 -14.32 2.48
C GLY B 204 -15.39 -13.84 3.04
N PRO B 205 -16.25 -14.72 3.61
CA PRO B 205 -17.39 -14.24 4.41
C PRO B 205 -17.07 -13.35 5.59
N LEU B 206 -15.88 -13.48 6.21
CA LEU B 206 -15.50 -12.59 7.30
C LEU B 206 -15.19 -11.17 6.80
N VAL B 207 -14.77 -11.04 5.54
CA VAL B 207 -14.58 -9.73 4.91
C VAL B 207 -15.91 -9.01 4.73
N HIS B 208 -16.94 -9.76 4.30
CA HIS B 208 -18.29 -9.17 4.26
C HIS B 208 -18.85 -8.93 5.66
N ILE B 209 -18.54 -9.80 6.63
CA ILE B 209 -19.06 -9.68 8.00
C ILE B 209 -18.44 -8.50 8.74
N GLY B 210 -17.14 -8.24 8.49
CA GLY B 210 -16.48 -7.10 9.09
C GLY B 210 -16.88 -5.77 8.49
N SER B 211 -17.16 -5.75 7.18
CA SER B 211 -17.70 -4.52 6.60
C SER B 211 -19.17 -4.31 6.94
N CYS B 212 -19.93 -5.39 7.18
CA CYS B 212 -21.30 -5.24 7.71
C CYS B 212 -21.29 -4.73 9.15
N ILE B 213 -20.31 -5.18 9.95
CA ILE B 213 -20.08 -4.68 11.31
C ILE B 213 -19.74 -3.21 11.29
N ALA B 214 -18.97 -2.80 10.28
CA ALA B 214 -18.51 -1.43 10.12
C ALA B 214 -19.63 -0.48 9.70
N SER B 215 -20.51 -0.93 8.82
CA SER B 215 -21.64 -0.10 8.41
C SER B 215 -22.69 0.02 9.51
N LEU B 216 -22.91 -1.03 10.29
CA LEU B 216 -23.84 -0.93 11.40
C LEU B 216 -23.28 -0.12 12.56
N LEU B 217 -21.96 -0.11 12.72
CA LEU B 217 -21.37 0.73 13.75
C LEU B 217 -21.33 2.19 13.34
N GLY B 218 -21.13 2.46 12.05
CA GLY B 218 -21.10 3.81 11.56
C GLY B 218 -22.45 4.49 11.49
N GLN B 219 -23.48 3.76 11.05
CA GLN B 219 -24.81 4.33 11.03
C GLN B 219 -25.54 4.16 12.36
N GLY B 220 -25.02 3.35 13.27
CA GLY B 220 -25.54 3.26 14.61
C GLY B 220 -26.53 2.15 14.88
N GLY B 221 -26.38 1.00 14.22
CA GLY B 221 -27.29 -0.10 14.41
C GLY B 221 -28.01 -0.47 13.14
N PRO B 222 -29.03 -1.34 13.23
CA PRO B 222 -29.76 -1.75 12.02
C PRO B 222 -30.68 -0.65 11.50
N ASP B 223 -31.10 -0.81 10.25
CA ASP B 223 -31.92 0.19 9.59
C ASP B 223 -33.35 0.14 10.12
N ASN B 224 -33.87 1.32 10.48
CA ASN B 224 -35.02 1.56 11.37
C ASN B 224 -34.88 0.88 12.74
N HIS B 225 -33.65 0.78 13.24
CA HIS B 225 -33.35 0.41 14.62
C HIS B 225 -32.14 1.20 15.10
N ARG B 226 -31.78 2.27 14.41
CA ARG B 226 -30.61 3.07 14.72
C ARG B 226 -30.85 3.90 15.98
N ILE B 227 -29.80 4.01 16.79
CA ILE B 227 -29.82 5.01 17.85
C ILE B 227 -29.66 6.39 17.23
N LYS B 228 -30.35 7.36 17.82
CA LYS B 228 -30.22 8.74 17.34
C LYS B 228 -29.22 9.52 18.18
N TRP B 229 -27.98 9.05 18.14
CA TRP B 229 -26.86 9.76 18.72
C TRP B 229 -26.51 10.91 17.81
N ARG B 230 -26.28 12.10 18.39
CA ARG B 230 -25.86 13.25 17.61
C ARG B 230 -24.41 13.18 17.19
N TRP B 231 -23.59 12.36 17.86
CA TRP B 231 -22.19 12.25 17.49
C TRP B 231 -21.95 11.32 16.32
N LEU B 232 -22.97 10.59 15.86
CA LEU B 232 -22.88 9.78 14.65
C LEU B 232 -23.33 10.54 13.41
N ARG B 233 -23.51 11.86 13.51
CA ARG B 233 -23.98 12.67 12.39
C ARG B 233 -22.88 12.92 11.37
N TYR B 234 -21.61 12.74 11.73
CA TYR B 234 -20.51 13.00 10.82
C TYR B 234 -20.16 11.81 9.95
N PHE B 235 -20.67 10.62 10.28
CA PHE B 235 -20.41 9.43 9.49
C PHE B 235 -21.57 9.08 8.58
N ASN B 236 -22.42 10.07 8.29
CA ASN B 236 -23.49 9.97 7.32
C ASN B 236 -23.05 10.35 5.91
N ASN B 237 -21.77 10.68 5.73
CA ASN B 237 -21.21 10.87 4.41
C ASN B 237 -21.02 9.53 3.72
N ASP B 238 -20.96 9.56 2.40
CA ASP B 238 -20.55 8.38 1.66
C ASP B 238 -19.05 8.20 1.67
N ARG B 239 -18.29 9.28 1.86
CA ARG B 239 -16.84 9.19 1.94
C ARG B 239 -16.34 8.87 3.34
N ASP B 240 -17.19 9.00 4.36
CA ASP B 240 -16.90 8.46 5.68
C ASP B 240 -17.41 7.06 5.84
N ARG B 241 -18.44 6.69 5.07
CA ARG B 241 -18.87 5.29 4.99
C ARG B 241 -17.83 4.45 4.27
N ARG B 242 -17.18 5.01 3.24
CA ARG B 242 -16.16 4.30 2.45
C ARG B 242 -14.93 3.99 3.28
N ASP B 243 -14.56 4.89 4.19
CA ASP B 243 -13.52 4.68 5.18
C ASP B 243 -13.86 3.57 6.15
N LEU B 244 -15.14 3.47 6.53
CA LEU B 244 -15.60 2.45 7.46
C LEU B 244 -15.59 1.07 6.84
N ILE B 245 -16.14 0.93 5.61
CA ILE B 245 -16.17 -0.33 4.85
C ILE B 245 -14.76 -0.80 4.49
N THR B 246 -13.82 0.14 4.30
CA THR B 246 -12.41 -0.22 4.08
C THR B 246 -11.74 -0.76 5.34
N CYS B 247 -11.99 -0.13 6.50
CA CYS B 247 -11.48 -0.66 7.77
C CYS B 247 -12.14 -1.98 8.16
N GLY B 248 -13.42 -2.16 7.84
CA GLY B 248 -14.10 -3.40 8.15
C GLY B 248 -13.74 -4.55 7.25
N SER B 249 -13.46 -4.28 5.97
CA SER B 249 -13.02 -5.32 5.06
C SER B 249 -11.59 -5.73 5.36
N ALA B 250 -10.74 -4.79 5.78
CA ALA B 250 -9.38 -5.10 6.19
C ALA B 250 -9.34 -5.91 7.47
N SER B 251 -10.25 -5.59 8.39
CA SER B 251 -10.46 -6.40 9.60
C SER B 251 -11.02 -7.78 9.30
N GLY B 252 -11.77 -7.92 8.20
CA GLY B 252 -12.21 -9.24 7.80
C GLY B 252 -11.15 -10.11 7.18
N VAL B 253 -10.22 -9.53 6.41
CA VAL B 253 -9.09 -10.33 5.91
C VAL B 253 -8.09 -10.61 7.06
N CYS B 254 -8.04 -9.72 8.06
CA CYS B 254 -7.26 -10.03 9.26
C CYS B 254 -7.91 -11.12 10.10
N ALA B 255 -9.25 -11.13 10.21
CA ALA B 255 -9.94 -12.20 10.91
C ALA B 255 -9.96 -13.51 10.13
N ALA B 256 -9.72 -13.45 8.82
CA ALA B 256 -9.62 -14.62 7.98
C ALA B 256 -8.37 -15.44 8.29
N PHE B 257 -7.19 -14.79 8.31
CA PHE B 257 -5.93 -15.51 8.30
C PHE B 257 -5.04 -15.26 9.51
N ARG B 258 -5.54 -14.57 10.55
CA ARG B 258 -4.79 -13.98 11.68
C ARG B 258 -3.63 -13.11 11.16
N SER B 259 -3.97 -12.24 10.22
CA SER B 259 -3.00 -11.59 9.33
C SER B 259 -3.23 -10.08 9.32
N PRO B 260 -2.56 -9.34 10.20
CA PRO B 260 -2.90 -7.92 10.37
C PRO B 260 -2.27 -6.91 9.44
N VAL B 261 -1.31 -7.27 8.60
CA VAL B 261 -0.81 -6.30 7.64
C VAL B 261 -1.34 -6.73 6.29
N GLY B 262 -1.52 -8.04 6.12
CA GLY B 262 -2.16 -8.58 4.92
C GLY B 262 -3.64 -8.27 4.81
N GLY B 263 -4.30 -7.95 5.92
CA GLY B 263 -5.63 -7.36 5.84
C GLY B 263 -5.62 -5.95 5.31
N VAL B 264 -4.67 -5.13 5.81
CA VAL B 264 -4.43 -3.76 5.36
C VAL B 264 -4.00 -3.74 3.89
N LEU B 265 -3.21 -4.72 3.49
CA LEU B 265 -2.76 -4.76 2.11
C LEU B 265 -3.77 -5.42 1.18
N PHE B 266 -4.69 -6.25 1.69
CA PHE B 266 -5.83 -6.66 0.86
C PHE B 266 -6.78 -5.51 0.64
N ALA B 267 -6.91 -4.57 1.53
CA ALA B 267 -7.79 -3.50 1.25
C ALA B 267 -7.13 -2.58 0.28
N LEU B 268 -5.90 -2.21 0.49
CA LEU B 268 -5.18 -1.36 -0.41
C LEU B 268 -5.18 -1.93 -1.79
N GLU B 269 -4.49 -3.04 -1.97
CA GLU B 269 -4.40 -3.67 -3.27
C GLU B 269 -5.71 -4.09 -3.96
N GLU B 270 -6.69 -4.69 -3.28
CA GLU B 270 -7.88 -5.17 -3.97
C GLU B 270 -9.08 -4.23 -3.87
N VAL B 271 -9.61 -4.04 -2.67
CA VAL B 271 -11.00 -3.60 -2.61
C VAL B 271 -11.11 -2.07 -2.62
N ALA B 272 -10.20 -1.33 -1.98
CA ALA B 272 -10.31 0.11 -1.93
C ALA B 272 -9.73 0.70 -3.19
N THR B 273 -10.55 1.47 -3.89
CA THR B 273 -10.08 2.24 -5.03
C THR B 273 -9.30 3.47 -4.56
N TRP B 274 -9.85 4.21 -3.61
CA TRP B 274 -9.21 5.41 -3.09
C TRP B 274 -8.55 5.13 -1.75
N TRP B 275 -7.34 5.65 -1.59
CA TRP B 275 -6.53 5.40 -0.42
C TRP B 275 -5.95 6.72 0.07
N ARG B 276 -6.19 7.04 1.32
CA ARG B 276 -5.46 8.09 2.01
C ARG B 276 -4.53 7.45 3.03
N SER B 277 -3.58 8.25 3.51
CA SER B 277 -2.73 7.79 4.59
C SER B 277 -3.45 7.85 5.93
N ALA B 278 -4.42 8.76 6.07
CA ALA B 278 -5.20 8.87 7.30
C ALA B 278 -6.19 7.74 7.45
N LEU B 279 -6.44 6.95 6.41
CA LEU B 279 -7.28 5.75 6.51
C LEU B 279 -6.42 4.58 6.85
N LEU B 280 -5.29 4.43 6.20
CA LEU B 280 -4.36 3.39 6.54
C LEU B 280 -4.02 3.34 8.01
N TRP B 281 -4.09 4.44 8.74
CA TRP B 281 -3.75 4.28 10.15
C TRP B 281 -4.92 3.69 10.95
N ARG B 282 -6.15 4.04 10.60
CA ARG B 282 -7.30 3.46 11.28
C ARG B 282 -7.58 2.05 10.80
N THR B 283 -7.24 1.76 9.54
CA THR B 283 -7.30 0.41 9.00
C THR B 283 -6.26 -0.50 9.68
N PHE B 284 -5.06 0.05 9.92
CA PHE B 284 -4.00 -0.57 10.72
C PHE B 284 -4.44 -0.85 12.15
N PHE B 285 -5.14 0.12 12.75
CA PHE B 285 -5.62 -0.02 14.12
C PHE B 285 -6.73 -1.03 14.25
N SER B 286 -7.57 -1.16 13.21
CA SER B 286 -8.65 -2.13 13.21
C SER B 286 -8.13 -3.55 13.08
N THR B 287 -7.12 -3.77 12.24
CA THR B 287 -6.54 -5.10 12.11
C THR B 287 -5.66 -5.47 13.31
N ALA B 288 -5.08 -4.48 13.98
CA ALA B 288 -4.31 -4.75 15.20
C ALA B 288 -5.23 -5.18 16.35
N VAL B 289 -6.41 -4.57 16.44
CA VAL B 289 -7.36 -4.96 17.50
C VAL B 289 -8.03 -6.30 17.17
N VAL B 290 -8.00 -6.72 15.93
CA VAL B 290 -8.64 -7.96 15.57
C VAL B 290 -7.71 -9.03 16.02
N VAL B 291 -6.51 -9.04 15.51
CA VAL B 291 -5.59 -10.13 15.81
C VAL B 291 -5.17 -10.17 17.30
N VAL B 292 -5.34 -9.06 18.05
CA VAL B 292 -5.16 -9.11 19.50
C VAL B 292 -6.33 -9.83 20.17
N VAL B 293 -7.58 -9.54 19.75
CA VAL B 293 -8.75 -10.21 20.31
C VAL B 293 -8.83 -11.68 19.89
N LEU B 294 -8.35 -12.00 18.68
CA LEU B 294 -8.27 -13.37 18.19
C LEU B 294 -7.23 -14.19 18.96
N ARG B 295 -6.00 -13.68 19.09
CA ARG B 295 -4.98 -14.43 19.80
C ARG B 295 -5.13 -14.40 21.31
N ALA B 296 -5.89 -13.45 21.87
CA ALA B 296 -6.28 -13.56 23.27
C ALA B 296 -7.31 -14.65 23.48
N PHE B 297 -8.18 -14.87 22.50
CA PHE B 297 -9.11 -15.99 22.62
C PHE B 297 -8.57 -17.31 22.08
N ILE B 298 -7.31 -17.35 21.64
CA ILE B 298 -6.57 -18.60 21.56
C ILE B 298 -5.71 -18.80 22.82
N GLU B 299 -5.36 -17.71 23.53
CA GLU B 299 -4.69 -17.84 24.83
C GLU B 299 -5.66 -18.32 25.91
N ILE B 300 -6.85 -17.72 26.01
CA ILE B 300 -7.97 -18.41 26.67
C ILE B 300 -8.49 -19.49 25.72
N CYS B 301 -9.18 -20.50 26.29
CA CYS B 301 -9.56 -21.79 25.68
C CYS B 301 -8.33 -22.53 25.15
N ASN B 302 -7.24 -22.49 25.91
CA ASN B 302 -6.07 -23.29 25.65
C ASN B 302 -6.07 -24.60 26.43
N SER B 303 -6.69 -24.60 27.60
CA SER B 303 -6.80 -25.78 28.45
C SER B 303 -8.12 -26.50 28.27
N GLY B 304 -8.73 -26.39 27.09
CA GLY B 304 -10.00 -27.04 26.84
C GLY B 304 -11.19 -26.38 27.47
N LYS B 305 -11.14 -25.07 27.68
CA LYS B 305 -12.22 -24.36 28.35
C LYS B 305 -13.40 -24.10 27.42
N CYS B 306 -13.18 -24.15 26.11
CA CYS B 306 -14.19 -23.80 25.13
C CYS B 306 -14.45 -24.95 24.17
N GLY B 307 -14.47 -26.16 24.68
CA GLY B 307 -14.75 -27.32 23.83
C GLY B 307 -13.53 -27.74 23.06
N LEU B 308 -13.69 -27.94 21.76
CA LEU B 308 -12.61 -28.34 20.88
C LEU B 308 -11.93 -27.18 20.20
N PHE B 309 -12.31 -25.94 20.54
CA PHE B 309 -11.70 -24.75 19.98
C PHE B 309 -10.49 -24.36 20.80
N GLY B 310 -9.42 -24.00 20.10
CA GLY B 310 -8.23 -23.46 20.73
C GLY B 310 -7.10 -24.46 20.88
N SER B 311 -7.35 -25.74 20.63
CA SER B 311 -6.29 -26.74 20.57
C SER B 311 -5.56 -26.54 19.25
N GLY B 312 -4.54 -25.72 19.31
CA GLY B 312 -3.89 -25.18 18.13
C GLY B 312 -3.24 -23.87 18.46
N GLY B 313 -2.25 -23.50 17.64
CA GLY B 313 -1.42 -22.36 17.92
C GLY B 313 -2.08 -21.03 17.61
N LEU B 314 -1.30 -19.96 17.87
CA LEU B 314 -1.75 -18.61 17.54
C LEU B 314 -1.63 -18.34 16.04
N ILE B 315 -0.79 -19.10 15.35
CA ILE B 315 -0.45 -18.87 13.96
C ILE B 315 -1.07 -19.99 13.14
N MET B 316 -1.98 -19.63 12.25
CA MET B 316 -2.75 -20.59 11.48
C MET B 316 -1.90 -21.11 10.32
N PHE B 317 -1.74 -22.44 10.24
CA PHE B 317 -0.88 -23.20 9.31
C PHE B 317 0.59 -22.77 9.44
N ASP B 318 1.11 -22.86 10.66
CA ASP B 318 2.48 -22.45 10.96
C ASP B 318 3.46 -23.52 10.50
N VAL B 319 4.31 -23.19 9.51
CA VAL B 319 5.25 -24.14 8.94
C VAL B 319 6.70 -23.84 9.33
N SER B 320 6.93 -22.85 10.20
CA SER B 320 8.21 -22.14 10.40
C SER B 320 9.45 -22.90 10.87
N HIS B 321 9.37 -24.22 11.08
CA HIS B 321 10.49 -24.99 11.61
C HIS B 321 11.28 -25.68 10.51
N VAL B 322 11.45 -25.03 9.36
CA VAL B 322 12.26 -25.57 8.27
C VAL B 322 13.21 -24.51 7.75
N GLU B 323 14.35 -24.97 7.24
CA GLU B 323 15.30 -24.10 6.58
C GLU B 323 14.92 -23.93 5.12
N VAL B 324 14.98 -22.68 4.65
CA VAL B 324 14.80 -22.37 3.24
C VAL B 324 16.14 -21.82 2.75
N ARG B 325 16.95 -22.70 2.15
CA ARG B 325 18.20 -22.31 1.51
C ARG B 325 17.98 -22.41 0.01
N TYR B 326 18.26 -21.33 -0.71
CA TYR B 326 18.01 -21.31 -2.15
C TYR B 326 19.16 -22.00 -2.87
N HIS B 327 18.83 -22.92 -3.75
CA HIS B 327 19.80 -23.59 -4.60
C HIS B 327 19.41 -23.38 -6.06
N ALA B 328 20.40 -23.51 -6.94
CA ALA B 328 20.18 -23.30 -8.36
C ALA B 328 19.49 -24.49 -9.04
N ALA B 329 19.44 -25.65 -8.39
CA ALA B 329 18.69 -26.78 -8.92
C ALA B 329 17.19 -26.61 -8.76
N ASP B 330 16.75 -25.83 -7.78
CA ASP B 330 15.34 -25.59 -7.53
C ASP B 330 14.83 -24.30 -8.14
N ILE B 331 15.52 -23.78 -9.16
CA ILE B 331 14.94 -22.68 -9.94
C ILE B 331 13.81 -23.20 -10.80
N ILE B 332 14.02 -24.34 -11.44
CA ILE B 332 13.09 -24.94 -12.40
C ILE B 332 11.77 -25.47 -11.81
N PRO B 333 11.68 -26.18 -10.65
CA PRO B 333 10.32 -26.48 -10.13
C PRO B 333 9.62 -25.30 -9.48
N VAL B 334 10.34 -24.25 -9.11
CA VAL B 334 9.70 -23.06 -8.54
C VAL B 334 9.00 -22.24 -9.62
N THR B 335 9.66 -22.06 -10.78
CA THR B 335 8.98 -21.45 -11.92
C THR B 335 7.99 -22.38 -12.59
N LEU B 336 8.13 -23.70 -12.42
CA LEU B 336 7.07 -24.61 -12.88
C LEU B 336 5.84 -24.51 -12.01
N ILE B 337 5.99 -24.26 -10.69
CA ILE B 337 4.86 -24.06 -9.79
C ILE B 337 4.20 -22.71 -10.05
N GLY B 338 5.01 -21.72 -10.51
CA GLY B 338 4.44 -20.46 -10.92
C GLY B 338 3.70 -20.49 -12.24
N VAL B 339 4.25 -21.24 -13.22
CA VAL B 339 3.64 -21.34 -14.54
C VAL B 339 2.36 -22.18 -14.48
N PHE B 340 2.38 -23.29 -13.72
CA PHE B 340 1.18 -24.07 -13.53
C PHE B 340 0.18 -23.42 -12.60
N GLY B 341 0.61 -22.51 -11.71
CA GLY B 341 -0.34 -21.74 -10.93
C GLY B 341 -1.06 -20.68 -11.74
N GLY B 342 -0.37 -20.05 -12.68
CA GLY B 342 -1.02 -19.13 -13.59
C GLY B 342 -1.92 -19.81 -14.61
N ILE B 343 -1.52 -21.00 -15.07
CA ILE B 343 -2.29 -21.74 -16.07
C ILE B 343 -3.55 -22.36 -15.44
N LEU B 344 -3.39 -23.01 -14.28
CA LEU B 344 -4.56 -23.56 -13.60
C LEU B 344 -5.39 -22.51 -12.89
N GLY B 345 -4.82 -21.35 -12.57
CA GLY B 345 -5.65 -20.26 -12.07
C GLY B 345 -6.46 -19.59 -13.15
N SER B 346 -5.92 -19.51 -14.38
CA SER B 346 -6.70 -19.04 -15.52
C SER B 346 -7.78 -20.03 -15.91
N LEU B 347 -7.47 -21.33 -15.82
CA LEU B 347 -8.45 -22.36 -16.13
C LEU B 347 -9.53 -22.45 -15.06
N TYR B 348 -9.18 -22.17 -13.80
CA TYR B 348 -10.17 -22.08 -12.74
C TYR B 348 -11.03 -20.85 -12.89
N ASN B 349 -10.47 -19.73 -13.36
CA ASN B 349 -11.25 -18.51 -13.56
C ASN B 349 -12.24 -18.64 -14.72
N HIS B 350 -11.82 -19.31 -15.79
CA HIS B 350 -12.69 -19.54 -16.94
C HIS B 350 -13.79 -20.55 -16.63
N LEU B 351 -13.46 -21.61 -15.90
CA LEU B 351 -14.47 -22.62 -15.59
C LEU B 351 -15.41 -22.17 -14.46
N LEU B 352 -14.95 -21.31 -13.54
CA LEU B 352 -15.88 -20.75 -12.56
C LEU B 352 -16.78 -19.69 -13.15
N HIS B 353 -16.32 -18.99 -14.21
CA HIS B 353 -17.19 -18.06 -14.94
C HIS B 353 -18.30 -18.81 -15.66
N LYS B 354 -17.99 -19.97 -16.24
CA LYS B 354 -19.01 -20.80 -16.87
C LYS B 354 -19.94 -21.46 -15.87
N VAL B 355 -19.42 -21.86 -14.69
CA VAL B 355 -20.24 -22.51 -13.66
C VAL B 355 -21.18 -21.50 -13.00
N LEU B 356 -20.70 -20.27 -12.74
CA LEU B 356 -21.55 -19.22 -12.19
C LEU B 356 -22.57 -18.69 -13.20
N ARG B 357 -22.31 -18.81 -14.51
CA ARG B 357 -23.34 -18.54 -15.52
C ARG B 357 -24.44 -19.60 -15.47
N LEU B 358 -24.07 -20.88 -15.40
CA LEU B 358 -25.08 -21.93 -15.30
C LEU B 358 -25.73 -22.01 -13.92
N TYR B 359 -25.12 -21.42 -12.90
CA TYR B 359 -25.75 -21.33 -11.59
C TYR B 359 -26.63 -20.09 -11.48
N ASN B 360 -26.37 -19.07 -12.28
CA ASN B 360 -27.32 -17.98 -12.45
C ASN B 360 -28.55 -18.39 -13.22
N LEU B 361 -28.46 -19.42 -14.06
CA LEU B 361 -29.68 -20.01 -14.62
C LEU B 361 -30.50 -20.77 -13.59
N ILE B 362 -29.88 -21.29 -12.54
CA ILE B 362 -30.62 -21.92 -11.44
C ILE B 362 -31.11 -20.86 -10.44
N ASN B 363 -30.35 -19.78 -10.25
CA ASN B 363 -30.69 -18.74 -9.28
C ASN B 363 -31.85 -17.85 -9.72
N GLN B 364 -32.23 -17.86 -11.00
CA GLN B 364 -33.44 -17.18 -11.43
C GLN B 364 -34.66 -18.08 -11.46
N LYS B 365 -34.46 -19.40 -11.39
CA LYS B 365 -35.57 -20.35 -11.56
C LYS B 365 -36.45 -20.46 -10.32
N GLY B 366 -35.96 -20.04 -9.17
CA GLY B 366 -36.76 -20.11 -7.96
C GLY B 366 -35.86 -20.08 -6.75
N LYS B 367 -36.50 -20.12 -5.59
CA LYS B 367 -35.78 -20.15 -4.32
C LYS B 367 -35.69 -21.54 -3.72
N ILE B 368 -36.52 -22.47 -4.16
CA ILE B 368 -36.36 -23.86 -3.75
C ILE B 368 -35.31 -24.56 -4.60
N HIS B 369 -34.97 -24.00 -5.76
CA HIS B 369 -33.96 -24.61 -6.61
C HIS B 369 -32.55 -24.29 -6.14
N LYS B 370 -32.37 -23.17 -5.44
CA LYS B 370 -31.07 -22.84 -4.86
C LYS B 370 -30.78 -23.69 -3.64
N VAL B 371 -31.83 -24.07 -2.89
CA VAL B 371 -31.74 -25.02 -1.79
C VAL B 371 -31.33 -26.39 -2.31
N LEU B 372 -31.98 -26.85 -3.38
CA LEU B 372 -31.73 -28.19 -3.92
C LEU B 372 -30.39 -28.26 -4.65
N LEU B 373 -29.92 -27.14 -5.22
CA LEU B 373 -28.59 -27.09 -5.82
C LEU B 373 -27.50 -27.19 -4.77
N SER B 374 -27.67 -26.47 -3.64
CA SER B 374 -26.64 -26.51 -2.62
C SER B 374 -26.73 -27.75 -1.74
N LEU B 375 -27.90 -28.35 -1.61
CA LEU B 375 -27.99 -29.62 -0.92
C LEU B 375 -27.47 -30.75 -1.77
N GLY B 376 -27.59 -30.65 -3.11
CA GLY B 376 -26.97 -31.64 -3.97
C GLY B 376 -25.47 -31.49 -4.04
N VAL B 377 -24.99 -30.25 -3.95
CA VAL B 377 -23.55 -29.99 -3.90
C VAL B 377 -22.96 -30.47 -2.57
N SER B 378 -23.71 -30.31 -1.47
CA SER B 378 -23.27 -30.79 -0.16
C SER B 378 -23.38 -32.30 -0.03
N LEU B 379 -24.35 -32.93 -0.71
CA LEU B 379 -24.42 -34.39 -0.73
C LEU B 379 -23.29 -34.99 -1.55
N PHE B 380 -22.94 -34.34 -2.67
CA PHE B 380 -21.80 -34.76 -3.49
C PHE B 380 -20.48 -34.56 -2.76
N THR B 381 -20.38 -33.48 -1.96
CA THR B 381 -19.18 -33.18 -1.19
C THR B 381 -18.96 -34.19 -0.08
N SER B 382 -19.98 -34.63 0.62
CA SER B 382 -19.84 -35.53 1.72
C SER B 382 -19.67 -36.94 1.29
N VAL B 383 -20.31 -37.34 0.20
CA VAL B 383 -20.10 -38.68 -0.35
C VAL B 383 -18.68 -38.81 -0.93
N CYS B 384 -18.19 -37.77 -1.60
CA CYS B 384 -16.84 -37.86 -2.14
C CYS B 384 -15.76 -37.49 -1.14
N LEU B 385 -16.09 -36.97 0.05
CA LEU B 385 -15.07 -36.86 1.08
C LEU B 385 -15.04 -38.07 1.99
N PHE B 386 -16.12 -38.86 2.01
CA PHE B 386 -16.09 -40.10 2.79
C PHE B 386 -15.64 -41.30 1.98
N GLY B 387 -16.17 -41.47 0.77
CA GLY B 387 -15.98 -42.70 0.02
C GLY B 387 -14.71 -42.79 -0.79
N LEU B 388 -14.23 -41.65 -1.30
CA LEU B 388 -12.95 -41.59 -1.97
C LEU B 388 -11.69 -41.94 -1.17
N PRO B 389 -11.58 -41.80 0.16
CA PRO B 389 -10.41 -42.41 0.84
C PRO B 389 -10.42 -43.93 0.99
N PHE B 390 -11.43 -44.66 0.51
CA PHE B 390 -11.31 -46.10 0.36
C PHE B 390 -10.49 -46.48 -0.87
N LEU B 391 -10.34 -45.58 -1.83
CA LEU B 391 -9.55 -45.85 -3.03
C LEU B 391 -8.06 -45.79 -2.77
N ALA B 392 -7.64 -45.13 -1.70
CA ALA B 392 -6.23 -45.05 -1.34
C ALA B 392 -5.84 -46.25 -0.50
N GLU B 393 -4.80 -46.96 -0.91
CA GLU B 393 -4.24 -48.01 -0.09
C GLU B 393 -3.44 -47.39 1.04
N CYS B 394 -3.40 -48.10 2.17
CA CYS B 394 -2.76 -47.58 3.38
C CYS B 394 -1.24 -47.64 3.26
N LYS B 395 -0.60 -46.49 3.35
CA LYS B 395 0.84 -46.46 3.43
C LYS B 395 1.27 -46.81 4.84
N PRO B 396 2.39 -47.53 5.02
CA PRO B 396 2.86 -47.82 6.37
C PRO B 396 3.51 -46.60 7.01
N CYS B 397 3.65 -46.67 8.32
CA CYS B 397 4.15 -45.54 9.10
C CYS B 397 5.66 -45.42 8.97
N ASP B 398 6.11 -44.26 8.51
CA ASP B 398 7.52 -44.03 8.25
C ASP B 398 8.23 -43.72 9.56
N PRO B 399 9.29 -44.45 9.93
CA PRO B 399 10.03 -44.11 11.15
C PRO B 399 10.98 -42.92 10.99
N SER B 400 11.24 -42.47 9.76
CA SER B 400 12.08 -41.29 9.56
C SER B 400 11.35 -40.01 9.95
N ILE B 401 10.02 -40.01 9.84
CA ILE B 401 9.19 -38.87 10.25
C ILE B 401 9.08 -38.88 11.77
N ASP B 402 9.15 -37.67 12.38
CA ASP B 402 9.28 -37.51 13.82
C ASP B 402 7.99 -37.87 14.57
N GLU B 403 6.88 -37.16 14.27
CA GLU B 403 5.73 -37.20 15.16
C GLU B 403 4.86 -38.43 14.87
N ILE B 404 3.75 -38.56 15.61
CA ILE B 404 3.04 -39.83 15.75
C ILE B 404 2.17 -40.10 14.51
N CYS B 405 2.51 -41.18 13.81
CA CYS B 405 1.83 -41.68 12.61
C CYS B 405 0.58 -42.54 12.87
N PRO B 406 0.49 -43.50 13.88
CA PRO B 406 -0.85 -44.05 14.16
C PRO B 406 -1.75 -43.07 14.90
N THR B 407 -2.41 -42.19 14.15
CA THR B 407 -3.17 -41.08 14.71
C THR B 407 -4.63 -41.18 14.29
N ASN B 408 -5.51 -41.35 15.27
CA ASN B 408 -6.95 -41.23 15.08
C ASN B 408 -7.46 -40.02 15.84
N GLY B 409 -8.62 -39.53 15.44
CA GLY B 409 -9.25 -38.44 16.16
C GLY B 409 -10.08 -37.58 15.22
N ARG B 410 -10.10 -36.28 15.51
CA ARG B 410 -10.79 -35.30 14.71
C ARG B 410 -9.85 -34.39 13.94
N SER B 411 -8.57 -34.36 14.28
CA SER B 411 -7.62 -33.48 13.65
C SER B 411 -6.26 -34.17 13.64
N GLY B 412 -5.24 -33.46 13.17
CA GLY B 412 -3.90 -33.99 13.13
C GLY B 412 -3.56 -34.69 11.83
N ASN B 413 -2.28 -34.94 11.67
CA ASN B 413 -1.71 -35.58 10.49
C ASN B 413 -1.74 -37.09 10.65
N PHE B 414 -1.58 -37.79 9.51
CA PHE B 414 -1.45 -39.25 9.37
C PHE B 414 -2.66 -40.02 9.92
N LYS B 415 -3.80 -39.84 9.25
CA LYS B 415 -5.04 -40.43 9.72
C LYS B 415 -5.10 -41.93 9.47
N GLN B 416 -5.77 -42.65 10.37
CA GLN B 416 -5.75 -44.11 10.44
C GLN B 416 -7.14 -44.70 10.19
N PHE B 417 -7.76 -44.29 8.95
CA PHE B 417 -9.21 -44.38 8.79
C PHE B 417 -9.72 -45.79 8.45
N ASN B 418 -9.18 -46.46 7.51
CA ASN B 418 -9.61 -47.80 7.14
C ASN B 418 -8.45 -48.79 7.17
N CYS B 419 -7.41 -48.47 7.91
CA CYS B 419 -6.14 -49.15 7.87
C CYS B 419 -5.96 -50.05 9.09
N PRO B 420 -5.00 -50.98 9.05
CA PRO B 420 -4.51 -51.57 10.30
C PRO B 420 -3.59 -50.61 11.05
N ASN B 421 -3.27 -50.99 12.28
CA ASN B 421 -2.42 -50.16 13.12
C ASN B 421 -0.97 -50.25 12.66
N GLY B 422 -0.27 -49.11 12.71
CA GLY B 422 1.00 -48.97 12.06
C GLY B 422 0.92 -48.56 10.60
N TYR B 423 -0.29 -48.31 10.10
CA TYR B 423 -0.50 -47.84 8.74
C TYR B 423 -1.29 -46.53 8.84
N TYR B 424 -1.34 -45.79 7.74
CA TYR B 424 -2.15 -44.59 7.69
C TYR B 424 -2.74 -44.41 6.30
N ASN B 425 -3.93 -43.82 6.25
CA ASN B 425 -4.57 -43.46 5.01
C ASN B 425 -4.25 -42.01 4.69
N ASP B 426 -3.56 -41.79 3.58
CA ASP B 426 -3.08 -40.45 3.23
C ASP B 426 -4.13 -39.61 2.50
N LEU B 427 -5.26 -40.20 2.12
CA LEU B 427 -6.33 -39.44 1.50
C LEU B 427 -7.34 -38.94 2.52
N SER B 428 -7.63 -39.75 3.54
CA SER B 428 -8.49 -39.39 4.67
C SER B 428 -7.83 -38.46 5.65
N THR B 429 -6.51 -38.26 5.54
CA THR B 429 -5.81 -37.14 6.16
C THR B 429 -6.30 -35.80 5.62
N LEU B 430 -6.74 -35.77 4.36
CA LEU B 430 -7.13 -34.54 3.68
C LEU B 430 -8.61 -34.45 3.40
N LEU B 431 -9.25 -35.57 3.12
CA LEU B 431 -10.66 -35.52 2.78
C LEU B 431 -11.53 -35.55 4.03
N LEU B 432 -11.22 -36.44 4.96
CA LEU B 432 -12.06 -36.61 6.16
C LEU B 432 -11.49 -35.83 7.34
N THR B 433 -11.28 -34.54 7.14
CA THR B 433 -10.98 -33.59 8.21
C THR B 433 -11.83 -32.35 7.98
N THR B 434 -11.51 -31.29 8.72
CA THR B 434 -11.93 -29.97 8.31
C THR B 434 -11.03 -29.46 7.20
N ASN B 435 -11.49 -28.41 6.51
CA ASN B 435 -10.74 -27.88 5.37
C ASN B 435 -9.50 -27.12 5.80
N ASP B 436 -9.51 -26.55 7.01
CA ASP B 436 -8.32 -25.88 7.53
C ASP B 436 -7.29 -26.86 8.05
N ASP B 437 -7.72 -27.98 8.63
CA ASP B 437 -6.79 -29.00 9.14
C ASP B 437 -6.15 -29.78 8.01
N ALA B 438 -6.83 -29.89 6.87
CA ALA B 438 -6.26 -30.51 5.68
C ALA B 438 -5.22 -29.65 5.00
N VAL B 439 -5.22 -28.34 5.25
CA VAL B 439 -4.15 -27.48 4.76
C VAL B 439 -2.85 -27.80 5.50
N ARG B 440 -2.90 -27.91 6.83
CA ARG B 440 -1.72 -28.20 7.65
C ARG B 440 -1.21 -29.62 7.49
N ASN B 441 -2.02 -30.54 6.98
CA ASN B 441 -1.52 -31.86 6.63
C ASN B 441 -0.68 -31.82 5.37
N ILE B 442 -1.09 -31.02 4.38
CA ILE B 442 -0.26 -30.83 3.19
C ILE B 442 0.94 -29.95 3.51
N PHE B 443 0.75 -28.93 4.36
CA PHE B 443 1.79 -27.95 4.72
C PHE B 443 2.81 -28.46 5.75
N SER B 444 2.97 -29.77 5.95
CA SER B 444 3.70 -30.32 7.08
C SER B 444 5.20 -30.19 6.89
N SER B 445 5.85 -29.67 7.92
CA SER B 445 7.30 -29.62 7.95
C SER B 445 7.85 -31.01 8.22
N ASN B 446 8.79 -31.43 7.35
CA ASN B 446 9.63 -32.63 7.48
C ASN B 446 8.84 -33.93 7.50
N THR B 447 7.88 -34.07 6.58
CA THR B 447 7.20 -35.32 6.29
C THR B 447 7.48 -35.69 4.84
N PRO B 448 8.65 -36.26 4.54
CA PRO B 448 9.04 -36.45 3.14
C PRO B 448 8.39 -37.69 2.54
N ASN B 449 7.73 -37.47 1.38
CA ASN B 449 6.91 -38.44 0.63
C ASN B 449 5.83 -39.07 1.51
N GLU B 450 5.09 -38.20 2.21
CA GLU B 450 3.95 -38.65 3.01
C GLU B 450 2.80 -39.07 2.13
N PHE B 451 2.37 -38.19 1.23
CA PHE B 451 1.25 -38.49 0.35
C PHE B 451 1.78 -39.06 -0.95
N GLY B 452 1.11 -40.10 -1.43
CA GLY B 452 1.42 -40.63 -2.74
C GLY B 452 0.86 -39.74 -3.82
N MET B 453 1.34 -39.96 -5.04
CA MET B 453 0.90 -39.16 -6.17
C MET B 453 -0.51 -39.50 -6.63
N VAL B 454 -0.98 -40.72 -6.35
CA VAL B 454 -2.34 -41.11 -6.72
C VAL B 454 -3.35 -40.46 -5.79
N SER B 455 -3.05 -40.44 -4.48
CA SER B 455 -3.91 -39.78 -3.50
C SER B 455 -3.86 -38.26 -3.62
N LEU B 456 -2.72 -37.72 -4.04
CA LEU B 456 -2.62 -36.30 -4.32
C LEU B 456 -3.37 -35.93 -5.58
N TRP B 457 -3.40 -36.80 -6.59
CA TRP B 457 -4.17 -36.52 -7.80
C TRP B 457 -5.66 -36.64 -7.58
N ILE B 458 -6.10 -37.55 -6.70
CA ILE B 458 -7.51 -37.68 -6.34
C ILE B 458 -7.97 -36.47 -5.54
N PHE B 459 -7.14 -36.00 -4.60
CA PHE B 459 -7.43 -34.80 -3.82
C PHE B 459 -7.36 -33.52 -4.65
N PHE B 460 -6.51 -33.48 -5.69
CA PHE B 460 -6.45 -32.35 -6.60
C PHE B 460 -7.66 -32.29 -7.51
N GLY B 461 -8.05 -33.43 -8.10
CA GLY B 461 -9.18 -33.47 -9.00
C GLY B 461 -10.51 -33.29 -8.30
N LEU B 462 -10.61 -33.75 -7.05
CA LEU B 462 -11.80 -33.50 -6.24
C LEU B 462 -11.91 -32.05 -5.84
N TYR B 463 -10.81 -31.43 -5.44
CA TYR B 463 -10.92 -30.06 -5.00
C TYR B 463 -10.90 -29.07 -6.17
N CYS B 464 -10.55 -29.52 -7.38
CA CYS B 464 -10.91 -28.77 -8.58
C CYS B 464 -12.41 -28.80 -8.85
N ILE B 465 -13.02 -29.99 -8.75
CA ILE B 465 -14.46 -30.16 -8.98
C ILE B 465 -15.28 -29.47 -7.90
N LEU B 466 -14.92 -29.69 -6.63
CA LEU B 466 -15.57 -29.02 -5.51
C LEU B 466 -15.17 -27.55 -5.38
N GLY B 467 -14.06 -27.12 -6.00
CA GLY B 467 -13.80 -25.70 -6.04
C GLY B 467 -14.67 -24.97 -7.03
N LEU B 468 -15.07 -25.65 -8.11
CA LEU B 468 -15.99 -25.02 -9.04
C LEU B 468 -17.41 -25.00 -8.49
N ILE B 469 -17.89 -26.13 -7.97
CA ILE B 469 -19.32 -26.27 -7.73
C ILE B 469 -19.79 -25.70 -6.39
N THR B 470 -18.91 -25.50 -5.41
CA THR B 470 -19.34 -25.05 -4.08
C THR B 470 -19.21 -23.54 -3.94
N PHE B 471 -18.64 -22.87 -4.94
CA PHE B 471 -18.52 -21.42 -4.83
C PHE B 471 -19.83 -20.72 -5.16
N GLY B 472 -20.50 -21.14 -6.22
CA GLY B 472 -21.68 -20.44 -6.68
C GLY B 472 -22.98 -20.84 -6.03
N ILE B 473 -22.94 -21.69 -5.01
CA ILE B 473 -24.17 -22.07 -4.32
C ILE B 473 -24.53 -21.00 -3.31
N ALA B 474 -25.75 -21.07 -2.79
CA ALA B 474 -26.29 -20.01 -1.95
C ALA B 474 -26.10 -20.32 -0.47
N THR B 475 -24.85 -20.54 -0.09
CA THR B 475 -24.33 -20.45 1.26
C THR B 475 -23.34 -19.30 1.22
N PRO B 476 -22.89 -18.77 2.39
CA PRO B 476 -21.72 -17.89 2.35
C PRO B 476 -20.47 -18.69 2.05
N SER B 477 -20.07 -18.67 0.79
CA SER B 477 -18.93 -19.41 0.28
C SER B 477 -17.80 -18.44 0.07
N GLY B 478 -16.65 -18.97 -0.32
CA GLY B 478 -15.50 -18.12 -0.55
C GLY B 478 -14.49 -18.77 -1.48
N LEU B 479 -13.40 -18.05 -1.70
CA LEU B 479 -12.38 -18.46 -2.67
C LEU B 479 -10.98 -18.50 -2.10
N PHE B 480 -10.76 -18.18 -0.83
CA PHE B 480 -9.39 -18.23 -0.33
C PHE B 480 -8.98 -19.68 -0.05
N LEU B 481 -9.75 -20.37 0.79
CA LEU B 481 -9.46 -21.77 1.13
C LEU B 481 -9.62 -22.84 0.03
N PRO B 482 -10.59 -22.80 -0.93
CA PRO B 482 -10.54 -23.80 -2.02
C PRO B 482 -9.37 -23.67 -2.98
N ILE B 483 -8.96 -22.43 -3.27
CA ILE B 483 -7.83 -22.16 -4.14
C ILE B 483 -6.53 -22.48 -3.41
N ILE B 484 -6.52 -22.32 -2.07
CA ILE B 484 -5.40 -22.74 -1.23
C ILE B 484 -5.26 -24.26 -1.22
N LEU B 485 -6.39 -24.99 -1.16
CA LEU B 485 -6.34 -26.46 -1.13
C LEU B 485 -6.00 -27.09 -2.49
N MET B 486 -6.46 -26.48 -3.59
CA MET B 486 -6.06 -26.90 -4.94
C MET B 486 -4.58 -26.64 -5.20
N GLY B 487 -4.09 -25.47 -4.76
CA GLY B 487 -2.69 -25.17 -4.93
C GLY B 487 -1.78 -25.94 -4.01
N SER B 488 -2.30 -26.35 -2.83
CA SER B 488 -1.60 -27.24 -1.93
C SER B 488 -1.43 -28.62 -2.53
N ALA B 489 -2.45 -29.06 -3.27
CA ALA B 489 -2.49 -30.38 -3.89
C ALA B 489 -1.46 -30.50 -5.01
N TYR B 490 -1.45 -29.56 -5.96
CA TYR B 490 -0.44 -29.65 -7.01
C TYR B 490 0.94 -29.20 -6.54
N GLY B 491 1.04 -28.38 -5.48
CA GLY B 491 2.35 -28.00 -4.97
C GLY B 491 3.05 -29.13 -4.24
N ARG B 492 2.29 -29.91 -3.47
CA ARG B 492 2.83 -31.12 -2.86
C ARG B 492 3.07 -32.21 -3.91
N MET B 493 2.30 -32.21 -5.00
CA MET B 493 2.54 -33.16 -6.09
C MET B 493 3.82 -32.85 -6.86
N LEU B 494 4.10 -31.56 -7.11
CA LEU B 494 5.37 -31.18 -7.69
C LEU B 494 6.52 -31.28 -6.71
N GLY B 495 6.26 -31.22 -5.41
CA GLY B 495 7.31 -31.49 -4.44
C GLY B 495 7.64 -32.97 -4.32
N THR B 496 6.64 -33.84 -4.48
CA THR B 496 6.85 -35.28 -4.42
C THR B 496 7.41 -35.83 -5.73
N ALA B 497 7.16 -35.14 -6.86
CA ALA B 497 7.67 -35.59 -8.15
C ALA B 497 9.17 -35.37 -8.28
N MET B 498 9.71 -34.38 -7.59
CA MET B 498 11.16 -34.24 -7.46
C MET B 498 11.63 -34.98 -6.22
N GLY B 499 11.65 -36.31 -6.35
CA GLY B 499 12.03 -37.17 -5.24
C GLY B 499 13.53 -37.18 -5.06
N SER B 500 13.97 -36.49 -4.00
CA SER B 500 15.36 -36.18 -3.60
C SER B 500 16.17 -35.46 -4.68
N TYR B 501 15.53 -34.71 -5.57
CA TYR B 501 16.21 -33.80 -6.49
C TYR B 501 16.00 -32.36 -6.10
N THR B 502 15.52 -32.12 -4.89
CA THR B 502 15.30 -30.77 -4.38
C THR B 502 15.59 -30.76 -2.88
N ASN B 503 15.83 -29.56 -2.36
CA ASN B 503 16.08 -29.38 -0.94
C ASN B 503 15.00 -28.58 -0.25
N ILE B 504 14.12 -27.92 -1.01
CA ILE B 504 12.91 -27.33 -0.44
C ILE B 504 11.98 -28.47 -0.03
N ASP B 505 11.36 -28.32 1.15
CA ASP B 505 10.39 -29.27 1.68
C ASP B 505 9.16 -29.36 0.80
N GLN B 506 8.51 -30.53 0.83
CA GLN B 506 7.28 -30.74 0.08
C GLN B 506 6.11 -30.00 0.69
N GLY B 507 6.15 -29.71 2.00
CA GLY B 507 5.18 -28.83 2.59
C GLY B 507 5.43 -27.36 2.36
N LEU B 508 6.65 -27.01 1.94
CA LEU B 508 6.95 -25.64 1.51
C LEU B 508 6.63 -25.41 0.05
N TYR B 509 6.78 -26.46 -0.78
CA TYR B 509 6.33 -26.46 -2.16
C TYR B 509 4.81 -26.35 -2.26
N ALA B 510 4.11 -26.88 -1.26
CA ALA B 510 2.69 -26.68 -1.07
C ALA B 510 2.30 -25.22 -0.88
N VAL B 511 3.07 -24.49 -0.07
CA VAL B 511 2.82 -23.07 0.17
C VAL B 511 3.10 -22.25 -1.09
N LEU B 512 4.12 -22.68 -1.86
CA LEU B 512 4.41 -22.05 -3.14
C LEU B 512 3.33 -22.34 -4.17
N GLY B 513 2.77 -23.55 -4.17
CA GLY B 513 1.68 -23.88 -5.08
C GLY B 513 0.37 -23.22 -4.71
N ALA B 514 0.11 -23.06 -3.40
CA ALA B 514 -1.09 -22.38 -2.93
C ALA B 514 -1.04 -20.89 -3.22
N ALA B 515 0.13 -20.28 -3.05
CA ALA B 515 0.31 -18.87 -3.40
C ALA B 515 0.31 -18.65 -4.91
N SER B 516 0.72 -19.65 -5.69
CA SER B 516 0.62 -19.53 -7.14
C SER B 516 -0.79 -19.70 -7.64
N LEU B 517 -1.63 -20.52 -7.01
CA LEU B 517 -3.00 -20.59 -7.50
C LEU B 517 -3.80 -19.37 -7.03
N MET B 518 -3.41 -18.78 -5.90
CA MET B 518 -4.06 -17.54 -5.45
C MET B 518 -3.64 -16.36 -6.30
N ALA B 519 -2.40 -16.34 -6.79
CA ALA B 519 -2.00 -15.34 -7.77
C ALA B 519 -2.51 -15.64 -9.16
N GLY B 520 -2.68 -16.91 -9.50
CA GLY B 520 -3.20 -17.25 -10.81
C GLY B 520 -4.68 -17.01 -10.96
N SER B 521 -5.41 -16.95 -9.85
CA SER B 521 -6.83 -16.63 -9.89
C SER B 521 -7.12 -15.17 -9.58
N MET B 522 -6.53 -14.61 -8.53
CA MET B 522 -6.92 -13.28 -8.07
C MET B 522 -6.02 -12.16 -8.56
N ARG B 523 -4.88 -12.49 -9.20
CA ARG B 523 -3.88 -11.57 -9.77
C ARG B 523 -3.31 -10.59 -8.76
N MET B 524 -3.04 -11.05 -7.55
CA MET B 524 -2.49 -10.19 -6.52
C MET B 524 -1.08 -10.63 -6.16
N THR B 525 -0.28 -9.66 -5.75
CA THR B 525 1.11 -9.91 -5.39
C THR B 525 1.45 -9.57 -3.95
N VAL B 526 1.21 -8.33 -3.52
CA VAL B 526 1.75 -7.87 -2.25
C VAL B 526 0.88 -8.31 -1.07
N SER B 527 -0.43 -8.48 -1.29
CA SER B 527 -1.36 -8.73 -0.20
C SER B 527 -1.31 -10.18 0.20
N LEU B 528 -1.23 -11.08 -0.79
CA LEU B 528 -1.13 -12.50 -0.52
C LEU B 528 0.25 -12.91 -0.07
N CYS B 529 1.26 -12.08 -0.32
CA CYS B 529 2.58 -12.35 0.24
C CYS B 529 2.61 -12.10 1.73
N VAL B 530 1.98 -11.01 2.20
CA VAL B 530 1.88 -10.81 3.65
C VAL B 530 0.86 -11.75 4.28
N ILE B 531 -0.15 -12.19 3.50
CA ILE B 531 -1.12 -13.19 3.98
C ILE B 531 -0.46 -14.54 4.16
N PHE B 532 0.38 -14.96 3.22
CA PHE B 532 1.10 -16.21 3.38
C PHE B 532 2.30 -16.10 4.32
N LEU B 533 2.81 -14.88 4.57
CA LEU B 533 3.80 -14.72 5.62
C LEU B 533 3.17 -14.82 7.00
N GLU B 534 2.03 -14.17 7.20
CA GLU B 534 1.37 -14.19 8.49
C GLU B 534 0.58 -15.47 8.73
N LEU B 535 0.35 -16.27 7.70
CA LEU B 535 -0.07 -17.65 7.91
C LEU B 535 1.12 -18.54 8.22
N THR B 536 2.09 -18.63 7.31
CA THR B 536 3.03 -19.73 7.41
C THR B 536 4.26 -19.45 8.27
N ASN B 537 4.49 -18.19 8.68
CA ASN B 537 5.61 -17.73 9.56
C ASN B 537 6.99 -18.03 8.97
N ASN B 538 7.12 -18.11 7.65
CA ASN B 538 8.39 -18.40 7.02
C ASN B 538 8.85 -17.14 6.31
N LEU B 539 9.80 -16.44 6.92
CA LEU B 539 10.35 -15.22 6.35
C LEU B 539 11.36 -15.51 5.25
N LEU B 540 11.90 -16.72 5.18
CA LEU B 540 12.85 -17.08 4.16
C LEU B 540 12.21 -17.73 2.95
N LEU B 541 10.98 -18.22 3.07
CA LEU B 541 10.22 -18.67 1.92
C LEU B 541 9.57 -17.51 1.18
N LEU B 542 9.43 -16.37 1.86
CA LEU B 542 8.88 -15.13 1.32
C LEU B 542 9.41 -14.60 -0.02
N PRO B 543 10.75 -14.62 -0.38
CA PRO B 543 11.09 -14.17 -1.76
C PRO B 543 10.81 -15.21 -2.83
N ILE B 544 10.82 -16.49 -2.45
CA ILE B 544 10.40 -17.55 -3.36
C ILE B 544 8.89 -17.52 -3.54
N THR B 545 8.17 -17.11 -2.48
CA THR B 545 6.74 -16.85 -2.55
C THR B 545 6.43 -15.64 -3.44
N MET B 546 7.31 -14.63 -3.41
CA MET B 546 7.22 -13.45 -4.29
C MET B 546 7.42 -13.81 -5.75
N PHE B 547 8.33 -14.74 -6.02
CA PHE B 547 8.61 -15.14 -7.39
C PHE B 547 7.49 -15.99 -7.97
N VAL B 548 6.91 -16.88 -7.17
CA VAL B 548 5.81 -17.69 -7.69
C VAL B 548 4.51 -16.87 -7.77
N LEU B 549 4.35 -15.81 -6.95
CA LEU B 549 3.20 -14.93 -7.10
C LEU B 549 3.32 -14.04 -8.33
N LEU B 550 4.54 -13.59 -8.68
CA LEU B 550 4.69 -12.74 -9.85
C LEU B 550 4.62 -13.51 -11.15
N ILE B 551 5.17 -14.74 -11.18
CA ILE B 551 5.10 -15.59 -12.36
C ILE B 551 3.67 -16.03 -12.63
N ALA B 552 2.91 -16.33 -11.58
CA ALA B 552 1.53 -16.74 -11.79
C ALA B 552 0.56 -15.60 -12.06
N LYS B 553 0.86 -14.39 -11.58
CA LYS B 553 0.08 -13.23 -11.99
C LYS B 553 0.34 -12.87 -13.45
N THR B 554 1.58 -13.03 -13.92
CA THR B 554 1.88 -12.68 -15.30
C THR B 554 1.48 -13.76 -16.30
N VAL B 555 1.54 -15.04 -15.90
CA VAL B 555 1.01 -16.11 -16.76
C VAL B 555 -0.51 -16.09 -16.72
N GLY B 556 -1.08 -15.73 -15.56
CA GLY B 556 -2.52 -15.64 -15.41
C GLY B 556 -3.16 -14.48 -16.14
N ASP B 557 -2.44 -13.37 -16.30
CA ASP B 557 -2.96 -12.22 -17.03
C ASP B 557 -2.88 -12.38 -18.54
N SER B 558 -2.18 -13.41 -19.02
CA SER B 558 -2.14 -13.70 -20.46
C SER B 558 -3.45 -14.27 -20.97
N PHE B 559 -4.26 -14.88 -20.12
CA PHE B 559 -5.50 -15.54 -20.53
C PHE B 559 -6.74 -14.79 -20.07
N ASN B 560 -6.87 -14.56 -18.76
CA ASN B 560 -8.12 -14.15 -18.14
C ASN B 560 -7.96 -12.80 -17.48
N LEU B 561 -9.04 -12.34 -16.86
CA LEU B 561 -9.00 -11.26 -15.89
C LEU B 561 -8.84 -11.89 -14.51
N SER B 562 -8.91 -11.08 -13.45
CA SER B 562 -8.88 -11.62 -12.11
C SER B 562 -10.24 -12.22 -11.77
N ILE B 563 -10.26 -13.01 -10.70
CA ILE B 563 -11.51 -13.67 -10.32
C ILE B 563 -12.47 -12.70 -9.64
N TYR B 564 -11.99 -11.57 -9.11
CA TYR B 564 -12.93 -10.55 -8.65
C TYR B 564 -13.42 -9.70 -9.81
N GLU B 565 -12.62 -9.57 -10.87
CA GLU B 565 -13.04 -8.88 -12.09
C GLU B 565 -14.10 -9.66 -12.86
N ILE B 566 -14.10 -10.99 -12.72
CA ILE B 566 -15.02 -11.85 -13.46
C ILE B 566 -16.41 -11.79 -12.84
N ILE B 567 -16.52 -11.82 -11.52
CA ILE B 567 -17.82 -11.73 -10.86
C ILE B 567 -18.33 -10.28 -10.84
N LEU B 568 -17.44 -9.29 -10.94
CA LEU B 568 -17.87 -7.91 -11.15
C LEU B 568 -18.46 -7.73 -12.54
N HIS B 569 -17.95 -8.45 -13.53
CA HIS B 569 -18.58 -8.49 -14.85
C HIS B 569 -19.86 -9.30 -14.83
N LEU B 570 -19.90 -10.38 -14.06
CA LEU B 570 -21.03 -11.30 -14.07
C LEU B 570 -22.22 -10.78 -13.27
N LYS B 571 -21.97 -9.97 -12.24
CA LYS B 571 -23.08 -9.36 -11.51
C LYS B 571 -23.57 -8.06 -12.14
N GLY B 572 -22.89 -7.59 -13.18
CA GLY B 572 -23.30 -6.37 -13.85
C GLY B 572 -22.97 -5.12 -13.09
N LEU B 573 -21.96 -5.18 -12.23
CA LEU B 573 -21.62 -4.00 -11.44
C LEU B 573 -20.70 -3.10 -12.25
N PRO B 574 -21.05 -1.80 -12.40
CA PRO B 574 -20.27 -0.91 -13.27
C PRO B 574 -18.93 -0.47 -12.70
N PHE B 575 -17.95 -1.36 -12.71
CA PHE B 575 -16.64 -1.07 -12.13
C PHE B 575 -15.85 -0.16 -13.05
N LEU B 576 -15.08 0.74 -12.44
CA LEU B 576 -14.25 1.70 -13.14
C LEU B 576 -12.79 1.36 -12.88
N GLU B 577 -12.08 0.95 -13.92
CA GLU B 577 -10.68 0.54 -13.76
C GLU B 577 -9.75 1.75 -13.92
N ALA B 578 -8.50 1.54 -13.49
CA ALA B 578 -7.57 2.62 -13.22
C ALA B 578 -7.02 3.25 -14.49
N ASN B 579 -6.30 2.48 -15.27
CA ASN B 579 -5.71 3.00 -16.50
C ASN B 579 -6.78 3.03 -17.59
N PRO B 580 -6.90 4.12 -18.34
CA PRO B 580 -7.81 4.13 -19.49
C PRO B 580 -7.26 3.31 -20.64
N GLU B 581 -8.14 2.98 -21.54
CA GLU B 581 -7.78 2.29 -22.76
C GLU B 581 -7.10 3.27 -23.72
N PRO B 582 -6.18 2.79 -24.58
CA PRO B 582 -5.43 3.73 -25.45
C PRO B 582 -6.22 4.34 -26.60
N TRP B 583 -7.44 3.87 -26.89
CA TRP B 583 -8.29 4.51 -27.87
C TRP B 583 -9.13 5.62 -27.27
N MET B 584 -9.10 5.81 -25.95
CA MET B 584 -9.81 6.90 -25.32
C MET B 584 -9.04 8.21 -25.35
N ARG B 585 -7.76 8.17 -25.74
CA ARG B 585 -7.00 9.38 -25.98
C ARG B 585 -7.32 10.02 -27.32
N ASN B 586 -7.95 9.28 -28.22
CA ASN B 586 -8.35 9.77 -29.52
C ASN B 586 -9.81 10.20 -29.58
N LEU B 587 -10.64 9.77 -28.63
CA LEU B 587 -12.01 10.24 -28.52
C LEU B 587 -12.04 11.41 -27.56
N THR B 588 -12.92 12.37 -27.84
CA THR B 588 -13.12 13.57 -27.05
C THR B 588 -14.39 13.40 -26.22
N VAL B 589 -14.51 14.19 -25.14
CA VAL B 589 -15.74 14.15 -24.36
C VAL B 589 -16.80 15.07 -24.93
N GLY B 590 -16.45 15.93 -25.89
CA GLY B 590 -17.45 16.64 -26.64
C GLY B 590 -18.10 15.70 -27.63
N GLU B 591 -17.29 14.81 -28.23
CA GLU B 591 -17.83 13.80 -29.14
C GLU B 591 -18.61 12.73 -28.41
N LEU B 592 -18.26 12.46 -27.15
CA LEU B 592 -19.01 11.52 -26.32
C LEU B 592 -20.35 12.11 -25.88
N ASN B 593 -20.45 13.44 -25.82
CA ASN B 593 -21.70 14.08 -25.43
C ASN B 593 -22.62 14.38 -26.61
N ASP B 594 -22.12 14.33 -27.85
CA ASP B 594 -23.01 14.39 -29.00
C ASP B 594 -23.68 13.06 -29.29
N ALA B 595 -23.16 11.96 -28.73
CA ALA B 595 -23.81 10.65 -28.79
C ALA B 595 -24.66 10.38 -27.56
N LYS B 596 -25.25 11.41 -26.98
CA LYS B 596 -25.98 11.36 -25.72
C LYS B 596 -27.21 12.25 -25.83
N PRO B 597 -28.22 12.05 -24.99
CA PRO B 597 -29.32 13.02 -24.88
C PRO B 597 -28.86 14.35 -24.31
N PRO B 598 -29.56 15.46 -24.60
CA PRO B 598 -29.12 16.78 -24.12
C PRO B 598 -29.35 16.95 -22.63
N VAL B 599 -28.76 18.03 -22.11
CA VAL B 599 -28.57 18.19 -20.67
C VAL B 599 -29.84 18.71 -20.05
N VAL B 600 -30.35 17.98 -19.06
CA VAL B 600 -31.50 18.38 -18.27
C VAL B 600 -30.97 19.31 -17.19
N THR B 601 -31.02 20.61 -17.44
CA THR B 601 -30.49 21.60 -16.53
C THR B 601 -31.60 22.16 -15.67
N LEU B 602 -31.21 22.98 -14.70
CA LEU B 602 -32.13 23.76 -13.88
C LEU B 602 -31.62 25.19 -13.84
N ASN B 603 -32.46 26.08 -13.36
CA ASN B 603 -32.13 27.46 -13.11
C ASN B 603 -31.69 27.62 -11.65
N GLY B 604 -31.34 28.84 -11.28
CA GLY B 604 -30.98 29.11 -9.91
C GLY B 604 -32.20 29.23 -9.03
N VAL B 605 -33.18 30.01 -9.47
CA VAL B 605 -34.48 30.03 -8.83
C VAL B 605 -35.47 29.39 -9.80
N GLU B 606 -35.65 28.07 -9.69
CA GLU B 606 -36.60 27.43 -10.57
C GLU B 606 -38.00 27.55 -10.01
N LYS B 607 -38.97 27.31 -10.88
CA LYS B 607 -40.31 27.01 -10.40
C LYS B 607 -40.35 25.60 -9.83
N VAL B 608 -41.40 25.34 -9.04
CA VAL B 608 -41.62 24.02 -8.46
C VAL B 608 -42.01 23.02 -9.55
N ALA B 609 -42.73 23.49 -10.58
CA ALA B 609 -43.23 22.65 -11.66
C ALA B 609 -42.12 22.13 -12.56
N ASN B 610 -41.06 22.92 -12.77
CA ASN B 610 -39.93 22.41 -13.53
C ASN B 610 -39.06 21.45 -12.71
N ILE B 611 -39.06 21.61 -11.39
CA ILE B 611 -38.34 20.69 -10.51
C ILE B 611 -39.04 19.34 -10.46
N VAL B 612 -40.37 19.33 -10.42
CA VAL B 612 -41.06 18.05 -10.54
C VAL B 612 -41.09 17.50 -11.97
N ASP B 613 -40.80 18.31 -13.00
CA ASP B 613 -40.57 17.75 -14.33
C ASP B 613 -39.23 17.00 -14.39
N VAL B 614 -38.17 17.57 -13.82
CA VAL B 614 -36.90 16.85 -13.82
C VAL B 614 -36.84 15.75 -12.76
N LEU B 615 -37.76 15.71 -11.82
CA LEU B 615 -37.80 14.61 -10.86
C LEU B 615 -38.75 13.48 -11.27
N ARG B 616 -39.85 13.77 -11.96
CA ARG B 616 -40.67 12.70 -12.51
C ARG B 616 -40.04 12.12 -13.76
N ASN B 617 -39.78 12.95 -14.76
CA ASN B 617 -39.53 12.44 -16.11
C ASN B 617 -38.09 12.02 -16.35
N THR B 618 -37.16 12.32 -15.46
CA THR B 618 -35.78 11.88 -15.60
C THR B 618 -35.41 10.96 -14.44
N THR B 619 -34.38 10.15 -14.68
CA THR B 619 -33.79 9.30 -13.64
C THR B 619 -32.42 9.77 -13.23
N HIS B 620 -32.02 10.98 -13.66
CA HIS B 620 -30.69 11.50 -13.40
C HIS B 620 -30.60 12.00 -11.97
N ASN B 621 -29.42 11.86 -11.39
CA ASN B 621 -29.25 12.12 -9.97
C ASN B 621 -28.50 13.40 -9.67
N ALA B 622 -28.07 14.15 -10.69
CA ALA B 622 -27.65 15.53 -10.50
C ALA B 622 -27.97 16.30 -11.76
N PHE B 623 -28.21 17.59 -11.58
CA PHE B 623 -28.68 18.49 -12.61
C PHE B 623 -27.84 19.76 -12.55
N PRO B 624 -27.40 20.29 -13.69
CA PRO B 624 -26.70 21.57 -13.67
C PRO B 624 -27.63 22.73 -13.38
N VAL B 625 -27.15 23.67 -12.57
CA VAL B 625 -27.92 24.84 -12.19
C VAL B 625 -27.38 26.02 -12.99
N LEU B 626 -28.26 26.63 -13.77
CA LEU B 626 -27.88 27.66 -14.73
C LEU B 626 -28.51 29.00 -14.34
N ASP B 627 -28.27 29.99 -15.20
CA ASP B 627 -28.84 31.36 -15.19
C ASP B 627 -28.65 32.16 -13.91
N THR B 635 -26.79 31.52 -18.72
CA THR B 635 -25.66 32.38 -19.05
C THR B 635 -24.65 32.40 -17.91
N GLU B 636 -24.95 31.67 -16.84
CA GLU B 636 -24.00 31.50 -15.75
C GLU B 636 -24.25 30.13 -15.12
N LEU B 637 -23.27 29.24 -15.27
CA LEU B 637 -23.33 27.94 -14.61
C LEU B 637 -22.99 28.12 -13.14
N HIS B 638 -23.93 27.78 -12.27
CA HIS B 638 -23.66 27.87 -10.84
C HIS B 638 -23.00 26.61 -10.32
N GLY B 639 -23.56 25.45 -10.64
CA GLY B 639 -22.93 24.21 -10.28
C GLY B 639 -23.78 22.99 -10.57
N LEU B 640 -23.85 22.07 -9.62
CA LEU B 640 -24.64 20.85 -9.73
C LEU B 640 -25.46 20.67 -8.46
N ILE B 641 -26.77 20.82 -8.56
CA ILE B 641 -27.62 20.42 -7.44
C ILE B 641 -27.88 18.93 -7.59
N LEU B 642 -28.11 18.25 -6.48
CA LEU B 642 -28.38 16.82 -6.48
C LEU B 642 -29.87 16.56 -6.54
N ARG B 643 -30.22 15.31 -6.85
CA ARG B 643 -31.62 14.89 -6.85
C ARG B 643 -32.16 14.81 -5.44
N ALA B 644 -31.29 14.42 -4.49
CA ALA B 644 -31.66 14.27 -3.09
C ALA B 644 -31.97 15.60 -2.43
N HIS B 645 -31.28 16.67 -2.84
CA HIS B 645 -31.60 18.00 -2.36
C HIS B 645 -32.81 18.60 -3.04
N LEU B 646 -33.17 18.12 -4.24
CA LEU B 646 -34.39 18.56 -4.88
C LEU B 646 -35.61 17.92 -4.23
N VAL B 647 -35.51 16.65 -3.83
CA VAL B 647 -36.57 15.99 -3.08
C VAL B 647 -36.63 16.55 -1.65
N LYS B 648 -35.54 17.00 -1.11
CA LYS B 648 -35.53 17.61 0.17
C LYS B 648 -36.16 18.96 0.15
N VAL B 649 -35.94 19.83 -0.84
CA VAL B 649 -36.65 21.11 -0.88
C VAL B 649 -38.09 20.99 -1.35
N LEU B 650 -38.49 19.84 -1.91
CA LEU B 650 -39.91 19.64 -2.12
C LEU B 650 -40.60 19.13 -0.85
N LYS B 651 -39.89 18.34 -0.04
CA LYS B 651 -40.47 17.83 1.19
C LYS B 651 -40.45 18.87 2.31
N LYS B 652 -39.48 19.79 2.29
CA LYS B 652 -39.46 20.87 3.27
C LYS B 652 -40.52 21.93 2.96
N ARG B 653 -40.90 22.02 1.68
CA ARG B 653 -41.77 23.05 1.07
C ARG B 653 -41.23 24.45 1.35
N TRP B 654 -39.98 24.64 0.94
CA TRP B 654 -39.31 25.94 0.98
C TRP B 654 -39.63 26.64 -0.34
N PHE B 655 -40.85 27.16 -0.41
CA PHE B 655 -41.42 27.66 -1.66
C PHE B 655 -41.58 29.16 -1.57
N LEU B 656 -41.03 29.87 -2.55
CA LEU B 656 -41.07 31.32 -2.60
C LEU B 656 -42.11 31.76 -3.60
N ASN B 657 -42.78 32.87 -3.32
CA ASN B 657 -43.82 33.36 -4.22
C ASN B 657 -43.27 34.19 -5.36
N GLU B 658 -42.03 34.66 -5.26
CA GLU B 658 -41.40 35.46 -6.31
C GLU B 658 -40.03 34.89 -6.64
N LYS B 659 -39.51 35.27 -7.80
CA LYS B 659 -38.16 34.88 -8.22
C LYS B 659 -37.16 35.72 -7.45
N ARG B 660 -36.79 35.21 -6.26
CA ARG B 660 -35.93 35.92 -5.34
C ARG B 660 -34.79 35.00 -4.94
N ARG B 661 -33.56 35.48 -5.10
CA ARG B 661 -32.43 34.80 -4.49
C ARG B 661 -32.45 35.10 -2.99
N THR B 662 -32.55 34.04 -2.18
CA THR B 662 -32.67 34.19 -0.74
C THR B 662 -31.32 34.55 -0.13
N GLU B 663 -31.39 35.05 1.11
CA GLU B 663 -30.19 35.22 1.90
C GLU B 663 -29.86 33.92 2.62
N GLU B 664 -28.73 33.90 3.33
CA GLU B 664 -28.24 32.67 3.93
C GLU B 664 -28.71 32.51 5.38
N TRP B 665 -29.63 33.34 5.85
CA TRP B 665 -30.34 33.04 7.08
C TRP B 665 -31.64 32.29 6.83
N GLU B 666 -32.17 32.37 5.61
CA GLU B 666 -33.41 31.70 5.27
C GLU B 666 -33.25 30.22 5.00
N VAL B 667 -32.01 29.77 4.81
CA VAL B 667 -31.75 28.39 4.46
C VAL B 667 -31.37 27.59 5.69
N ARG B 668 -30.64 28.21 6.63
CA ARG B 668 -30.27 27.56 7.87
C ARG B 668 -31.44 27.45 8.83
N GLU B 669 -32.48 28.27 8.66
CA GLU B 669 -33.73 28.05 9.38
C GLU B 669 -34.47 26.84 8.84
N LYS B 670 -34.35 26.55 7.56
CA LYS B 670 -35.05 25.42 6.95
C LYS B 670 -34.22 24.15 6.93
N PHE B 671 -32.89 24.25 6.88
CA PHE B 671 -32.05 23.09 6.66
C PHE B 671 -30.89 23.08 7.65
N THR B 672 -30.88 22.07 8.52
CA THR B 672 -29.74 21.74 9.35
C THR B 672 -28.71 21.00 8.50
N PRO B 673 -27.44 20.93 8.93
CA PRO B 673 -26.49 20.01 8.27
C PRO B 673 -26.80 18.54 8.46
N VAL B 674 -27.54 18.16 9.50
CA VAL B 674 -28.03 16.79 9.62
C VAL B 674 -29.27 16.56 8.77
N GLU B 675 -29.94 17.62 8.31
CA GLU B 675 -31.11 17.45 7.46
C GLU B 675 -30.69 17.21 6.02
N LEU B 676 -29.57 17.82 5.61
CA LEU B 676 -29.10 17.68 4.24
C LEU B 676 -28.39 16.36 4.01
N ALA B 677 -27.80 15.77 5.05
CA ALA B 677 -27.06 14.53 4.89
C ALA B 677 -27.96 13.31 4.91
N GLU B 678 -29.18 13.43 5.44
CA GLU B 678 -30.10 12.31 5.50
C GLU B 678 -30.69 12.02 4.14
N ARG B 679 -30.71 10.76 3.73
CA ARG B 679 -31.29 10.37 2.46
C ARG B 679 -32.63 9.73 2.67
N GLU B 680 -33.25 10.03 3.79
CA GLU B 680 -34.52 9.44 4.18
C GLU B 680 -35.69 10.23 3.57
N ASP B 681 -35.62 10.38 2.24
CA ASP B 681 -36.66 11.02 1.48
C ASP B 681 -36.95 10.15 0.26
N ASN B 682 -38.23 9.99 -0.03
CA ASN B 682 -38.67 9.40 -1.28
C ASN B 682 -39.32 10.51 -2.08
N PHE B 683 -39.22 10.42 -3.40
CA PHE B 683 -39.92 11.42 -4.20
C PHE B 683 -41.40 11.09 -4.31
N ASP B 684 -41.75 9.80 -4.25
CA ASP B 684 -43.15 9.39 -4.43
C ASP B 684 -43.89 9.29 -3.08
N ASP B 685 -43.85 10.41 -2.33
CA ASP B 685 -44.82 10.69 -1.30
C ASP B 685 -45.29 12.14 -1.33
N VAL B 686 -44.61 13.02 -2.06
CA VAL B 686 -44.90 14.44 -2.02
C VAL B 686 -46.07 14.73 -2.94
N ALA B 687 -47.15 15.25 -2.37
CA ALA B 687 -48.32 15.67 -3.12
C ALA B 687 -48.24 17.19 -3.26
N ILE B 688 -47.55 17.63 -4.31
CA ILE B 688 -47.41 19.06 -4.57
C ILE B 688 -48.69 19.55 -5.22
N THR B 689 -49.36 20.49 -4.57
CA THR B 689 -50.57 21.10 -5.10
C THR B 689 -50.24 22.00 -6.28
N SER B 690 -51.18 22.13 -7.21
CA SER B 690 -50.96 22.92 -8.43
C SER B 690 -51.01 24.42 -8.19
N SER B 691 -51.52 24.88 -7.04
CA SER B 691 -51.25 26.24 -6.62
C SER B 691 -49.79 26.44 -6.24
N GLU B 692 -49.18 25.41 -5.63
CA GLU B 692 -47.78 25.48 -5.21
C GLU B 692 -46.81 25.19 -6.34
N MET B 693 -47.27 24.78 -7.52
CA MET B 693 -46.36 24.52 -8.63
C MET B 693 -45.93 25.78 -9.35
N GLN B 694 -46.62 26.89 -9.14
CA GLN B 694 -46.22 28.18 -9.69
C GLN B 694 -45.45 29.01 -8.68
N LEU B 695 -45.07 28.42 -7.55
CA LEU B 695 -44.16 29.04 -6.61
C LEU B 695 -42.72 28.74 -7.04
N TYR B 696 -41.75 29.25 -6.28
CA TYR B 696 -40.36 29.16 -6.69
C TYR B 696 -39.50 28.58 -5.59
N VAL B 697 -38.45 27.85 -5.97
CA VAL B 697 -37.46 27.35 -5.03
C VAL B 697 -36.10 27.93 -5.40
N ASP B 698 -35.42 28.52 -4.42
CA ASP B 698 -34.04 28.95 -4.58
C ASP B 698 -33.12 27.73 -4.51
N LEU B 699 -32.60 27.32 -5.66
CA LEU B 699 -31.70 26.16 -5.72
C LEU B 699 -30.23 26.56 -5.61
N HIS B 700 -29.96 27.86 -5.46
CA HIS B 700 -28.62 28.37 -5.15
C HIS B 700 -27.93 27.81 -3.89
N PRO B 701 -28.52 27.73 -2.68
CA PRO B 701 -27.70 27.35 -1.53
C PRO B 701 -27.48 25.86 -1.36
N LEU B 702 -28.12 25.05 -2.19
CA LEU B 702 -28.03 23.61 -2.15
C LEU B 702 -27.16 23.08 -3.28
N THR B 703 -26.70 23.99 -4.14
CA THR B 703 -25.87 23.62 -5.28
C THR B 703 -24.46 23.32 -4.81
N ASN B 704 -23.84 22.33 -5.44
CA ASN B 704 -22.40 22.15 -5.36
C ASN B 704 -21.81 23.17 -6.31
N THR B 705 -21.49 24.35 -5.78
CA THR B 705 -21.09 25.50 -6.59
C THR B 705 -19.68 25.40 -7.15
N THR B 706 -18.85 24.47 -6.66
CA THR B 706 -17.59 24.12 -7.28
C THR B 706 -17.59 22.65 -7.71
N PRO B 707 -18.19 22.31 -8.85
CA PRO B 707 -18.03 20.94 -9.35
C PRO B 707 -16.79 20.79 -10.22
N TYR B 708 -16.37 19.55 -10.40
CA TYR B 708 -15.26 19.28 -11.29
C TYR B 708 -15.75 19.33 -12.72
N THR B 709 -15.05 20.09 -13.54
CA THR B 709 -15.42 20.28 -14.94
C THR B 709 -14.31 19.79 -15.85
N VAL B 710 -14.70 19.39 -17.06
CA VAL B 710 -13.77 19.24 -18.16
C VAL B 710 -14.23 20.19 -19.27
N VAL B 711 -13.33 20.48 -20.19
CA VAL B 711 -13.67 21.26 -21.37
C VAL B 711 -14.27 20.31 -22.41
N GLN B 712 -14.82 20.89 -23.48
CA GLN B 712 -15.35 20.09 -24.58
C GLN B 712 -14.24 19.38 -25.35
N SER B 713 -13.06 20.00 -25.43
CA SER B 713 -11.91 19.44 -26.12
C SER B 713 -11.11 18.44 -25.29
N MET B 714 -11.54 18.12 -24.07
CA MET B 714 -10.85 17.15 -23.23
C MET B 714 -11.12 15.73 -23.72
N SER B 715 -10.09 14.88 -23.69
CA SER B 715 -10.25 13.50 -24.11
C SER B 715 -10.96 12.68 -23.05
N VAL B 716 -11.41 11.49 -23.46
CA VAL B 716 -12.12 10.58 -22.56
C VAL B 716 -11.14 9.88 -21.62
N ALA B 717 -9.88 9.75 -22.03
CA ALA B 717 -8.87 9.09 -21.19
C ALA B 717 -8.46 9.95 -20.01
N LYS B 718 -8.33 11.26 -20.23
CA LYS B 718 -7.99 12.16 -19.13
C LYS B 718 -9.21 12.47 -18.27
N ALA B 719 -10.42 12.40 -18.85
CA ALA B 719 -11.63 12.57 -18.07
C ALA B 719 -11.92 11.34 -17.21
N LEU B 720 -11.54 10.15 -17.66
CA LEU B 720 -11.66 8.94 -16.85
C LEU B 720 -10.68 8.96 -15.68
N VAL B 721 -9.49 9.51 -15.93
CA VAL B 721 -8.46 9.64 -14.90
C VAL B 721 -8.88 10.66 -13.85
N LEU B 722 -9.51 11.74 -14.20
CA LEU B 722 -10.05 12.64 -13.19
C LEU B 722 -11.31 12.08 -12.54
N PHE B 723 -12.09 11.30 -13.26
CA PHE B 723 -13.26 10.70 -12.62
C PHE B 723 -12.90 9.69 -11.55
N ARG B 724 -11.83 8.98 -11.74
CA ARG B 724 -11.50 7.97 -10.81
C ARG B 724 -10.41 8.35 -9.84
N SER B 725 -9.75 9.46 -9.99
CA SER B 725 -8.76 9.85 -8.99
C SER B 725 -9.36 10.67 -7.85
N VAL B 726 -10.26 11.60 -8.16
CA VAL B 726 -10.82 12.46 -7.12
C VAL B 726 -12.15 11.95 -6.60
N GLY B 727 -12.69 10.88 -7.19
CA GLY B 727 -13.90 10.27 -6.68
C GLY B 727 -15.15 11.00 -7.09
N LEU B 728 -15.42 11.04 -8.39
CA LEU B 728 -16.53 11.80 -8.93
C LEU B 728 -17.75 10.93 -9.18
N ARG B 729 -18.91 11.57 -9.17
CA ARG B 729 -20.14 10.97 -9.63
C ARG B 729 -20.69 11.67 -10.86
N HIS B 730 -20.53 12.99 -10.93
CA HIS B 730 -20.97 13.78 -12.06
C HIS B 730 -19.86 14.75 -12.42
N LEU B 731 -19.36 14.66 -13.64
CA LEU B 731 -18.33 15.55 -14.15
C LEU B 731 -18.97 16.40 -15.24
N LEU B 732 -18.97 17.71 -15.04
CA LEU B 732 -19.59 18.60 -16.01
C LEU B 732 -18.67 18.82 -17.21
N VAL B 733 -19.27 19.08 -18.36
CA VAL B 733 -18.52 19.44 -19.56
C VAL B 733 -18.89 20.86 -19.93
N VAL B 734 -17.93 21.76 -19.89
CA VAL B 734 -18.15 23.16 -20.23
C VAL B 734 -17.62 23.38 -21.65
N PRO B 735 -18.03 24.43 -22.36
CA PRO B 735 -17.36 24.76 -23.62
C PRO B 735 -15.95 25.28 -23.41
N LYS B 736 -15.18 25.24 -24.50
CA LYS B 736 -13.75 25.53 -24.47
C LYS B 736 -13.46 27.03 -24.34
N SER B 743 -25.27 28.90 -23.14
CA SER B 743 -25.07 27.53 -22.67
C SER B 743 -23.69 27.38 -22.02
N PRO B 744 -23.58 27.66 -20.71
CA PRO B 744 -22.30 27.47 -20.03
C PRO B 744 -21.98 26.03 -19.69
N VAL B 745 -22.97 25.14 -19.72
CA VAL B 745 -22.73 23.71 -19.71
C VAL B 745 -23.21 23.16 -21.04
N ILE B 746 -22.56 22.08 -21.50
CA ILE B 746 -22.95 21.44 -22.74
C ILE B 746 -23.08 19.95 -22.50
N GLY B 747 -22.59 19.48 -21.35
CA GLY B 747 -22.57 18.05 -21.12
C GLY B 747 -22.36 17.73 -19.66
N ILE B 748 -22.64 16.47 -19.32
CA ILE B 748 -22.39 15.94 -17.99
C ILE B 748 -22.00 14.47 -18.12
N LEU B 749 -20.84 14.12 -17.60
CA LEU B 749 -20.34 12.76 -17.67
C LEU B 749 -20.53 12.05 -16.33
N THR B 750 -20.99 10.81 -16.40
CA THR B 750 -21.13 9.95 -15.24
C THR B 750 -20.21 8.74 -15.42
N ARG B 751 -20.36 7.76 -14.53
CA ARG B 751 -19.58 6.53 -14.57
C ARG B 751 -19.93 5.67 -15.78
N GLN B 752 -21.20 5.71 -16.19
CA GLN B 752 -21.70 4.99 -17.36
C GLN B 752 -21.10 5.51 -18.66
N ASP B 753 -20.86 6.81 -18.75
CA ASP B 753 -20.27 7.39 -19.96
C ASP B 753 -18.78 7.13 -20.06
N LEU B 754 -18.11 6.82 -18.96
CA LEU B 754 -16.66 6.67 -18.98
C LEU B 754 -16.20 5.24 -18.81
N ARG B 755 -17.13 4.31 -18.66
CA ARG B 755 -16.80 2.90 -18.80
C ARG B 755 -16.61 2.58 -20.27
N ALA B 756 -15.59 1.76 -20.56
CA ALA B 756 -15.14 1.52 -21.93
C ALA B 756 -16.11 0.66 -22.75
N TYR B 757 -16.94 -0.14 -22.07
CA TYR B 757 -17.89 -0.99 -22.76
C TYR B 757 -19.05 -0.18 -23.33
N ASN B 758 -19.55 0.81 -22.59
CA ASN B 758 -20.62 1.66 -23.08
C ASN B 758 -20.14 2.67 -24.11
N ILE B 759 -18.84 2.99 -24.14
CA ILE B 759 -18.29 3.80 -25.21
C ILE B 759 -18.20 2.98 -26.49
N LEU B 760 -17.80 1.71 -26.38
CA LEU B 760 -17.70 0.84 -27.55
C LEU B 760 -19.05 0.36 -28.08
N GLN B 761 -20.15 0.54 -27.34
CA GLN B 761 -21.47 0.43 -27.95
C GLN B 761 -21.75 1.62 -28.87
N ALA B 762 -21.54 2.84 -28.36
CA ALA B 762 -21.85 4.04 -29.12
C ALA B 762 -20.79 4.36 -30.15
N PHE B 763 -19.58 3.83 -30.00
CA PHE B 763 -18.48 4.07 -30.94
C PHE B 763 -17.82 2.72 -31.21
N PRO B 764 -18.34 1.95 -32.19
CA PRO B 764 -17.72 0.65 -32.49
C PRO B 764 -16.44 0.76 -33.31
N HIS B 765 -16.16 1.91 -33.92
CA HIS B 765 -14.99 2.05 -34.78
C HIS B 765 -13.70 2.22 -33.99
N LEU B 766 -13.78 2.52 -32.71
CA LEU B 766 -12.59 2.55 -31.86
C LEU B 766 -12.13 1.13 -31.53
N ASP B 767 -10.91 1.03 -31.03
CA ASP B 767 -10.32 -0.27 -30.75
C ASP B 767 -10.88 -0.90 -29.48
#